data_7ZGZ
#
_entry.id   7ZGZ
#
_cell.length_a   178.580
_cell.length_b   97.210
_cell.length_c   99.870
_cell.angle_alpha   90.000
_cell.angle_beta   90.000
_cell.angle_gamma   90.000
#
_symmetry.space_group_name_H-M   'P 21 21 2'
#
loop_
_entity.id
_entity.type
_entity.pdbx_description
1 polymer Beta-xylosidase
2 non-polymer beta-D-xylopyranose
3 non-polymer (4S)-2-METHYL-2,4-PENTANEDIOL
4 water water
#
_entity_poly.entity_id   1
_entity_poly.type   'polypeptide(L)'
_entity_poly.pdbx_seq_one_letter_code
;MELYRDPSQPIEVRVRDLLSRMTLEEKVAQLGSVWGYELIDERGKFSREKAKELLKNGIGQITRPGGSTNLEPQEAAELV
NEIQRFLVEETRLGIPAMIHEECLTGYMGLGGTNFPQAIAMASTWDPDLIEKMTTAVREDMRKIGAHQGLAPVLDVARDP
RWGRTEETFGESPYLVARMGVSYVKGLQGEDIKKGVVATVKHFAGYSASEGGKNWAPTNIPEREFKEVFLFPFEAAVKEA
NVLSVMNSYSEIDGVPCAANRKLLTDILRKDWGFEGIVVSDYFAVKVLEDYHRIARDKSEAARLALEAGIDVELPKTECY
QYLKDLVEKGIISEALIDEAVTRVLRLKFMLGLFENPYVEVEKAKIESHRDIALEIARKSIILLKNDGILPLQKNKKVAL
IGPNAGEVRNLLGDYMYLAHIRALLDNIDDVFGNPQIPRENYERLKKSIEEHMKSIPSVLDAFKEEGIEFEYAKGCEVTG
EDRSGFEEAIEIAKKSDVAIVVVGDKSGLTLDCTTGESRDMANLKLPGVQEELVLEVAKTGKPVVLVLITGRPYSLKNVV
DKVNAILQVWLPGEAGGRAIVDIIYGKVNPSGKLPISFPRSAGQIPVFHYVKPSGGRSHWHGDYVDESTKPLFPFGHGLS
YTKFEYSNLRIEPKEVPPAGEVVIKVDVENIGDRDGDEVVQLYIGREFASVTRPVKELKGFKRVSLKAKEKKTVVFRLHM
DVLAYYNRDMKLVVEPGEFKVMVGSSSEDIRLTGSFSVVGEKREVVGMRKFFTEACEEAAALEENLYFQGAHHHHHHHHH
H
;
_entity_poly.pdbx_strand_id   X,Y
#
loop_
_chem_comp.id
_chem_comp.type
_chem_comp.name
_chem_comp.formula
MPD non-polymer (4S)-2-METHYL-2,4-PENTANEDIOL 'C6 H14 O2'
XYP D-saccharide, beta linking beta-D-xylopyranose 'C5 H10 O5'
#
# COMPACT_ATOMS: atom_id res chain seq x y z
N MET A 1 37.03 -11.92 47.14
CA MET A 1 35.74 -11.63 46.45
C MET A 1 35.98 -10.68 45.26
N GLU A 2 35.88 -11.18 44.05
CA GLU A 2 35.93 -10.36 42.81
C GLU A 2 34.86 -9.27 42.90
N LEU A 3 35.16 -8.07 42.39
CA LEU A 3 34.22 -6.91 42.35
C LEU A 3 32.85 -7.32 41.76
N TYR A 4 32.82 -8.17 40.73
CA TYR A 4 31.53 -8.50 40.05
C TYR A 4 30.63 -9.28 41.01
N ARG A 5 31.19 -9.99 41.99
CA ARG A 5 30.40 -10.79 42.95
C ARG A 5 29.95 -9.93 44.14
N ASP A 6 30.40 -8.69 44.23
CA ASP A 6 30.21 -7.84 45.44
C ASP A 6 28.97 -6.98 45.25
N PRO A 7 27.88 -7.25 45.99
CA PRO A 7 26.62 -6.53 45.82
C PRO A 7 26.60 -5.05 46.27
N SER A 8 27.64 -4.57 46.95
CA SER A 8 27.80 -3.15 47.37
C SER A 8 28.36 -2.29 46.23
N GLN A 9 28.96 -2.90 45.20
CA GLN A 9 29.57 -2.15 44.07
C GLN A 9 28.46 -1.71 43.12
N PRO A 10 28.54 -0.50 42.54
CA PRO A 10 27.59 -0.09 41.50
C PRO A 10 27.63 -1.06 40.32
N ILE A 11 26.49 -1.20 39.65
CA ILE A 11 26.33 -2.18 38.54
C ILE A 11 27.41 -1.92 37.48
N GLU A 12 27.72 -0.66 37.15
CA GLU A 12 28.70 -0.37 36.06
C GLU A 12 30.06 -0.95 36.43
N VAL A 13 30.45 -0.87 37.70
CA VAL A 13 31.73 -1.44 38.24
C VAL A 13 31.69 -2.98 38.12
N ARG A 14 30.58 -3.61 38.49
CA ARG A 14 30.44 -5.09 38.44
C ARG A 14 30.52 -5.54 36.98
N VAL A 15 29.82 -4.84 36.08
CA VAL A 15 29.83 -5.14 34.62
C VAL A 15 31.26 -5.05 34.07
N ARG A 16 31.97 -3.95 34.32
CA ARG A 16 33.35 -3.74 33.80
C ARG A 16 34.25 -4.84 34.35
N ASP A 17 34.10 -5.17 35.64
CA ASP A 17 34.96 -6.17 36.30
C ASP A 17 34.74 -7.52 35.63
N LEU A 18 33.47 -7.95 35.52
CA LEU A 18 33.10 -9.24 34.88
C LEU A 18 33.60 -9.26 33.43
N LEU A 19 33.30 -8.24 32.62
CA LEU A 19 33.74 -8.18 31.20
C LEU A 19 35.26 -8.40 31.10
N SER A 20 36.05 -7.70 31.92
CA SER A 20 37.54 -7.79 31.88
C SER A 20 38.01 -9.21 32.18
N ARG A 21 37.21 -10.03 32.86
CA ARG A 21 37.64 -11.40 33.27
C ARG A 21 37.28 -12.43 32.19
N MET A 22 36.48 -12.07 31.19
CA MET A 22 35.83 -13.06 30.29
C MET A 22 36.74 -13.34 29.09
N THR A 23 36.81 -14.59 28.67
CA THR A 23 37.40 -14.98 27.37
C THR A 23 36.42 -14.57 26.25
N LEU A 24 36.90 -14.58 25.03
CA LEU A 24 36.10 -14.29 23.82
C LEU A 24 34.95 -15.29 23.72
N GLU A 25 35.22 -16.56 24.05
CA GLU A 25 34.22 -17.66 24.03
C GLU A 25 33.08 -17.37 25.01
N GLU A 26 33.41 -16.90 26.23
CA GLU A 26 32.41 -16.63 27.28
C GLU A 26 31.57 -15.42 26.85
N LYS A 27 32.18 -14.45 26.17
CA LYS A 27 31.51 -13.19 25.76
C LYS A 27 30.45 -13.58 24.73
N VAL A 28 30.83 -14.37 23.73
CA VAL A 28 29.94 -14.72 22.60
C VAL A 28 28.80 -15.59 23.12
N ALA A 29 29.02 -16.45 24.12
CA ALA A 29 27.96 -17.29 24.74
C ALA A 29 26.87 -16.41 25.36
N GLN A 30 27.21 -15.25 25.92
CA GLN A 30 26.21 -14.34 26.57
C GLN A 30 25.32 -13.68 25.51
N LEU A 31 25.70 -13.76 24.24
CA LEU A 31 24.92 -13.19 23.13
C LEU A 31 24.05 -14.28 22.49
N GLY A 32 24.09 -15.50 23.03
CA GLY A 32 23.34 -16.65 22.51
C GLY A 32 22.27 -17.18 23.45
N SER A 33 21.68 -18.29 23.05
CA SER A 33 20.50 -18.90 23.73
C SER A 33 20.45 -20.40 23.44
N VAL A 34 19.65 -21.09 24.25
CA VAL A 34 19.34 -22.54 24.15
C VAL A 34 17.85 -22.72 24.50
N TRP A 35 17.16 -23.59 23.77
CA TRP A 35 15.77 -24.04 24.06
C TRP A 35 15.74 -24.80 25.40
N GLY A 36 14.74 -24.52 26.25
CA GLY A 36 14.45 -25.33 27.43
C GLY A 36 14.42 -26.82 27.11
N TYR A 37 13.79 -27.21 26.00
CA TYR A 37 13.57 -28.63 25.64
C TYR A 37 14.90 -29.32 25.33
N GLU A 38 15.99 -28.58 25.03
CA GLU A 38 17.33 -29.16 24.72
C GLU A 38 18.06 -29.55 26.01
N LEU A 39 17.54 -29.20 27.19
CA LEU A 39 18.21 -29.38 28.50
C LEU A 39 17.40 -30.33 29.40
N ILE A 40 16.41 -31.03 28.88
CA ILE A 40 15.61 -32.03 29.68
C ILE A 40 15.82 -33.43 29.11
N ASP A 41 15.70 -34.44 29.97
CA ASP A 41 15.57 -35.88 29.59
C ASP A 41 14.08 -36.15 29.25
N GLU A 42 13.73 -37.39 28.91
CA GLU A 42 12.34 -37.78 28.52
C GLU A 42 11.45 -37.82 29.77
N ARG A 43 12.00 -37.74 30.99
CA ARG A 43 11.20 -37.64 32.25
C ARG A 43 10.89 -36.17 32.55
N GLY A 44 11.34 -35.23 31.69
CA GLY A 44 11.09 -33.78 31.84
C GLY A 44 11.97 -33.17 32.92
N LYS A 45 13.09 -33.82 33.26
CA LYS A 45 14.04 -33.38 34.31
C LYS A 45 15.29 -32.80 33.65
N PHE A 46 15.93 -31.85 34.32
CA PHE A 46 17.21 -31.24 33.87
C PHE A 46 18.21 -32.36 33.60
N SER A 47 18.85 -32.34 32.43
CA SER A 47 19.89 -33.30 31.99
C SER A 47 21.27 -32.62 32.04
N ARG A 48 22.05 -32.91 33.09
CA ARG A 48 23.47 -32.48 33.23
C ARG A 48 24.24 -32.83 31.95
N GLU A 49 23.98 -34.02 31.39
CA GLU A 49 24.68 -34.52 30.18
C GLU A 49 24.59 -33.46 29.07
N LYS A 50 23.36 -32.99 28.78
CA LYS A 50 23.07 -32.02 27.70
C LYS A 50 23.65 -30.65 28.04
N ALA A 51 23.53 -30.22 29.30
CA ALA A 51 24.06 -28.94 29.84
C ALA A 51 25.59 -28.86 29.70
N LYS A 52 26.31 -29.98 29.85
CA LYS A 52 27.80 -30.00 29.75
C LYS A 52 28.22 -29.54 28.34
N GLU A 53 27.47 -29.89 27.29
CA GLU A 53 27.78 -29.50 25.88
C GLU A 53 27.33 -28.05 25.67
N LEU A 54 26.09 -27.73 26.00
CA LEU A 54 25.40 -26.48 25.54
C LEU A 54 25.71 -25.31 26.50
N LEU A 55 25.94 -25.57 27.79
CA LEU A 55 26.11 -24.48 28.82
C LEU A 55 27.55 -24.38 29.33
N LYS A 56 28.51 -25.13 28.76
CA LYS A 56 29.90 -25.24 29.31
C LYS A 56 30.51 -23.85 29.49
N ASN A 57 30.24 -22.91 28.56
CA ASN A 57 30.83 -21.55 28.53
C ASN A 57 29.82 -20.49 28.99
N GLY A 58 28.75 -20.93 29.65
CA GLY A 58 27.64 -20.05 30.08
C GLY A 58 26.69 -19.80 28.90
N ILE A 59 25.69 -18.93 29.11
CA ILE A 59 24.68 -18.67 28.06
C ILE A 59 23.98 -17.35 28.38
N GLY A 60 23.57 -16.65 27.33
CA GLY A 60 22.72 -15.45 27.45
C GLY A 60 21.37 -15.81 28.03
N GLN A 61 20.55 -16.54 27.28
CA GLN A 61 19.14 -16.80 27.63
C GLN A 61 18.81 -18.27 27.45
N ILE A 62 17.88 -18.75 28.28
CA ILE A 62 17.13 -20.01 28.03
C ILE A 62 15.81 -19.61 27.38
N THR A 63 15.49 -20.17 26.22
CA THR A 63 14.24 -19.91 25.48
C THR A 63 13.14 -20.85 25.98
N ARG A 64 12.07 -20.29 26.58
CA ARG A 64 10.78 -20.97 26.87
C ARG A 64 11.02 -22.27 27.65
N PRO A 65 11.66 -22.24 28.84
CA PRO A 65 11.80 -23.45 29.66
C PRO A 65 10.43 -24.06 30.06
N GLY A 66 9.40 -23.22 30.22
CA GLY A 66 8.00 -23.64 30.38
C GLY A 66 7.32 -23.91 29.03
N GLY A 67 7.36 -22.93 28.13
CA GLY A 67 6.61 -22.93 26.87
C GLY A 67 7.00 -24.03 25.87
N SER A 68 8.22 -24.56 25.93
CA SER A 68 8.75 -25.54 24.95
C SER A 68 8.87 -26.95 25.56
N THR A 69 8.54 -27.14 26.83
CA THR A 69 8.74 -28.42 27.57
C THR A 69 7.40 -29.09 27.90
N ASN A 70 6.29 -28.34 27.86
CA ASN A 70 4.96 -28.82 28.32
C ASN A 70 5.07 -29.20 29.80
N LEU A 71 5.89 -28.51 30.58
CA LEU A 71 6.03 -28.77 32.02
C LEU A 71 5.02 -27.88 32.77
N GLU A 72 4.51 -28.40 33.88
CA GLU A 72 3.62 -27.64 34.80
C GLU A 72 4.50 -26.62 35.52
N PRO A 73 3.91 -25.53 36.05
CA PRO A 73 4.68 -24.47 36.67
C PRO A 73 5.79 -24.92 37.63
N GLN A 74 5.50 -25.85 38.56
CA GLN A 74 6.48 -26.26 39.59
C GLN A 74 7.59 -27.08 38.94
N GLU A 75 7.26 -27.86 37.92
CA GLU A 75 8.25 -28.68 37.20
C GLU A 75 9.15 -27.71 36.40
N ALA A 76 8.58 -26.64 35.82
CA ALA A 76 9.33 -25.64 35.02
C ALA A 76 10.30 -24.93 35.95
N ALA A 77 9.81 -24.51 37.12
CA ALA A 77 10.60 -23.82 38.16
C ALA A 77 11.78 -24.69 38.58
N GLU A 78 11.56 -26.00 38.69
CA GLU A 78 12.60 -26.98 39.12
C GLU A 78 13.65 -27.06 38.01
N LEU A 79 13.21 -27.13 36.75
CA LEU A 79 14.14 -27.17 35.59
C LEU A 79 15.00 -25.89 35.60
N VAL A 80 14.40 -24.73 35.79
CA VAL A 80 15.11 -23.42 35.76
C VAL A 80 16.11 -23.36 36.93
N ASN A 81 15.70 -23.74 38.15
CA ASN A 81 16.61 -23.81 39.32
C ASN A 81 17.84 -24.66 38.99
N GLU A 82 17.66 -25.80 38.33
CA GLU A 82 18.76 -26.74 37.97
C GLU A 82 19.67 -26.14 36.89
N ILE A 83 19.08 -25.48 35.89
CA ILE A 83 19.85 -24.77 34.82
C ILE A 83 20.75 -23.74 35.53
N GLN A 84 20.15 -22.95 36.41
CA GLN A 84 20.85 -21.84 37.10
C GLN A 84 21.95 -22.43 37.98
N ARG A 85 21.66 -23.48 38.76
CA ARG A 85 22.67 -24.11 39.64
C ARG A 85 23.84 -24.58 38.75
N PHE A 86 23.58 -25.21 37.61
CA PHE A 86 24.68 -25.65 36.71
C PHE A 86 25.50 -24.42 36.34
N LEU A 87 24.87 -23.32 35.92
CA LEU A 87 25.60 -22.12 35.44
C LEU A 87 26.38 -21.51 36.60
N VAL A 88 25.74 -21.31 37.74
CA VAL A 88 26.35 -20.62 38.91
C VAL A 88 27.51 -21.46 39.45
N GLU A 89 27.40 -22.79 39.44
CA GLU A 89 28.34 -23.67 40.21
C GLU A 89 29.28 -24.44 39.29
N GLU A 90 28.94 -24.68 38.02
CA GLU A 90 29.78 -25.56 37.15
C GLU A 90 30.33 -24.83 35.92
N THR A 91 30.19 -23.51 35.82
CA THR A 91 30.92 -22.71 34.79
C THR A 91 32.01 -21.91 35.50
N ARG A 92 33.11 -21.62 34.80
CA ARG A 92 34.26 -20.82 35.31
C ARG A 92 33.76 -19.56 36.04
N LEU A 93 32.92 -18.72 35.41
CA LEU A 93 32.58 -17.39 35.96
C LEU A 93 31.21 -17.41 36.68
N GLY A 94 30.39 -18.45 36.49
CA GLY A 94 29.10 -18.61 37.21
C GLY A 94 28.11 -17.52 36.84
N ILE A 95 28.05 -17.12 35.56
CA ILE A 95 27.06 -16.11 35.11
C ILE A 95 25.71 -16.81 34.99
N PRO A 96 24.66 -16.36 35.68
CA PRO A 96 23.33 -16.96 35.51
C PRO A 96 22.70 -16.64 34.12
N ALA A 97 21.68 -17.41 33.74
CA ALA A 97 20.88 -17.22 32.52
C ALA A 97 19.75 -16.22 32.80
N MET A 98 19.39 -15.44 31.79
CA MET A 98 18.05 -14.81 31.69
C MET A 98 17.13 -15.83 31.03
N ILE A 99 15.90 -15.96 31.53
CA ILE A 99 14.85 -16.86 30.96
C ILE A 99 13.80 -15.98 30.29
N HIS A 100 13.41 -16.29 29.06
CA HIS A 100 12.24 -15.64 28.42
C HIS A 100 11.16 -16.68 28.16
N GLU A 101 9.91 -16.21 28.19
CA GLU A 101 8.69 -16.92 27.78
C GLU A 101 7.88 -15.99 26.86
N GLU A 102 6.97 -16.52 26.07
CA GLU A 102 5.85 -15.72 25.49
C GLU A 102 4.89 -15.40 26.63
N CYS A 103 4.24 -14.24 26.61
CA CYS A 103 3.27 -13.85 27.66
C CYS A 103 2.26 -12.83 27.16
N LEU A 104 2.13 -12.62 25.84
CA LEU A 104 1.22 -11.60 25.25
C LEU A 104 -0.16 -11.68 25.93
N THR A 105 -0.80 -12.86 25.92
CA THR A 105 -2.15 -13.12 26.48
C THR A 105 -1.98 -13.91 27.78
N GLY A 106 -0.88 -13.67 28.49
CA GLY A 106 -0.52 -14.37 29.73
C GLY A 106 0.61 -15.34 29.48
N TYR A 107 1.36 -15.69 30.52
CA TYR A 107 2.42 -16.72 30.44
C TYR A 107 1.93 -17.82 29.50
N MET A 108 2.67 -18.09 28.42
CA MET A 108 2.29 -19.12 27.43
C MET A 108 2.92 -20.45 27.83
N GLY A 109 2.28 -21.14 28.78
CA GLY A 109 2.63 -22.48 29.28
C GLY A 109 1.49 -23.09 30.09
N LEU A 110 1.58 -24.37 30.45
CA LEU A 110 0.58 -25.06 31.30
C LEU A 110 0.41 -24.28 32.61
N GLY A 111 -0.84 -24.13 33.07
CA GLY A 111 -1.16 -23.56 34.39
C GLY A 111 -1.38 -22.07 34.34
N GLY A 112 -1.21 -21.43 33.18
CA GLY A 112 -1.32 -19.97 33.03
C GLY A 112 -2.65 -19.58 32.43
N THR A 113 -3.31 -18.58 33.02
CA THR A 113 -4.59 -18.00 32.55
C THR A 113 -4.47 -17.54 31.08
N ASN A 114 -5.44 -17.90 30.25
CA ASN A 114 -5.58 -17.39 28.87
C ASN A 114 -6.41 -16.10 28.89
N PHE A 115 -5.75 -14.95 28.88
CA PHE A 115 -6.43 -13.64 28.83
C PHE A 115 -6.94 -13.41 27.42
N PRO A 116 -7.94 -12.53 27.19
CA PRO A 116 -8.33 -12.15 25.84
C PRO A 116 -7.16 -11.62 24.98
N GLN A 117 -7.24 -11.76 23.66
CA GLN A 117 -6.16 -11.30 22.75
C GLN A 117 -5.95 -9.78 22.87
N ALA A 118 -4.78 -9.32 22.43
CA ALA A 118 -4.33 -7.91 22.47
C ALA A 118 -5.38 -7.01 21.81
N ILE A 119 -5.98 -7.44 20.70
CA ILE A 119 -6.97 -6.59 19.99
C ILE A 119 -8.21 -6.44 20.90
N ALA A 120 -8.48 -7.42 21.77
CA ALA A 120 -9.56 -7.36 22.77
C ALA A 120 -9.14 -6.38 23.85
N MET A 121 -7.94 -6.57 24.41
CA MET A 121 -7.35 -5.59 25.38
C MET A 121 -7.55 -4.15 24.87
N ALA A 122 -7.18 -3.87 23.61
CA ALA A 122 -7.32 -2.52 23.02
C ALA A 122 -8.78 -2.07 23.01
N SER A 123 -9.70 -3.00 22.74
CA SER A 123 -11.14 -2.72 22.60
C SER A 123 -11.74 -2.29 23.96
N THR A 124 -11.05 -2.53 25.08
CA THR A 124 -11.48 -2.06 26.42
C THR A 124 -11.24 -0.56 26.54
N TRP A 125 -10.27 -0.01 25.81
CA TRP A 125 -9.87 1.42 25.98
C TRP A 125 -9.65 1.68 27.47
N ASP A 126 -9.11 0.71 28.20
CA ASP A 126 -8.91 0.74 29.66
C ASP A 126 -7.46 0.39 29.99
N PRO A 127 -6.53 1.36 29.85
CA PRO A 127 -5.11 1.11 30.09
C PRO A 127 -4.78 0.61 31.49
N ASP A 128 -5.41 1.18 32.52
CA ASP A 128 -5.26 0.75 33.93
C ASP A 128 -5.55 -0.75 34.07
N LEU A 129 -6.55 -1.27 33.35
CA LEU A 129 -6.97 -2.69 33.45
C LEU A 129 -5.91 -3.58 32.80
N ILE A 130 -5.31 -3.12 31.68
CA ILE A 130 -4.21 -3.87 31.01
C ILE A 130 -2.98 -3.87 31.93
N GLU A 131 -2.70 -2.79 32.64
CA GLU A 131 -1.58 -2.73 33.62
C GLU A 131 -1.84 -3.73 34.76
N LYS A 132 -3.07 -3.82 35.25
CA LYS A 132 -3.48 -4.78 36.32
C LYS A 132 -3.20 -6.20 35.82
N MET A 133 -3.61 -6.48 34.59
CA MET A 133 -3.36 -7.79 33.91
C MET A 133 -1.86 -8.13 33.92
N THR A 134 -0.98 -7.24 33.43
CA THR A 134 0.46 -7.59 33.23
C THR A 134 1.19 -7.57 34.57
N THR A 135 0.68 -6.85 35.56
CA THR A 135 1.13 -6.99 36.99
C THR A 135 0.88 -8.42 37.48
N ALA A 136 -0.27 -9.03 37.13
CA ALA A 136 -0.57 -10.42 37.49
C ALA A 136 0.35 -11.36 36.69
N VAL A 137 0.54 -11.09 35.39
CA VAL A 137 1.43 -11.93 34.54
C VAL A 137 2.86 -11.88 35.11
N ARG A 138 3.33 -10.70 35.54
CA ARG A 138 4.65 -10.53 36.19
C ARG A 138 4.84 -11.54 37.34
N GLU A 139 3.89 -11.60 38.28
CA GLU A 139 3.96 -12.54 39.44
C GLU A 139 4.00 -13.97 38.93
N ASP A 140 3.15 -14.32 37.95
CA ASP A 140 3.12 -15.68 37.34
C ASP A 140 4.53 -16.03 36.81
N MET A 141 5.17 -15.10 36.09
CA MET A 141 6.47 -15.37 35.41
C MET A 141 7.59 -15.49 36.45
N ARG A 142 7.63 -14.58 37.43
CA ARG A 142 8.70 -14.62 38.48
C ARG A 142 8.61 -15.90 39.31
N LYS A 143 7.41 -16.48 39.49
CA LYS A 143 7.24 -17.76 40.25
C LYS A 143 8.02 -18.89 39.59
N ILE A 144 8.09 -18.92 38.25
CA ILE A 144 8.71 -20.07 37.51
C ILE A 144 10.13 -19.72 37.08
N GLY A 145 10.66 -18.60 37.56
CA GLY A 145 12.05 -18.13 37.33
C GLY A 145 12.24 -17.46 35.98
N ALA A 146 11.17 -16.91 35.39
CA ALA A 146 11.20 -16.27 34.06
C ALA A 146 11.38 -14.76 34.24
N HIS A 147 12.30 -14.16 33.47
CA HIS A 147 12.73 -12.75 33.67
C HIS A 147 12.23 -11.82 32.54
N GLN A 148 11.83 -12.39 31.41
CA GLN A 148 11.52 -11.58 30.20
C GLN A 148 10.31 -12.20 29.48
N GLY A 149 9.34 -11.36 29.16
CA GLY A 149 8.16 -11.73 28.36
C GLY A 149 8.23 -11.07 27.01
N LEU A 150 8.02 -11.82 25.93
CA LEU A 150 8.10 -11.31 24.53
C LEU A 150 6.77 -10.62 24.22
N ALA A 151 6.70 -9.38 24.72
CA ALA A 151 5.64 -8.69 25.48
C ALA A 151 4.62 -8.08 24.57
N PRO A 152 4.49 -6.73 24.59
CA PRO A 152 3.43 -6.07 23.85
C PRO A 152 3.93 -6.01 22.40
N VAL A 153 3.05 -6.36 21.48
CA VAL A 153 3.13 -6.03 20.04
C VAL A 153 2.67 -4.59 19.89
N LEU A 154 3.54 -3.70 19.42
CA LEU A 154 3.23 -2.26 19.21
C LEU A 154 3.10 -1.94 17.72
N ASP A 155 3.03 -2.98 16.89
CA ASP A 155 2.76 -2.87 15.44
C ASP A 155 1.40 -2.20 15.27
N VAL A 156 1.34 -1.10 14.50
CA VAL A 156 0.05 -0.41 14.20
C VAL A 156 -0.55 -1.08 12.96
N ALA A 157 -1.75 -1.65 13.11
CA ALA A 157 -2.46 -2.47 12.09
C ALA A 157 -3.52 -1.62 11.38
N ARG A 158 -3.37 -1.47 10.07
CA ARG A 158 -4.40 -0.90 9.16
C ARG A 158 -4.70 -1.86 8.01
N ASP A 159 -4.20 -3.09 8.07
CA ASP A 159 -4.40 -4.10 7.01
C ASP A 159 -4.94 -5.39 7.64
N PRO A 160 -6.28 -5.53 7.76
CA PRO A 160 -6.86 -6.69 8.41
C PRO A 160 -6.66 -8.02 7.67
N ARG A 161 -6.13 -8.01 6.45
CA ARG A 161 -5.70 -9.26 5.75
C ARG A 161 -4.65 -9.98 6.60
N TRP A 162 -3.81 -9.20 7.31
CA TRP A 162 -2.65 -9.71 8.06
C TRP A 162 -3.12 -10.61 9.21
N GLY A 163 -2.59 -11.83 9.25
CA GLY A 163 -2.95 -12.85 10.25
C GLY A 163 -2.61 -12.46 11.68
N ARG A 164 -1.73 -11.48 11.89
CA ARG A 164 -1.33 -11.09 13.27
C ARG A 164 -2.08 -9.84 13.74
N THR A 165 -3.11 -9.39 13.00
CA THR A 165 -3.97 -8.27 13.46
C THR A 165 -4.37 -8.49 14.95
N GLU A 166 -4.73 -9.72 15.30
CA GLU A 166 -5.28 -10.08 16.65
C GLU A 166 -4.26 -9.76 17.75
N GLU A 167 -2.97 -9.72 17.41
CA GLU A 167 -1.86 -9.50 18.38
C GLU A 167 -1.58 -8.00 18.58
N THR A 168 -2.21 -7.12 17.80
CA THR A 168 -1.96 -5.67 17.86
C THR A 168 -3.03 -4.99 18.70
N PHE A 169 -2.80 -3.71 19.02
CA PHE A 169 -3.79 -2.81 19.67
C PHE A 169 -4.55 -2.00 18.61
N GLY A 170 -4.45 -2.36 17.33
CA GLY A 170 -5.27 -1.74 16.27
C GLY A 170 -4.55 -0.66 15.45
N GLU A 171 -5.31 0.29 14.90
CA GLU A 171 -4.87 1.21 13.82
C GLU A 171 -4.30 2.52 14.36
N SER A 172 -4.54 2.85 15.64
CA SER A 172 -4.31 4.21 16.18
C SER A 172 -2.97 4.23 16.90
N PRO A 173 -1.98 5.03 16.41
CA PRO A 173 -0.71 5.21 17.09
C PRO A 173 -0.88 5.67 18.54
N TYR A 174 -1.82 6.58 18.78
CA TYR A 174 -2.17 7.06 20.13
C TYR A 174 -2.66 5.91 21.02
N LEU A 175 -3.70 5.17 20.60
CA LEU A 175 -4.28 4.09 21.42
C LEU A 175 -3.23 2.99 21.59
N VAL A 176 -2.52 2.63 20.51
CA VAL A 176 -1.46 1.59 20.60
C VAL A 176 -0.41 2.03 21.63
N ALA A 177 0.05 3.29 21.56
CA ALA A 177 1.12 3.79 22.45
C ALA A 177 0.60 3.75 23.92
N ARG A 178 -0.62 4.19 24.12
CA ARG A 178 -1.24 4.33 25.49
C ARG A 178 -1.41 2.94 26.10
N MET A 179 -1.89 1.95 25.34
CA MET A 179 -2.03 0.56 25.84
C MET A 179 -0.64 -0.07 26.05
N GLY A 180 0.30 0.19 25.13
CA GLY A 180 1.67 -0.37 25.18
C GLY A 180 2.38 0.05 26.46
N VAL A 181 2.27 1.31 26.86
CA VAL A 181 2.96 1.87 28.05
C VAL A 181 2.37 1.25 29.32
N SER A 182 1.04 1.08 29.39
CA SER A 182 0.35 0.44 30.54
C SER A 182 0.77 -1.04 30.60
N TYR A 183 0.82 -1.71 29.46
CA TYR A 183 1.24 -3.12 29.35
C TYR A 183 2.66 -3.29 29.91
N VAL A 184 3.59 -2.46 29.42
CA VAL A 184 5.03 -2.49 29.83
C VAL A 184 5.14 -2.17 31.34
N LYS A 185 4.45 -1.14 31.81
CA LYS A 185 4.53 -0.69 33.22
C LYS A 185 4.09 -1.86 34.13
N GLY A 186 3.01 -2.56 33.81
CA GLY A 186 2.55 -3.70 34.63
C GLY A 186 3.58 -4.81 34.67
N LEU A 187 4.18 -5.14 33.52
CA LEU A 187 5.14 -6.28 33.42
C LEU A 187 6.42 -5.93 34.19
N GLN A 188 6.93 -4.71 34.02
CA GLN A 188 8.21 -4.26 34.63
C GLN A 188 7.84 -3.64 35.99
N GLY A 189 8.69 -3.73 36.98
CA GLY A 189 8.38 -3.01 38.24
C GLY A 189 8.52 -1.50 38.05
N GLU A 190 8.52 -0.73 39.13
CA GLU A 190 9.47 0.41 39.29
C GLU A 190 10.90 -0.17 39.25
N ASP A 191 11.12 -1.31 39.93
CA ASP A 191 12.45 -1.95 40.10
C ASP A 191 12.44 -3.34 39.46
N ILE A 192 13.19 -3.50 38.38
CA ILE A 192 13.10 -4.71 37.51
C ILE A 192 13.59 -5.96 38.26
N LYS A 193 14.32 -5.82 39.36
CA LYS A 193 14.71 -7.00 40.18
C LYS A 193 13.44 -7.70 40.71
N LYS A 194 12.31 -7.00 40.85
CA LYS A 194 11.02 -7.56 41.33
C LYS A 194 10.00 -7.68 40.18
N GLY A 195 10.46 -7.58 38.93
CA GLY A 195 9.59 -7.45 37.76
C GLY A 195 10.03 -8.34 36.62
N VAL A 196 9.45 -8.10 35.46
CA VAL A 196 9.72 -8.89 34.23
C VAL A 196 10.01 -7.89 33.12
N VAL A 197 11.08 -8.13 32.38
CA VAL A 197 11.50 -7.31 31.20
C VAL A 197 10.41 -7.45 30.15
N ALA A 198 9.80 -6.35 29.73
CA ALA A 198 8.89 -6.30 28.57
C ALA A 198 9.74 -6.23 27.29
N THR A 199 9.26 -6.85 26.21
CA THR A 199 9.88 -6.83 24.85
C THR A 199 8.87 -6.26 23.85
N VAL A 200 8.99 -4.98 23.53
CA VAL A 200 8.14 -4.36 22.48
C VAL A 200 8.61 -4.91 21.13
N LYS A 201 7.65 -5.35 20.32
CA LYS A 201 7.88 -5.94 18.99
C LYS A 201 6.80 -5.45 18.02
N HIS A 202 7.05 -5.52 16.71
CA HIS A 202 8.25 -5.99 16.05
C HIS A 202 8.90 -4.80 15.33
N PHE A 203 10.05 -4.33 15.83
CA PHE A 203 10.59 -2.98 15.56
C PHE A 203 11.21 -2.97 14.17
N ALA A 204 10.60 -2.29 13.18
CA ALA A 204 9.33 -1.56 13.18
C ALA A 204 8.76 -1.63 11.77
N GLY A 205 7.42 -1.65 11.65
CA GLY A 205 6.66 -1.59 10.39
C GLY A 205 6.05 -2.93 9.97
N TYR A 206 6.23 -3.99 10.76
CA TYR A 206 5.93 -5.41 10.45
C TYR A 206 4.44 -5.65 10.13
N SER A 207 3.54 -4.78 10.57
CA SER A 207 2.06 -4.81 10.34
C SER A 207 1.67 -4.19 8.99
N ALA A 208 2.60 -3.67 8.20
CA ALA A 208 2.25 -2.98 6.93
C ALA A 208 2.97 -3.66 5.76
N SER A 209 2.99 -4.99 5.77
CA SER A 209 3.63 -5.79 4.70
C SER A 209 2.85 -5.64 3.40
N GLU A 210 3.58 -5.75 2.28
CA GLU A 210 3.00 -5.80 0.92
C GLU A 210 1.86 -6.83 0.90
N GLY A 211 0.65 -6.41 0.54
CA GLY A 211 -0.55 -7.27 0.42
C GLY A 211 -1.01 -7.93 1.72
N GLY A 212 -0.55 -7.46 2.88
CA GLY A 212 -0.83 -8.03 4.21
C GLY A 212 -0.16 -9.39 4.42
N LYS A 213 0.84 -9.74 3.60
CA LYS A 213 1.51 -11.05 3.61
C LYS A 213 2.65 -11.08 4.67
N ASN A 214 2.66 -12.11 5.49
CA ASN A 214 3.65 -12.29 6.59
C ASN A 214 5.09 -12.23 6.07
N TRP A 215 5.92 -11.35 6.63
CA TRP A 215 7.37 -11.13 6.30
C TRP A 215 7.60 -10.33 4.99
N ALA A 216 6.57 -9.95 4.26
CA ALA A 216 6.74 -9.24 2.98
C ALA A 216 7.16 -7.80 3.24
N PRO A 217 7.76 -7.11 2.25
CA PRO A 217 8.37 -5.80 2.51
C PRO A 217 7.33 -4.82 3.09
N THR A 218 7.79 -3.98 4.01
CA THR A 218 7.02 -2.91 4.69
C THR A 218 7.58 -1.55 4.25
N ASN A 219 7.08 -1.04 3.14
CA ASN A 219 7.71 0.08 2.40
C ASN A 219 7.05 1.37 2.84
N ILE A 220 7.58 2.02 3.87
CA ILE A 220 6.90 3.14 4.58
C ILE A 220 7.81 4.36 4.46
N PRO A 221 7.34 5.52 3.94
CA PRO A 221 8.19 6.71 3.89
C PRO A 221 8.31 7.32 5.31
N GLU A 222 9.25 8.24 5.46
CA GLU A 222 9.82 8.66 6.76
C GLU A 222 8.80 9.34 7.68
N ARG A 223 7.99 10.29 7.23
CA ARG A 223 7.08 11.00 8.16
C ARG A 223 6.06 9.99 8.69
N GLU A 224 5.49 9.17 7.81
CA GLU A 224 4.51 8.13 8.23
C GLU A 224 5.20 7.18 9.23
N PHE A 225 6.41 6.75 8.93
CA PHE A 225 7.21 5.83 9.77
C PHE A 225 7.36 6.41 11.18
N LYS A 226 7.70 7.69 11.30
CA LYS A 226 7.93 8.35 12.61
C LYS A 226 6.61 8.56 13.33
N GLU A 227 5.56 9.02 12.65
CA GLU A 227 4.31 9.45 13.36
C GLU A 227 3.41 8.24 13.61
N VAL A 228 3.36 7.30 12.67
CA VAL A 228 2.70 5.98 12.81
C VAL A 228 3.93 5.07 12.94
N PHE A 229 3.79 3.85 13.38
CA PHE A 229 4.89 2.84 13.40
C PHE A 229 5.88 3.15 14.53
N LEU A 230 6.71 4.22 14.48
CA LEU A 230 7.77 4.40 15.52
C LEU A 230 7.15 4.95 16.82
N PHE A 231 6.14 5.82 16.70
CA PHE A 231 5.55 6.56 17.84
C PHE A 231 5.33 5.66 19.04
N PRO A 232 4.59 4.52 18.95
CA PRO A 232 4.32 3.73 20.15
C PRO A 232 5.59 3.16 20.81
N PHE A 233 6.57 2.75 19.98
CA PHE A 233 7.89 2.28 20.49
C PHE A 233 8.59 3.43 21.20
N GLU A 234 8.53 4.63 20.62
CA GLU A 234 9.17 5.84 21.20
C GLU A 234 8.58 6.05 22.61
N ALA A 235 7.25 6.00 22.75
CA ALA A 235 6.56 6.22 24.05
C ALA A 235 6.94 5.10 25.01
N ALA A 236 7.06 3.87 24.54
CA ALA A 236 7.43 2.73 25.39
C ALA A 236 8.87 2.93 25.91
N VAL A 237 9.79 3.40 25.07
CA VAL A 237 11.20 3.62 25.49
C VAL A 237 11.27 4.79 26.49
N LYS A 238 10.62 5.92 26.20
CA LYS A 238 10.88 7.19 26.91
C LYS A 238 9.94 7.36 28.11
N GLU A 239 8.67 6.94 28.00
CA GLU A 239 7.70 7.05 29.10
C GLU A 239 7.72 5.79 29.97
N ALA A 240 7.87 4.58 29.41
CA ALA A 240 7.70 3.32 30.17
C ALA A 240 9.05 2.64 30.45
N ASN A 241 10.16 3.17 29.90
CA ASN A 241 11.53 2.67 30.18
C ASN A 241 11.59 1.18 29.83
N VAL A 242 10.99 0.77 28.72
CA VAL A 242 10.98 -0.67 28.32
C VAL A 242 12.42 -1.17 28.26
N LEU A 243 12.70 -2.41 28.67
CA LEU A 243 14.10 -2.91 28.76
C LEU A 243 14.46 -3.87 27.61
N SER A 244 13.52 -4.27 26.76
CA SER A 244 13.88 -5.06 25.55
C SER A 244 13.04 -4.64 24.34
N VAL A 245 13.66 -4.75 23.17
CA VAL A 245 13.04 -4.54 21.83
C VAL A 245 13.40 -5.75 20.98
N MET A 246 12.42 -6.25 20.22
CA MET A 246 12.63 -7.32 19.21
C MET A 246 12.43 -6.72 17.83
N ASN A 247 13.28 -7.11 16.87
CA ASN A 247 13.21 -6.57 15.50
C ASN A 247 12.07 -7.20 14.70
N SER A 248 11.78 -6.59 13.56
CA SER A 248 10.85 -7.05 12.50
C SER A 248 11.56 -8.02 11.56
N TYR A 249 10.83 -9.03 11.09
CA TYR A 249 11.30 -9.99 10.06
C TYR A 249 11.38 -9.31 8.69
N SER A 250 10.68 -8.18 8.50
CA SER A 250 10.49 -7.57 7.18
C SER A 250 11.66 -6.64 6.84
N GLU A 251 11.90 -6.45 5.54
CA GLU A 251 12.71 -5.32 5.04
C GLU A 251 11.85 -4.06 5.03
N ILE A 252 12.47 -2.91 5.31
CA ILE A 252 11.96 -1.57 4.88
C ILE A 252 12.78 -1.12 3.66
N ASP A 253 12.15 -1.15 2.48
CA ASP A 253 12.66 -0.46 1.27
C ASP A 253 14.07 -0.98 0.96
N GLY A 254 14.30 -2.29 1.04
CA GLY A 254 15.57 -2.92 0.65
C GLY A 254 16.41 -3.38 1.83
N VAL A 255 16.12 -2.91 3.04
CA VAL A 255 16.96 -3.23 4.22
C VAL A 255 16.17 -4.05 5.22
N PRO A 256 16.53 -5.33 5.45
CA PRO A 256 15.98 -6.12 6.54
C PRO A 256 16.20 -5.42 7.88
N CYS A 257 15.16 -5.33 8.71
CA CYS A 257 15.25 -4.66 10.03
C CYS A 257 16.39 -5.29 10.87
N ALA A 258 16.67 -6.60 10.73
CA ALA A 258 17.71 -7.30 11.53
C ALA A 258 19.12 -6.88 11.13
N ALA A 259 19.29 -6.23 9.97
CA ALA A 259 20.59 -5.77 9.45
C ALA A 259 20.59 -4.24 9.34
N ASN A 260 19.66 -3.53 9.99
CA ASN A 260 19.50 -2.05 9.84
C ASN A 260 20.04 -1.32 11.08
N ARG A 261 21.31 -0.91 11.05
CA ARG A 261 21.94 -0.14 12.16
C ARG A 261 21.24 1.22 12.30
N LYS A 262 20.81 1.84 11.20
CA LYS A 262 20.09 3.15 11.26
C LYS A 262 18.81 3.00 12.10
N LEU A 263 18.18 1.83 12.09
CA LEU A 263 16.94 1.58 12.88
C LEU A 263 17.27 1.09 14.30
N LEU A 264 18.00 -0.01 14.44
CA LEU A 264 18.16 -0.73 15.74
C LEU A 264 19.15 0.02 16.65
N THR A 265 20.05 0.84 16.09
CA THR A 265 20.99 1.68 16.87
C THR A 265 20.67 3.18 16.71
N ASP A 266 20.72 3.76 15.50
CA ASP A 266 20.70 5.25 15.35
C ASP A 266 19.38 5.80 15.90
N ILE A 267 18.26 5.14 15.60
CA ILE A 267 16.95 5.62 16.15
C ILE A 267 16.84 5.13 17.60
N LEU A 268 16.96 3.84 17.82
CA LEU A 268 16.50 3.24 19.10
C LEU A 268 17.43 3.68 20.25
N ARG A 269 18.75 3.53 20.08
N ARG A 269 18.75 3.53 20.08
CA ARG A 269 19.75 3.80 21.15
CA ARG A 269 19.75 3.80 21.15
C ARG A 269 20.21 5.26 21.10
C ARG A 269 20.21 5.26 21.10
N LYS A 270 20.62 5.76 19.94
CA LYS A 270 21.22 7.12 19.82
C LYS A 270 20.14 8.20 19.93
N ASP A 271 19.09 8.15 19.10
CA ASP A 271 18.07 9.23 19.11
C ASP A 271 17.23 9.17 20.40
N TRP A 272 16.86 7.98 20.86
CA TRP A 272 15.80 7.81 21.91
C TRP A 272 16.39 7.46 23.28
N GLY A 273 17.65 7.03 23.36
CA GLY A 273 18.30 6.72 24.64
C GLY A 273 17.86 5.38 25.24
N PHE A 274 17.53 4.38 24.41
CA PHE A 274 17.22 3.00 24.88
C PHE A 274 18.48 2.36 25.46
N GLU A 275 18.39 1.77 26.65
CA GLU A 275 19.55 1.20 27.41
C GLU A 275 19.42 -0.31 27.63
N GLY A 276 18.34 -0.94 27.15
CA GLY A 276 18.11 -2.38 27.38
C GLY A 276 18.76 -3.23 26.30
N ILE A 277 18.24 -4.43 26.07
CA ILE A 277 18.76 -5.40 25.07
C ILE A 277 17.81 -5.49 23.87
N VAL A 278 18.40 -5.57 22.68
CA VAL A 278 17.66 -5.96 21.46
C VAL A 278 17.84 -7.46 21.29
N VAL A 279 16.73 -8.21 21.25
CA VAL A 279 16.73 -9.68 20.99
C VAL A 279 16.23 -9.87 19.56
N SER A 280 16.80 -10.81 18.83
CA SER A 280 16.33 -11.14 17.46
C SER A 280 14.93 -11.74 17.59
N ASP A 281 14.04 -11.45 16.64
CA ASP A 281 12.90 -12.36 16.39
C ASP A 281 13.53 -13.73 16.07
N TYR A 282 12.76 -14.80 16.22
CA TYR A 282 13.28 -16.18 16.18
C TYR A 282 13.85 -16.46 14.78
N PHE A 283 15.14 -16.77 14.71
CA PHE A 283 15.85 -17.12 13.45
C PHE A 283 16.02 -15.88 12.54
N ALA A 284 15.70 -14.68 13.01
CA ALA A 284 15.78 -13.44 12.19
C ALA A 284 17.21 -13.20 11.67
N VAL A 285 18.23 -13.63 12.43
CA VAL A 285 19.65 -13.46 12.02
C VAL A 285 19.93 -14.42 10.86
N LYS A 286 19.73 -15.72 11.07
CA LYS A 286 19.96 -16.79 10.06
C LYS A 286 19.25 -16.44 8.73
N VAL A 287 18.03 -15.92 8.76
CA VAL A 287 17.24 -15.73 7.52
C VAL A 287 17.71 -14.48 6.77
N LEU A 288 18.59 -13.66 7.35
CA LEU A 288 19.32 -12.63 6.56
C LEU A 288 19.99 -13.32 5.36
N GLU A 289 20.46 -14.55 5.58
CA GLU A 289 20.95 -15.42 4.48
C GLU A 289 19.76 -16.09 3.79
N ASP A 290 19.02 -16.95 4.49
CA ASP A 290 18.12 -17.97 3.86
C ASP A 290 16.97 -17.29 3.10
N TYR A 291 16.38 -16.24 3.67
CA TYR A 291 15.18 -15.58 3.14
C TYR A 291 15.54 -14.32 2.35
N HIS A 292 16.19 -13.33 2.96
CA HIS A 292 16.44 -12.01 2.33
C HIS A 292 17.58 -12.05 1.30
N ARG A 293 18.52 -13.00 1.44
CA ARG A 293 19.62 -13.25 0.47
C ARG A 293 20.58 -12.05 0.44
N ILE A 294 20.90 -11.46 1.59
CA ILE A 294 21.90 -10.37 1.71
C ILE A 294 23.08 -10.81 2.58
N ALA A 295 23.10 -12.04 3.10
CA ALA A 295 24.25 -12.60 3.85
C ALA A 295 24.68 -13.90 3.17
N ARG A 296 25.96 -14.03 2.82
CA ARG A 296 26.47 -15.16 1.99
C ARG A 296 26.70 -16.40 2.84
N ASP A 297 26.80 -16.24 4.16
CA ASP A 297 26.90 -17.38 5.09
C ASP A 297 26.50 -16.91 6.49
N LYS A 298 26.52 -17.82 7.46
CA LYS A 298 26.07 -17.56 8.84
C LYS A 298 26.93 -16.47 9.48
N SER A 299 28.22 -16.40 9.18
CA SER A 299 29.16 -15.49 9.85
C SER A 299 28.90 -14.05 9.37
N GLU A 300 28.61 -13.87 8.09
CA GLU A 300 28.16 -12.55 7.56
C GLU A 300 26.80 -12.15 8.15
N ALA A 301 25.86 -13.09 8.33
CA ALA A 301 24.55 -12.77 8.96
C ALA A 301 24.81 -12.28 10.38
N ALA A 302 25.71 -12.92 11.11
CA ALA A 302 26.09 -12.55 12.50
C ALA A 302 26.66 -11.13 12.53
N ARG A 303 27.59 -10.81 11.61
N ARG A 303 27.59 -10.81 11.61
CA ARG A 303 28.24 -9.48 11.54
CA ARG A 303 28.23 -9.48 11.55
C ARG A 303 27.15 -8.42 11.29
C ARG A 303 27.14 -8.43 11.30
N LEU A 304 26.24 -8.68 10.34
CA LEU A 304 25.16 -7.70 9.96
C LEU A 304 24.25 -7.45 11.18
N ALA A 305 23.84 -8.51 11.87
CA ALA A 305 22.92 -8.40 13.02
C ALA A 305 23.63 -7.70 14.19
N LEU A 306 24.89 -8.04 14.48
CA LEU A 306 25.63 -7.41 15.61
C LEU A 306 25.86 -5.92 15.32
N GLU A 307 26.34 -5.61 14.12
CA GLU A 307 26.57 -4.21 13.67
C GLU A 307 25.25 -3.43 13.74
N ALA A 308 24.12 -4.07 13.45
CA ALA A 308 22.79 -3.43 13.43
C ALA A 308 22.38 -3.09 14.86
N GLY A 309 22.77 -3.91 15.83
CA GLY A 309 22.49 -3.67 17.25
C GLY A 309 21.72 -4.80 17.91
N ILE A 310 21.71 -6.00 17.34
CA ILE A 310 21.05 -7.18 18.00
C ILE A 310 22.04 -7.72 19.02
N ASP A 311 21.66 -7.75 20.29
CA ASP A 311 22.49 -8.24 21.44
C ASP A 311 22.37 -9.75 21.62
N VAL A 312 21.19 -10.34 21.44
CA VAL A 312 20.93 -11.78 21.71
C VAL A 312 20.25 -12.44 20.52
N GLU A 313 20.89 -13.48 19.99
CA GLU A 313 20.31 -14.32 18.92
C GLU A 313 19.37 -15.34 19.57
N LEU A 314 18.10 -15.31 19.17
CA LEU A 314 17.01 -16.21 19.63
C LEU A 314 16.52 -17.02 18.44
N PRO A 315 15.95 -18.24 18.65
CA PRO A 315 15.76 -18.83 19.98
C PRO A 315 16.89 -19.75 20.45
N LYS A 316 17.91 -19.93 19.58
CA LYS A 316 19.09 -20.79 19.80
C LYS A 316 20.29 -20.16 19.11
N THR A 317 21.46 -20.22 19.72
CA THR A 317 22.73 -19.79 19.09
C THR A 317 22.86 -20.53 17.77
N GLU A 318 23.08 -19.81 16.67
CA GLU A 318 23.28 -20.43 15.35
C GLU A 318 24.35 -19.63 14.60
N CYS A 319 24.07 -18.37 14.28
CA CYS A 319 25.03 -17.47 13.58
C CYS A 319 26.04 -16.85 14.57
N TYR A 320 25.60 -16.51 15.78
CA TYR A 320 26.38 -15.70 16.74
C TYR A 320 27.57 -16.51 17.28
N GLN A 321 27.58 -17.84 17.17
CA GLN A 321 28.79 -18.62 17.55
C GLN A 321 29.96 -18.16 16.68
N TYR A 322 29.71 -17.75 15.43
CA TYR A 322 30.77 -17.38 14.46
C TYR A 322 31.35 -15.98 14.75
N LEU A 323 30.78 -15.22 15.71
CA LEU A 323 31.38 -13.94 16.16
C LEU A 323 32.78 -14.20 16.71
N LYS A 324 32.96 -15.34 17.39
CA LYS A 324 34.29 -15.78 17.90
C LYS A 324 35.27 -15.80 16.72
N ASP A 325 34.94 -16.51 15.65
CA ASP A 325 35.83 -16.70 14.47
C ASP A 325 36.03 -15.33 13.79
N LEU A 326 35.00 -14.48 13.75
CA LEU A 326 35.10 -13.13 13.13
C LEU A 326 36.14 -12.29 13.88
N VAL A 327 36.21 -12.38 15.22
CA VAL A 327 37.22 -11.62 15.99
C VAL A 327 38.60 -12.26 15.78
N GLU A 328 38.68 -13.59 15.88
CA GLU A 328 39.98 -14.31 15.76
C GLU A 328 40.61 -14.05 14.39
N LYS A 329 39.80 -13.88 13.34
CA LYS A 329 40.29 -13.63 11.97
C LYS A 329 40.37 -12.12 11.67
N GLY A 330 40.06 -11.25 12.64
CA GLY A 330 40.24 -9.79 12.47
C GLY A 330 39.30 -9.22 11.40
N ILE A 331 38.09 -9.76 11.31
CA ILE A 331 37.00 -9.23 10.45
C ILE A 331 36.22 -8.17 11.23
N ILE A 332 35.98 -8.36 12.53
CA ILE A 332 35.27 -7.38 13.40
C ILE A 332 36.13 -7.20 14.65
N SER A 333 35.92 -6.09 15.36
CA SER A 333 36.63 -5.70 16.58
C SER A 333 35.96 -6.36 17.78
N GLU A 334 36.74 -6.90 18.70
CA GLU A 334 36.21 -7.43 19.97
C GLU A 334 35.43 -6.31 20.69
N ALA A 335 35.75 -5.04 20.43
CA ALA A 335 35.11 -3.92 21.16
C ALA A 335 33.59 -3.92 20.88
N LEU A 336 33.18 -4.38 19.71
CA LEU A 336 31.75 -4.43 19.30
C LEU A 336 31.04 -5.59 20.02
N ILE A 337 31.69 -6.74 20.16
CA ILE A 337 31.23 -7.83 21.09
C ILE A 337 31.03 -7.23 22.48
N ASP A 338 32.03 -6.49 22.98
CA ASP A 338 32.02 -6.01 24.40
C ASP A 338 30.78 -5.15 24.64
N GLU A 339 30.44 -4.31 23.68
CA GLU A 339 29.32 -3.35 23.75
C GLU A 339 28.02 -4.15 23.94
N ALA A 340 27.81 -5.21 23.16
CA ALA A 340 26.61 -6.06 23.30
C ALA A 340 26.65 -6.82 24.64
N VAL A 341 27.78 -7.43 25.00
CA VAL A 341 27.90 -8.20 26.29
C VAL A 341 27.58 -7.25 27.45
N THR A 342 28.08 -6.03 27.41
CA THR A 342 27.87 -5.01 28.48
C THR A 342 26.37 -4.82 28.70
N ARG A 343 25.57 -4.71 27.63
CA ARG A 343 24.10 -4.50 27.75
C ARG A 343 23.42 -5.73 28.39
N VAL A 344 23.84 -6.93 27.99
CA VAL A 344 23.29 -8.20 28.55
C VAL A 344 23.64 -8.29 30.04
N LEU A 345 24.91 -8.09 30.39
CA LEU A 345 25.40 -8.23 31.80
C LEU A 345 24.70 -7.19 32.69
N ARG A 346 24.58 -5.96 32.20
N ARG A 346 24.58 -5.96 32.20
CA ARG A 346 23.93 -4.84 32.95
CA ARG A 346 23.92 -4.85 32.96
C ARG A 346 22.54 -5.33 33.38
C ARG A 346 22.54 -5.33 33.38
N LEU A 347 21.78 -5.89 32.43
CA LEU A 347 20.37 -6.29 32.67
C LEU A 347 20.35 -7.47 33.65
N LYS A 348 21.25 -8.45 33.51
CA LYS A 348 21.34 -9.61 34.42
C LYS A 348 21.58 -9.10 35.85
N PHE A 349 22.48 -8.15 36.05
CA PHE A 349 22.77 -7.58 37.40
C PHE A 349 21.52 -6.85 37.91
N MET A 350 20.88 -6.05 37.06
CA MET A 350 19.69 -5.23 37.46
C MET A 350 18.56 -6.19 37.87
N LEU A 351 18.45 -7.37 37.23
CA LEU A 351 17.36 -8.37 37.50
C LEU A 351 17.60 -9.10 38.83
N GLY A 352 18.78 -8.90 39.46
CA GLY A 352 19.13 -9.48 40.76
C GLY A 352 19.71 -10.88 40.61
N LEU A 353 20.10 -11.29 39.41
CA LEU A 353 20.42 -12.71 39.12
C LEU A 353 21.73 -13.13 39.81
N PHE A 354 22.67 -12.21 40.05
CA PHE A 354 23.95 -12.52 40.71
C PHE A 354 23.76 -12.60 42.24
N GLU A 355 22.71 -11.98 42.79
CA GLU A 355 22.40 -12.07 44.25
C GLU A 355 21.56 -13.32 44.49
N ASN A 356 20.56 -13.59 43.65
CA ASN A 356 19.71 -14.80 43.81
C ASN A 356 19.06 -15.20 42.49
N PRO A 357 19.58 -16.23 41.81
CA PRO A 357 18.99 -16.69 40.56
C PRO A 357 17.90 -17.76 40.73
N TYR A 358 17.56 -18.14 41.96
CA TYR A 358 16.68 -19.30 42.28
C TYR A 358 15.31 -18.80 42.73
N VAL A 359 14.30 -19.65 42.53
CA VAL A 359 12.90 -19.44 43.03
C VAL A 359 12.58 -20.59 43.99
N GLU A 360 11.61 -20.37 44.88
CA GLU A 360 11.05 -21.42 45.79
C GLU A 360 10.06 -22.28 44.98
N VAL A 361 10.46 -23.49 44.61
CA VAL A 361 9.61 -24.43 43.83
C VAL A 361 8.28 -24.63 44.56
N GLU A 362 8.29 -24.56 45.89
CA GLU A 362 7.09 -24.79 46.75
C GLU A 362 6.09 -23.66 46.57
N LYS A 363 6.53 -22.46 46.20
CA LYS A 363 5.65 -21.27 46.01
C LYS A 363 5.36 -21.04 44.51
N ALA A 364 5.77 -21.95 43.62
CA ALA A 364 5.80 -21.75 42.16
C ALA A 364 4.47 -22.15 41.49
N LYS A 365 3.41 -22.48 42.26
CA LYS A 365 2.09 -22.86 41.69
C LYS A 365 1.40 -21.56 41.23
N ILE A 366 1.11 -21.44 39.94
CA ILE A 366 0.55 -20.20 39.33
C ILE A 366 -0.95 -20.11 39.63
N GLU A 367 -1.40 -18.99 40.17
CA GLU A 367 -2.84 -18.75 40.48
C GLU A 367 -3.59 -18.37 39.21
N SER A 368 -4.89 -18.70 39.18
CA SER A 368 -5.85 -18.32 38.13
C SER A 368 -6.17 -16.84 38.24
N HIS A 369 -6.19 -16.13 37.11
CA HIS A 369 -6.62 -14.72 37.01
C HIS A 369 -7.86 -14.65 36.10
N ARG A 370 -8.72 -15.66 36.18
CA ARG A 370 -10.02 -15.70 35.47
C ARG A 370 -10.79 -14.41 35.78
N ASP A 371 -10.68 -13.86 37.00
CA ASP A 371 -11.38 -12.60 37.41
C ASP A 371 -10.96 -11.44 36.48
N ILE A 372 -9.66 -11.29 36.23
CA ILE A 372 -9.11 -10.20 35.38
C ILE A 372 -9.49 -10.51 33.92
N ALA A 373 -9.32 -11.75 33.47
CA ALA A 373 -9.68 -12.20 32.09
C ALA A 373 -11.14 -11.86 31.82
N LEU A 374 -12.01 -12.10 32.81
CA LEU A 374 -13.47 -11.88 32.66
C LEU A 374 -13.76 -10.39 32.56
N GLU A 375 -13.08 -9.55 33.34
CA GLU A 375 -13.31 -8.09 33.27
C GLU A 375 -12.87 -7.59 31.87
N ILE A 376 -11.75 -8.07 31.35
CA ILE A 376 -11.29 -7.71 29.98
C ILE A 376 -12.33 -8.20 28.96
N ALA A 377 -12.74 -9.47 29.02
CA ALA A 377 -13.73 -10.04 28.07
C ALA A 377 -15.02 -9.20 28.08
N ARG A 378 -15.54 -8.89 29.27
CA ARG A 378 -16.79 -8.11 29.44
C ARG A 378 -16.64 -6.67 28.91
N LYS A 379 -15.43 -6.09 29.00
CA LYS A 379 -15.18 -4.69 28.55
C LYS A 379 -14.77 -4.65 27.07
N SER A 380 -14.38 -5.77 26.47
CA SER A 380 -13.75 -5.83 25.13
C SER A 380 -14.79 -6.12 24.07
N ILE A 381 -15.89 -6.80 24.43
CA ILE A 381 -16.87 -7.20 23.40
C ILE A 381 -17.54 -5.94 22.87
N ILE A 382 -17.68 -5.87 21.55
CA ILE A 382 -18.25 -4.68 20.87
C ILE A 382 -19.63 -5.00 20.31
N LEU A 383 -20.61 -4.18 20.67
CA LEU A 383 -21.92 -4.19 20.00
C LEU A 383 -21.78 -3.36 18.72
N LEU A 384 -21.60 -4.02 17.57
CA LEU A 384 -21.50 -3.34 16.24
C LEU A 384 -22.87 -2.84 15.78
N LYS A 385 -23.91 -3.64 15.99
CA LYS A 385 -25.28 -3.35 15.50
C LYS A 385 -26.29 -3.95 16.47
N ASN A 386 -27.39 -3.25 16.67
CA ASN A 386 -28.52 -3.71 17.49
C ASN A 386 -29.76 -2.94 17.06
N ASP A 387 -30.71 -3.61 16.40
CA ASP A 387 -31.99 -2.99 15.97
C ASP A 387 -32.99 -2.95 17.16
N GLY A 388 -32.62 -3.46 18.33
CA GLY A 388 -33.51 -3.53 19.51
C GLY A 388 -33.62 -4.95 20.05
N ILE A 389 -33.21 -5.96 19.30
CA ILE A 389 -33.34 -7.37 19.75
C ILE A 389 -32.55 -7.60 21.03
N LEU A 390 -31.40 -6.94 21.23
CA LEU A 390 -30.56 -7.14 22.44
C LEU A 390 -30.86 -6.01 23.41
N PRO A 391 -30.85 -6.25 24.73
CA PRO A 391 -30.58 -7.58 25.29
C PRO A 391 -31.79 -8.53 25.16
N LEU A 392 -31.56 -9.84 25.14
CA LEU A 392 -32.61 -10.88 24.97
C LEU A 392 -33.32 -11.13 26.29
N GLN A 393 -34.57 -11.58 26.24
CA GLN A 393 -35.30 -12.09 27.42
C GLN A 393 -34.91 -13.56 27.60
N LYS A 394 -34.68 -13.98 28.85
CA LYS A 394 -34.15 -15.33 29.19
C LYS A 394 -35.14 -16.44 28.80
N ASN A 395 -36.40 -16.08 28.50
CA ASN A 395 -37.51 -17.04 28.21
C ASN A 395 -37.58 -17.33 26.71
N LYS A 396 -36.72 -16.72 25.87
CA LYS A 396 -36.76 -16.99 24.41
C LYS A 396 -36.05 -18.33 24.17
N LYS A 397 -36.64 -19.19 23.33
CA LYS A 397 -36.01 -20.46 22.88
C LYS A 397 -34.93 -20.10 21.84
N VAL A 398 -33.70 -20.55 22.10
CA VAL A 398 -32.49 -20.18 21.32
C VAL A 398 -32.07 -21.38 20.45
N ALA A 399 -31.96 -21.14 19.16
CA ALA A 399 -31.20 -21.97 18.19
C ALA A 399 -29.77 -21.46 18.17
N LEU A 400 -28.87 -22.17 18.85
CA LEU A 400 -27.43 -21.85 18.97
C LEU A 400 -26.71 -22.57 17.84
N ILE A 401 -26.26 -21.83 16.84
CA ILE A 401 -25.77 -22.39 15.54
C ILE A 401 -24.34 -21.88 15.32
N GLY A 402 -23.48 -22.76 14.83
CA GLY A 402 -22.20 -22.34 14.23
C GLY A 402 -21.01 -23.06 14.85
N PRO A 403 -19.88 -23.13 14.11
CA PRO A 403 -18.69 -23.86 14.57
C PRO A 403 -18.10 -23.28 15.86
N ASN A 404 -18.26 -21.98 16.08
CA ASN A 404 -17.60 -21.28 17.21
C ASN A 404 -18.54 -21.24 18.43
N ALA A 405 -19.76 -21.78 18.33
CA ALA A 405 -20.66 -21.99 19.49
C ALA A 405 -20.18 -23.21 20.30
N GLY A 406 -19.67 -24.25 19.63
CA GLY A 406 -19.41 -25.57 20.22
C GLY A 406 -17.95 -25.81 20.60
N GLU A 407 -17.01 -25.04 20.01
CA GLU A 407 -15.60 -25.48 19.74
C GLU A 407 -14.69 -25.50 20.99
N VAL A 408 -14.70 -24.45 21.81
CA VAL A 408 -13.72 -24.17 22.92
C VAL A 408 -12.33 -23.82 22.35
N ARG A 409 -11.72 -24.66 21.51
CA ARG A 409 -10.40 -24.39 20.86
C ARG A 409 -10.44 -23.05 20.08
N ASN A 410 -11.57 -22.70 19.47
CA ASN A 410 -11.69 -21.51 18.56
C ASN A 410 -11.89 -20.21 19.37
N LEU A 411 -11.96 -20.30 20.71
CA LEU A 411 -11.93 -19.13 21.64
C LEU A 411 -10.49 -18.64 21.83
N LEU A 412 -9.51 -19.46 21.49
CA LEU A 412 -8.08 -19.24 21.85
C LEU A 412 -7.35 -18.53 20.70
N GLY A 413 -6.43 -17.62 21.07
CA GLY A 413 -5.58 -16.85 20.15
C GLY A 413 -4.30 -17.58 19.82
N ASP A 414 -3.46 -17.00 18.95
CA ASP A 414 -2.28 -17.70 18.36
C ASP A 414 -1.11 -17.85 19.36
N TYR A 415 -1.14 -17.14 20.49
CA TYR A 415 -0.09 -17.20 21.56
C TYR A 415 -0.71 -17.62 22.90
N MET A 416 -1.91 -18.20 22.87
CA MET A 416 -2.46 -18.96 24.02
C MET A 416 -1.93 -20.40 23.90
N TYR A 417 -1.36 -20.91 24.99
CA TYR A 417 -0.56 -22.16 25.04
C TYR A 417 -1.26 -23.30 24.28
N LEU A 418 -2.53 -23.53 24.58
CA LEU A 418 -3.30 -24.71 24.11
C LEU A 418 -3.55 -24.62 22.60
N ALA A 419 -3.68 -23.41 22.05
CA ALA A 419 -3.72 -23.17 20.58
C ALA A 419 -2.31 -23.30 19.98
N HIS A 420 -1.30 -22.66 20.58
CA HIS A 420 0.08 -22.52 20.02
C HIS A 420 0.79 -23.90 19.98
N ILE A 421 0.47 -24.82 20.92
CA ILE A 421 1.25 -26.07 21.24
C ILE A 421 1.45 -26.95 19.99
N GLU A 450 -4.24 -35.49 27.96
CA GLU A 450 -2.84 -35.67 27.44
C GLU A 450 -1.93 -34.60 28.08
N GLU A 451 -2.40 -33.36 28.22
CA GLU A 451 -1.75 -32.28 29.01
C GLU A 451 -2.82 -31.31 29.51
N HIS A 452 -2.60 -30.61 30.65
CA HIS A 452 -3.61 -29.80 31.40
C HIS A 452 -4.74 -29.37 30.46
N MET A 453 -5.78 -30.19 30.42
CA MET A 453 -6.80 -30.29 29.34
C MET A 453 -7.50 -28.94 29.10
N LYS A 454 -8.25 -28.88 28.00
CA LYS A 454 -9.21 -27.79 27.69
C LYS A 454 -10.46 -27.94 28.58
N SER A 455 -10.32 -27.95 29.91
CA SER A 455 -11.41 -27.77 30.92
C SER A 455 -11.83 -26.28 30.97
N ILE A 456 -11.70 -25.60 29.83
CA ILE A 456 -12.12 -24.19 29.58
C ILE A 456 -13.60 -24.20 29.23
N PRO A 457 -14.47 -23.40 29.91
CA PRO A 457 -15.88 -23.29 29.52
C PRO A 457 -16.10 -22.90 28.06
N SER A 458 -17.03 -23.56 27.37
CA SER A 458 -17.46 -23.23 25.99
C SER A 458 -18.57 -22.19 26.05
N VAL A 459 -18.98 -21.64 24.91
CA VAL A 459 -20.19 -20.77 24.79
C VAL A 459 -21.41 -21.62 25.16
N LEU A 460 -21.50 -22.84 24.63
CA LEU A 460 -22.62 -23.77 24.94
C LEU A 460 -22.73 -23.92 26.46
N ASP A 461 -21.61 -24.18 27.16
CA ASP A 461 -21.59 -24.29 28.64
C ASP A 461 -22.17 -23.02 29.28
N ALA A 462 -21.87 -21.84 28.74
CA ALA A 462 -22.28 -20.56 29.37
C ALA A 462 -23.78 -20.42 29.23
N PHE A 463 -24.35 -20.85 28.11
CA PHE A 463 -25.81 -20.84 27.84
C PHE A 463 -26.52 -21.78 28.84
N LYS A 464 -26.00 -23.00 29.06
CA LYS A 464 -26.59 -23.99 30.02
C LYS A 464 -26.60 -23.36 31.40
N GLU A 465 -25.43 -22.91 31.84
CA GLU A 465 -25.17 -22.30 33.17
C GLU A 465 -26.12 -21.12 33.39
N GLU A 466 -26.46 -20.36 32.34
CA GLU A 466 -27.35 -19.17 32.46
C GLU A 466 -28.82 -19.62 32.51
N GLY A 467 -29.08 -20.90 32.26
CA GLY A 467 -30.41 -21.52 32.37
C GLY A 467 -31.26 -21.26 31.15
N ILE A 468 -30.65 -20.99 30.00
CA ILE A 468 -31.39 -20.73 28.73
C ILE A 468 -31.83 -22.07 28.16
N GLU A 469 -33.02 -22.09 27.56
CA GLU A 469 -33.49 -23.24 26.76
C GLU A 469 -33.02 -23.08 25.31
N PHE A 470 -32.18 -23.99 24.86
CA PHE A 470 -31.60 -23.94 23.50
C PHE A 470 -31.42 -25.35 22.95
N GLU A 471 -31.38 -25.43 21.61
CA GLU A 471 -30.77 -26.54 20.84
C GLU A 471 -29.53 -26.03 20.11
N TYR A 472 -28.52 -26.89 19.99
CA TYR A 472 -27.24 -26.61 19.28
C TYR A 472 -27.24 -27.36 17.96
N ALA A 473 -26.94 -26.68 16.86
CA ALA A 473 -26.54 -27.27 15.56
C ALA A 473 -25.23 -26.62 15.11
N LYS A 474 -24.19 -27.40 14.79
CA LYS A 474 -22.88 -26.85 14.35
C LYS A 474 -23.04 -26.06 13.04
N GLY A 475 -23.90 -26.52 12.11
CA GLY A 475 -24.18 -25.82 10.85
C GLY A 475 -23.08 -26.08 9.83
N CYS A 476 -21.83 -25.72 10.15
CA CYS A 476 -20.66 -25.97 9.26
C CYS A 476 -19.37 -25.97 10.08
N GLU A 477 -18.28 -26.40 9.44
CA GLU A 477 -16.90 -26.25 9.98
C GLU A 477 -16.45 -24.81 9.70
N VAL A 478 -15.36 -24.40 10.32
CA VAL A 478 -14.71 -23.08 10.06
C VAL A 478 -14.25 -23.02 8.60
N THR A 479 -13.63 -24.09 8.11
CA THR A 479 -13.04 -24.21 6.74
C THR A 479 -13.76 -25.32 5.97
N GLY A 480 -13.59 -25.33 4.65
CA GLY A 480 -14.23 -26.30 3.75
C GLY A 480 -15.49 -25.71 3.15
N GLU A 481 -16.18 -26.45 2.28
CA GLU A 481 -17.44 -26.00 1.62
C GLU A 481 -18.57 -26.99 1.88
N ASP A 482 -18.40 -27.89 2.84
CA ASP A 482 -19.43 -28.89 3.23
C ASP A 482 -20.63 -28.15 3.85
N ARG A 483 -21.78 -28.23 3.20
CA ARG A 483 -23.08 -27.64 3.64
C ARG A 483 -24.02 -28.72 4.21
N SER A 484 -23.51 -29.94 4.48
CA SER A 484 -24.25 -31.08 5.10
C SER A 484 -25.12 -30.62 6.27
N GLY A 485 -24.56 -29.77 7.13
CA GLY A 485 -25.11 -29.40 8.45
C GLY A 485 -26.14 -28.30 8.35
N PHE A 486 -26.29 -27.68 7.18
CA PHE A 486 -27.19 -26.50 7.00
C PHE A 486 -28.62 -26.88 7.39
N GLU A 487 -29.12 -28.01 6.92
CA GLU A 487 -30.55 -28.42 7.08
C GLU A 487 -30.89 -28.55 8.57
N GLU A 488 -30.07 -29.28 9.34
CA GLU A 488 -30.24 -29.37 10.82
C GLU A 488 -30.29 -27.96 11.45
N ALA A 489 -29.39 -27.06 11.04
CA ALA A 489 -29.31 -25.67 11.58
C ALA A 489 -30.58 -24.90 11.22
N ILE A 490 -31.03 -24.99 9.97
CA ILE A 490 -32.29 -24.34 9.50
C ILE A 490 -33.48 -24.87 10.32
N GLU A 491 -33.55 -26.18 10.60
CA GLU A 491 -34.74 -26.81 11.23
C GLU A 491 -34.82 -26.36 12.69
N ILE A 492 -33.69 -26.26 13.36
CA ILE A 492 -33.59 -25.81 14.79
C ILE A 492 -34.01 -24.34 14.86
N ALA A 493 -33.65 -23.54 13.86
CA ALA A 493 -33.97 -22.09 13.77
C ALA A 493 -35.48 -21.90 13.68
N LYS A 494 -36.15 -22.67 12.81
CA LYS A 494 -37.61 -22.58 12.55
C LYS A 494 -38.39 -22.90 13.82
N LYS A 495 -37.87 -23.78 14.69
CA LYS A 495 -38.56 -24.20 15.95
C LYS A 495 -38.15 -23.29 17.11
N SER A 496 -37.38 -22.23 16.88
CA SER A 496 -36.86 -21.37 17.96
C SER A 496 -37.48 -19.98 17.84
N ASP A 497 -37.24 -19.13 18.83
CA ASP A 497 -37.66 -17.70 18.84
C ASP A 497 -36.54 -16.87 18.21
N VAL A 498 -35.30 -17.23 18.46
CA VAL A 498 -34.13 -16.42 18.01
C VAL A 498 -32.97 -17.38 17.71
N ALA A 499 -32.31 -17.13 16.58
CA ALA A 499 -31.08 -17.83 16.14
C ALA A 499 -29.88 -16.99 16.57
N ILE A 500 -28.99 -17.60 17.36
CA ILE A 500 -27.69 -17.00 17.77
C ILE A 500 -26.62 -17.76 16.98
N VAL A 501 -26.09 -17.11 15.94
CA VAL A 501 -25.15 -17.72 14.97
C VAL A 501 -23.74 -17.29 15.37
N VAL A 502 -22.89 -18.25 15.77
CA VAL A 502 -21.55 -17.99 16.34
C VAL A 502 -20.53 -18.53 15.34
N VAL A 503 -19.90 -17.61 14.62
CA VAL A 503 -19.01 -17.92 13.46
C VAL A 503 -17.68 -17.20 13.66
N GLY A 504 -16.70 -17.54 12.84
CA GLY A 504 -15.43 -16.81 12.81
C GLY A 504 -14.25 -17.73 12.64
N ASP A 505 -13.23 -17.53 13.47
CA ASP A 505 -11.87 -18.02 13.14
C ASP A 505 -11.55 -19.27 13.96
N LYS A 506 -10.58 -20.04 13.46
CA LYS A 506 -9.67 -20.84 14.30
C LYS A 506 -8.28 -20.18 14.19
N SER A 507 -7.77 -19.69 15.32
CA SER A 507 -6.47 -18.96 15.36
C SER A 507 -5.31 -19.90 15.67
N GLY A 508 -4.20 -19.75 14.94
CA GLY A 508 -2.97 -20.52 15.15
C GLY A 508 -2.02 -20.40 13.97
N LEU A 509 -1.06 -21.32 13.90
CA LEU A 509 0.15 -21.21 13.05
C LEU A 509 0.13 -22.25 11.94
N THR A 510 -0.88 -23.14 11.91
CA THR A 510 -0.94 -24.28 10.95
C THR A 510 -1.98 -24.02 9.84
N LEU A 511 -1.98 -24.86 8.80
CA LEU A 511 -2.76 -24.64 7.55
C LEU A 511 -4.26 -24.59 7.87
N ASP A 512 -4.72 -25.36 8.85
CA ASP A 512 -6.16 -25.50 9.22
C ASP A 512 -6.66 -24.25 9.95
N CYS A 513 -5.77 -23.32 10.34
CA CYS A 513 -6.14 -22.05 11.02
C CYS A 513 -6.44 -20.98 9.97
N THR A 514 -7.38 -20.08 10.26
CA THR A 514 -7.87 -19.04 9.34
C THR A 514 -7.26 -17.67 9.68
N THR A 515 -6.75 -17.51 10.90
CA THR A 515 -6.06 -16.30 11.38
C THR A 515 -4.90 -16.71 12.28
N GLY A 516 -4.09 -15.74 12.69
CA GLY A 516 -2.85 -15.98 13.44
C GLY A 516 -1.64 -15.83 12.54
N GLU A 517 -0.48 -15.80 13.17
CA GLU A 517 0.83 -15.73 12.50
C GLU A 517 0.88 -16.78 11.36
N SER A 518 1.11 -16.30 10.14
CA SER A 518 1.31 -17.08 8.88
C SER A 518 -0.02 -17.36 8.18
N ARG A 519 -1.14 -16.89 8.74
CA ARG A 519 -2.51 -17.15 8.22
C ARG A 519 -3.14 -15.81 7.79
N ASP A 520 -2.78 -15.38 6.60
CA ASP A 520 -3.19 -14.09 5.99
C ASP A 520 -4.34 -14.40 5.03
N MET A 521 -5.33 -13.53 5.01
CA MET A 521 -6.65 -13.71 4.36
C MET A 521 -6.82 -12.56 3.36
N ALA A 522 -6.66 -12.83 2.07
CA ALA A 522 -6.73 -11.83 0.98
C ALA A 522 -8.12 -11.16 0.92
N ASN A 523 -9.21 -11.93 0.95
CA ASN A 523 -10.53 -11.40 0.52
C ASN A 523 -11.45 -11.10 1.71
N LEU A 524 -11.07 -11.40 2.96
CA LEU A 524 -11.81 -10.94 4.18
C LEU A 524 -13.26 -11.43 4.20
N LYS A 525 -13.55 -12.56 3.57
CA LYS A 525 -14.83 -13.28 3.70
C LYS A 525 -14.72 -14.15 4.95
N LEU A 526 -15.79 -14.27 5.73
CA LEU A 526 -15.83 -15.25 6.85
C LEU A 526 -15.37 -16.59 6.30
N PRO A 527 -14.55 -17.34 7.04
CA PRO A 527 -13.97 -18.59 6.51
C PRO A 527 -15.01 -19.63 6.07
N GLY A 528 -14.64 -20.46 5.08
CA GLY A 528 -15.49 -21.56 4.59
C GLY A 528 -16.84 -21.06 4.10
N VAL A 529 -17.93 -21.72 4.51
CA VAL A 529 -19.31 -21.35 4.08
C VAL A 529 -20.05 -20.70 5.27
N GLN A 530 -19.32 -20.09 6.20
CA GLN A 530 -19.93 -19.47 7.40
C GLN A 530 -20.85 -18.35 6.97
N GLU A 531 -20.47 -17.55 5.98
CA GLU A 531 -21.32 -16.44 5.51
C GLU A 531 -22.64 -17.04 4.96
N GLU A 532 -22.56 -18.10 4.17
CA GLU A 532 -23.75 -18.77 3.59
C GLU A 532 -24.60 -19.36 4.73
N LEU A 533 -23.97 -19.89 5.78
CA LEU A 533 -24.70 -20.42 6.96
C LEU A 533 -25.56 -19.30 7.54
N VAL A 534 -25.00 -18.12 7.74
CA VAL A 534 -25.72 -16.95 8.32
C VAL A 534 -26.88 -16.58 7.39
N LEU A 535 -26.65 -16.45 6.09
CA LEU A 535 -27.71 -16.01 5.14
C LEU A 535 -28.83 -17.06 5.08
N GLU A 536 -28.49 -18.36 5.15
CA GLU A 536 -29.50 -19.45 5.14
C GLU A 536 -30.36 -19.32 6.39
N VAL A 537 -29.73 -19.15 7.56
CA VAL A 537 -30.48 -19.03 8.85
C VAL A 537 -31.37 -17.78 8.77
N ALA A 538 -30.89 -16.69 8.15
CA ALA A 538 -31.65 -15.40 8.05
C ALA A 538 -32.90 -15.60 7.19
N LYS A 539 -32.82 -16.46 6.18
CA LYS A 539 -33.92 -16.70 5.21
C LYS A 539 -35.11 -17.35 5.92
N THR A 540 -34.92 -17.98 7.09
CA THR A 540 -36.04 -18.53 7.91
C THR A 540 -36.95 -17.39 8.40
N GLY A 541 -36.51 -16.13 8.34
CA GLY A 541 -37.32 -14.98 8.81
C GLY A 541 -37.32 -14.86 10.33
N LYS A 542 -36.61 -15.73 11.04
CA LYS A 542 -36.38 -15.63 12.51
C LYS A 542 -35.40 -14.52 12.82
N PRO A 543 -35.47 -13.87 14.00
CA PRO A 543 -34.47 -12.91 14.43
C PRO A 543 -33.09 -13.58 14.58
N VAL A 544 -32.04 -12.90 14.13
CA VAL A 544 -30.65 -13.42 14.16
C VAL A 544 -29.73 -12.46 14.93
N VAL A 545 -29.08 -13.01 15.95
CA VAL A 545 -27.92 -12.40 16.66
C VAL A 545 -26.67 -13.06 16.11
N LEU A 546 -25.82 -12.28 15.44
CA LEU A 546 -24.55 -12.73 14.84
C LEU A 546 -23.42 -12.44 15.83
N VAL A 547 -22.71 -13.48 16.27
CA VAL A 547 -21.58 -13.39 17.23
C VAL A 547 -20.33 -13.78 16.44
N LEU A 548 -19.46 -12.80 16.18
CA LEU A 548 -18.16 -12.99 15.49
C LEU A 548 -17.10 -13.25 16.56
N ILE A 549 -16.60 -14.47 16.60
CA ILE A 549 -15.44 -14.88 17.44
C ILE A 549 -14.26 -15.00 16.47
N THR A 550 -13.49 -13.91 16.34
CA THR A 550 -12.55 -13.69 15.22
C THR A 550 -11.32 -12.98 15.75
N GLY A 551 -10.23 -13.08 14.97
CA GLY A 551 -8.95 -12.42 15.20
C GLY A 551 -8.76 -11.20 14.32
N ARG A 552 -9.66 -10.98 13.36
CA ARG A 552 -9.56 -9.83 12.41
C ARG A 552 -10.95 -9.33 12.07
N PRO A 553 -11.04 -8.07 11.59
CA PRO A 553 -12.23 -7.61 10.90
C PRO A 553 -12.50 -8.54 9.71
N TYR A 554 -13.77 -8.93 9.54
CA TYR A 554 -14.27 -9.55 8.29
C TYR A 554 -15.20 -8.53 7.62
N SER A 555 -15.31 -8.63 6.29
CA SER A 555 -16.33 -7.97 5.45
C SER A 555 -17.72 -8.50 5.85
N LEU A 556 -18.58 -7.66 6.41
CA LEU A 556 -19.94 -8.04 6.85
C LEU A 556 -20.95 -7.44 5.87
N LYS A 557 -20.47 -6.88 4.75
CA LYS A 557 -21.26 -6.16 3.74
C LYS A 557 -22.53 -6.96 3.36
N ASN A 558 -22.38 -8.27 3.18
CA ASN A 558 -23.45 -9.15 2.64
C ASN A 558 -24.37 -9.67 3.74
N VAL A 559 -24.03 -9.52 5.03
CA VAL A 559 -24.87 -10.08 6.15
C VAL A 559 -25.43 -8.95 7.01
N VAL A 560 -24.85 -7.75 7.00
CA VAL A 560 -25.16 -6.70 8.00
C VAL A 560 -26.68 -6.41 8.01
N ASP A 561 -27.29 -6.31 6.83
CA ASP A 561 -28.69 -5.86 6.68
C ASP A 561 -29.66 -7.03 6.82
N LYS A 562 -29.16 -8.26 7.00
CA LYS A 562 -29.97 -9.50 7.10
C LYS A 562 -30.02 -10.01 8.53
N VAL A 563 -29.32 -9.35 9.47
CA VAL A 563 -29.27 -9.82 10.88
C VAL A 563 -29.69 -8.63 11.75
N ASN A 564 -30.12 -8.91 12.98
CA ASN A 564 -30.77 -7.92 13.86
C ASN A 564 -29.73 -7.28 14.79
N ALA A 565 -28.76 -8.06 15.25
CA ALA A 565 -27.65 -7.59 16.10
C ALA A 565 -26.35 -8.27 15.68
N ILE A 566 -25.23 -7.59 15.92
CA ILE A 566 -23.88 -8.17 15.67
C ILE A 566 -23.00 -7.84 16.87
N LEU A 567 -22.43 -8.87 17.50
CA LEU A 567 -21.41 -8.75 18.57
C LEU A 567 -20.06 -9.14 18.00
N GLN A 568 -19.08 -8.24 18.11
CA GLN A 568 -17.67 -8.57 17.78
C GLN A 568 -17.01 -9.07 19.07
N VAL A 569 -16.59 -10.33 19.05
CA VAL A 569 -15.91 -11.00 20.19
C VAL A 569 -14.53 -11.39 19.71
N TRP A 570 -13.58 -10.48 19.83
CA TRP A 570 -12.14 -10.73 19.61
C TRP A 570 -11.74 -11.92 20.48
N LEU A 571 -11.10 -12.92 19.86
CA LEU A 571 -10.65 -14.18 20.50
C LEU A 571 -10.49 -13.95 22.00
N PRO A 572 -11.47 -14.39 22.81
CA PRO A 572 -11.56 -13.95 24.21
C PRO A 572 -10.87 -14.82 25.27
N GLY A 573 -10.29 -15.95 24.89
CA GLY A 573 -9.69 -16.87 25.88
C GLY A 573 -10.75 -17.47 26.80
N GLU A 574 -10.34 -17.86 28.00
CA GLU A 574 -11.12 -18.79 28.86
C GLU A 574 -12.39 -18.13 29.41
N ALA A 575 -12.45 -16.80 29.44
CA ALA A 575 -13.61 -16.05 30.00
C ALA A 575 -14.65 -15.74 28.91
N GLY A 576 -14.43 -16.20 27.68
CA GLY A 576 -15.22 -15.79 26.51
C GLY A 576 -16.70 -16.10 26.65
N GLY A 577 -17.04 -17.36 26.97
CA GLY A 577 -18.44 -17.85 26.99
C GLY A 577 -19.29 -17.02 27.92
N ARG A 578 -18.86 -16.89 29.17
CA ARG A 578 -19.60 -16.20 30.24
C ARG A 578 -19.86 -14.75 29.82
N ALA A 579 -18.83 -14.06 29.27
CA ALA A 579 -18.91 -12.63 28.89
C ALA A 579 -19.93 -12.47 27.76
N ILE A 580 -19.89 -13.36 26.76
CA ILE A 580 -20.82 -13.29 25.60
C ILE A 580 -22.26 -13.41 26.12
N VAL A 581 -22.52 -14.40 26.99
CA VAL A 581 -23.88 -14.70 27.49
C VAL A 581 -24.32 -13.56 28.41
N ASP A 582 -23.45 -13.11 29.31
CA ASP A 582 -23.70 -11.92 30.20
C ASP A 582 -24.18 -10.73 29.36
N ILE A 583 -23.54 -10.49 28.22
CA ILE A 583 -23.84 -9.32 27.34
C ILE A 583 -25.15 -9.56 26.58
N ILE A 584 -25.34 -10.78 26.05
CA ILE A 584 -26.56 -11.09 25.25
C ILE A 584 -27.79 -10.85 26.14
N TYR A 585 -27.73 -11.19 27.43
CA TYR A 585 -28.92 -11.09 28.34
C TYR A 585 -28.87 -9.82 29.19
N GLY A 586 -27.90 -8.92 28.95
CA GLY A 586 -27.90 -7.58 29.58
C GLY A 586 -27.47 -7.61 31.03
N LYS A 587 -26.92 -8.71 31.52
CA LYS A 587 -26.27 -8.74 32.86
C LYS A 587 -25.04 -7.85 32.82
N VAL A 588 -24.44 -7.73 31.63
CA VAL A 588 -23.35 -6.75 31.37
C VAL A 588 -23.81 -5.87 30.20
N ASN A 589 -23.65 -4.57 30.35
CA ASN A 589 -23.94 -3.59 29.29
C ASN A 589 -22.68 -3.50 28.41
N PRO A 590 -22.75 -3.82 27.10
CA PRO A 590 -21.56 -3.75 26.25
C PRO A 590 -20.98 -2.34 26.22
N SER A 591 -19.65 -2.25 26.27
CA SER A 591 -18.92 -0.95 26.35
C SER A 591 -17.64 -0.96 25.51
N GLY A 592 -17.33 -2.05 24.80
CA GLY A 592 -16.17 -2.12 23.90
C GLY A 592 -16.34 -1.16 22.75
N LYS A 593 -15.22 -0.59 22.25
CA LYS A 593 -15.19 0.25 21.03
C LYS A 593 -14.14 -0.27 20.06
N LEU A 594 -14.42 -0.23 18.76
CA LEU A 594 -13.44 -0.70 17.74
C LEU A 594 -12.12 0.05 17.89
N PRO A 595 -10.99 -0.67 18.05
CA PRO A 595 -9.65 -0.10 17.94
C PRO A 595 -9.07 -0.17 16.51
N ILE A 596 -9.88 -0.66 15.57
CA ILE A 596 -9.51 -0.76 14.13
C ILE A 596 -10.78 -0.69 13.28
N SER A 597 -10.71 -0.01 12.14
CA SER A 597 -11.82 0.13 11.15
C SER A 597 -12.23 -1.25 10.58
N PHE A 598 -13.52 -1.47 10.34
CA PHE A 598 -14.05 -2.68 9.65
C PHE A 598 -14.31 -2.31 8.22
N PRO A 599 -13.46 -2.79 7.28
CA PRO A 599 -13.69 -2.50 5.86
C PRO A 599 -15.00 -3.11 5.37
N ARG A 600 -15.65 -2.46 4.42
CA ARG A 600 -16.78 -3.05 3.66
C ARG A 600 -16.32 -4.25 2.83
N SER A 601 -15.07 -4.23 2.36
CA SER A 601 -14.47 -5.25 1.48
C SER A 601 -12.95 -5.11 1.50
N ALA A 602 -12.23 -6.17 1.11
CA ALA A 602 -10.76 -6.17 0.99
C ALA A 602 -10.29 -5.06 0.02
N GLY A 603 -11.05 -4.81 -1.06
CA GLY A 603 -10.66 -3.86 -2.12
C GLY A 603 -10.65 -2.43 -1.61
N GLN A 604 -11.22 -2.20 -0.42
CA GLN A 604 -11.28 -0.87 0.24
C GLN A 604 -9.99 -0.61 1.05
N ILE A 605 -9.13 -1.61 1.24
CA ILE A 605 -7.98 -1.49 2.16
C ILE A 605 -6.96 -0.51 1.57
N PRO A 606 -6.37 0.42 2.38
CA PRO A 606 -6.69 0.58 3.80
C PRO A 606 -7.77 1.65 4.08
N VAL A 607 -8.49 1.47 5.18
CA VAL A 607 -9.45 2.45 5.77
C VAL A 607 -9.01 2.68 7.20
N PHE A 608 -8.82 3.94 7.57
CA PHE A 608 -8.42 4.34 8.94
C PHE A 608 -8.98 5.74 9.19
N HIS A 609 -9.14 6.12 10.45
CA HIS A 609 -9.93 7.35 10.77
C HIS A 609 -9.09 8.61 10.51
N TYR A 610 -7.77 8.52 10.54
CA TYR A 610 -6.84 9.68 10.56
C TYR A 610 -6.26 9.95 9.16
N VAL A 611 -7.05 9.70 8.12
CA VAL A 611 -6.70 10.07 6.72
C VAL A 611 -6.50 11.59 6.63
N LYS A 612 -5.64 11.98 5.70
CA LYS A 612 -5.38 13.36 5.24
C LYS A 612 -6.61 13.83 4.47
N PRO A 613 -6.76 15.13 4.18
CA PRO A 613 -7.92 15.59 3.44
C PRO A 613 -8.12 14.84 2.12
N SER A 614 -7.04 14.33 1.51
CA SER A 614 -7.08 13.59 0.22
C SER A 614 -7.22 12.07 0.44
N GLY A 615 -7.07 11.60 1.67
CA GLY A 615 -7.28 10.17 2.02
C GLY A 615 -8.74 9.86 2.28
N GLY A 616 -9.08 8.57 2.27
CA GLY A 616 -10.43 8.06 2.64
C GLY A 616 -11.49 8.48 1.63
N ARG A 617 -11.08 8.89 0.42
CA ARG A 617 -12.01 9.27 -0.68
C ARG A 617 -11.26 9.15 -2.00
N SER A 618 -12.01 8.96 -3.08
CA SER A 618 -11.54 9.03 -4.49
C SER A 618 -12.04 10.36 -5.06
N HIS A 619 -11.16 11.16 -5.63
CA HIS A 619 -11.52 12.50 -6.13
C HIS A 619 -11.86 12.51 -7.62
N TRP A 620 -13.14 12.75 -7.87
CA TRP A 620 -13.95 13.93 -7.46
C TRP A 620 -15.39 13.42 -7.23
N HIS A 621 -15.64 12.09 -7.34
CA HIS A 621 -16.97 11.46 -7.10
C HIS A 621 -17.07 10.94 -5.66
N GLY A 622 -15.97 10.94 -4.90
CA GLY A 622 -15.91 10.55 -3.48
C GLY A 622 -15.76 9.04 -3.30
N ASP A 623 -16.64 8.28 -3.93
CA ASP A 623 -16.68 6.81 -3.79
C ASP A 623 -15.94 6.14 -4.96
N TYR A 624 -15.60 4.88 -4.77
CA TYR A 624 -15.25 3.94 -5.84
C TYR A 624 -16.51 3.77 -6.71
N VAL A 625 -16.33 3.24 -7.92
CA VAL A 625 -17.46 2.87 -8.84
C VAL A 625 -18.38 1.88 -8.13
N ASP A 626 -17.80 0.94 -7.38
CA ASP A 626 -18.46 -0.29 -6.90
C ASP A 626 -18.61 -0.29 -5.38
N GLU A 627 -18.24 0.76 -4.67
CA GLU A 627 -18.00 0.65 -3.20
C GLU A 627 -17.88 2.04 -2.57
N SER A 628 -18.41 2.20 -1.36
CA SER A 628 -18.15 3.38 -0.49
C SER A 628 -16.67 3.38 -0.14
N THR A 629 -16.07 4.55 0.01
CA THR A 629 -14.70 4.70 0.57
C THR A 629 -14.75 4.76 2.11
N LYS A 630 -15.94 4.73 2.73
CA LYS A 630 -16.08 4.73 4.22
C LYS A 630 -16.05 3.31 4.75
N PRO A 631 -15.41 3.01 5.90
CA PRO A 631 -15.46 1.66 6.47
C PRO A 631 -16.91 1.32 6.85
N LEU A 632 -17.23 0.04 6.98
CA LEU A 632 -18.60 -0.39 7.38
C LEU A 632 -18.83 0.06 8.82
N PHE A 633 -17.88 -0.24 9.72
CA PHE A 633 -17.86 0.29 11.09
C PHE A 633 -16.58 1.10 11.27
N PRO A 634 -16.69 2.36 11.75
CA PRO A 634 -15.52 3.21 11.94
C PRO A 634 -14.77 2.97 13.27
N PHE A 635 -13.54 3.49 13.33
CA PHE A 635 -12.69 3.49 14.54
C PHE A 635 -13.49 4.11 15.69
N GLY A 636 -13.47 3.45 16.85
CA GLY A 636 -14.12 3.96 18.08
C GLY A 636 -15.60 3.59 18.15
N HIS A 637 -16.12 2.83 17.19
CA HIS A 637 -17.55 2.43 17.15
C HIS A 637 -17.79 1.35 18.20
N GLY A 638 -18.86 1.52 18.96
CA GLY A 638 -19.40 0.53 19.90
C GLY A 638 -20.68 1.06 20.53
N LEU A 639 -21.76 0.28 20.45
CA LEU A 639 -23.08 0.70 20.96
C LEU A 639 -23.22 0.21 22.40
N SER A 640 -24.25 0.71 23.06
CA SER A 640 -24.58 0.43 24.48
C SER A 640 -26.06 0.04 24.54
N TYR A 641 -26.48 -0.61 25.62
CA TYR A 641 -27.92 -0.83 25.93
C TYR A 641 -28.49 0.43 26.64
N THR A 642 -27.69 1.46 26.86
CA THR A 642 -28.17 2.78 27.35
C THR A 642 -27.75 3.85 26.35
N LYS A 643 -28.16 5.11 26.60
CA LYS A 643 -27.83 6.29 25.80
C LYS A 643 -26.99 7.26 26.64
N PHE A 644 -25.96 7.88 26.04
CA PHE A 644 -25.09 8.88 26.71
C PHE A 644 -25.29 10.22 26.01
N GLU A 645 -25.56 11.25 26.80
CA GLU A 645 -25.75 12.63 26.30
C GLU A 645 -24.52 13.44 26.69
N TYR A 646 -23.87 14.05 25.70
CA TYR A 646 -22.68 14.92 25.86
C TYR A 646 -23.15 16.37 25.87
N SER A 647 -22.70 17.18 26.82
CA SER A 647 -23.05 18.62 26.82
C SER A 647 -21.89 19.44 27.33
N ASN A 648 -22.01 20.77 27.20
CA ASN A 648 -21.21 21.73 28.00
C ASN A 648 -19.72 21.57 27.66
N LEU A 649 -19.35 21.65 26.38
CA LEU A 649 -17.95 21.65 25.92
C LEU A 649 -17.27 22.92 26.44
N ARG A 650 -16.17 22.77 27.19
CA ARG A 650 -15.26 23.88 27.58
C ARG A 650 -13.85 23.61 27.05
N ILE A 651 -13.25 24.63 26.44
CA ILE A 651 -11.83 24.64 25.96
C ILE A 651 -11.18 25.92 26.50
N GLU A 652 -10.23 25.78 27.41
CA GLU A 652 -9.62 26.92 28.13
C GLU A 652 -8.11 26.68 28.19
N PRO A 653 -7.26 27.64 27.81
CA PRO A 653 -7.66 29.00 27.48
C PRO A 653 -8.43 29.34 26.19
N LYS A 654 -8.03 28.87 25.01
CA LYS A 654 -8.61 29.32 23.70
C LYS A 654 -7.48 29.82 22.80
N GLU A 655 -6.52 30.54 23.38
CA GLU A 655 -5.21 30.84 22.74
C GLU A 655 -4.12 30.31 23.67
N VAL A 656 -3.22 29.50 23.13
CA VAL A 656 -2.09 28.91 23.90
C VAL A 656 -0.83 29.11 23.07
N PRO A 657 0.34 29.31 23.70
CA PRO A 657 1.59 29.38 22.96
C PRO A 657 2.02 27.95 22.67
N PRO A 658 3.05 27.78 21.80
CA PRO A 658 3.36 26.48 21.22
C PRO A 658 3.89 25.41 22.18
N ALA A 659 4.12 25.73 23.45
CA ALA A 659 4.43 24.70 24.47
C ALA A 659 3.42 24.84 25.63
N GLY A 660 2.25 25.38 25.33
CA GLY A 660 1.19 25.60 26.33
C GLY A 660 0.34 24.37 26.57
N GLU A 661 -0.76 24.56 27.28
CA GLU A 661 -1.67 23.45 27.64
C GLU A 661 -3.11 23.91 27.46
N VAL A 662 -3.96 23.07 26.88
CA VAL A 662 -5.41 23.39 26.82
C VAL A 662 -6.14 22.36 27.67
N VAL A 663 -7.17 22.80 28.38
CA VAL A 663 -8.02 21.94 29.23
C VAL A 663 -9.39 21.86 28.55
N ILE A 664 -9.75 20.65 28.12
CA ILE A 664 -11.01 20.36 27.42
C ILE A 664 -11.89 19.56 28.37
N LYS A 665 -13.09 20.07 28.65
CA LYS A 665 -14.08 19.44 29.56
C LYS A 665 -15.38 19.22 28.80
N VAL A 666 -15.99 18.05 29.00
CA VAL A 666 -17.36 17.70 28.52
C VAL A 666 -18.12 17.05 29.68
N ASP A 667 -19.42 17.34 29.78
CA ASP A 667 -20.33 16.60 30.68
C ASP A 667 -20.95 15.46 29.86
N VAL A 668 -21.00 14.29 30.48
CA VAL A 668 -21.61 13.06 29.90
C VAL A 668 -22.61 12.53 30.93
N GLU A 669 -23.86 12.36 30.49
CA GLU A 669 -25.00 11.87 31.31
C GLU A 669 -25.52 10.57 30.69
N ASN A 670 -25.65 9.53 31.53
CA ASN A 670 -26.42 8.30 31.22
C ASN A 670 -27.91 8.63 31.35
N ILE A 671 -28.56 8.93 30.22
CA ILE A 671 -29.99 9.37 30.17
C ILE A 671 -30.91 8.16 30.01
N GLY A 672 -30.35 6.96 29.78
CA GLY A 672 -31.15 5.71 29.67
C GLY A 672 -31.44 5.10 31.02
N ASP A 673 -31.82 3.80 31.03
CA ASP A 673 -32.36 3.07 32.21
C ASP A 673 -31.38 1.99 32.69
N ARG A 674 -30.25 1.78 32.02
CA ARG A 674 -29.22 0.81 32.48
C ARG A 674 -27.92 1.54 32.81
N ASP A 675 -27.25 1.13 33.89
CA ASP A 675 -25.82 1.42 34.15
C ASP A 675 -25.00 1.03 32.90
N GLY A 676 -23.95 1.78 32.60
CA GLY A 676 -23.06 1.48 31.47
C GLY A 676 -21.78 2.31 31.52
N ASP A 677 -20.70 1.77 30.92
CA ASP A 677 -19.44 2.51 30.67
C ASP A 677 -19.55 3.18 29.29
N GLU A 678 -19.21 4.46 29.20
CA GLU A 678 -19.01 5.17 27.91
C GLU A 678 -17.50 5.35 27.73
N VAL A 679 -17.00 5.15 26.52
CA VAL A 679 -15.60 5.54 26.16
C VAL A 679 -15.67 6.86 25.40
N VAL A 680 -15.38 7.95 26.12
CA VAL A 680 -15.34 9.34 25.58
C VAL A 680 -14.02 9.49 24.80
N GLN A 681 -14.12 9.95 23.55
CA GLN A 681 -12.98 10.01 22.61
C GLN A 681 -12.76 11.46 22.18
N LEU A 682 -11.50 11.90 22.28
CA LEU A 682 -11.02 13.23 21.81
C LEU A 682 -10.28 13.06 20.46
N TYR A 683 -10.82 13.69 19.43
CA TYR A 683 -10.19 13.81 18.09
C TYR A 683 -9.74 15.26 17.90
N ILE A 684 -8.53 15.40 17.35
CA ILE A 684 -7.93 16.72 17.02
C ILE A 684 -7.73 16.79 15.51
N GLY A 685 -8.17 17.88 14.91
CA GLY A 685 -7.97 18.17 13.48
C GLY A 685 -7.11 19.40 13.28
N ARG A 686 -6.29 19.38 12.24
CA ARG A 686 -5.41 20.52 11.88
C ARG A 686 -5.49 20.71 10.37
N GLU A 687 -5.71 21.95 9.96
CA GLU A 687 -5.56 22.44 8.56
C GLU A 687 -4.57 23.60 8.56
N PHE A 688 -4.00 23.92 7.40
CA PHE A 688 -3.05 25.05 7.20
C PHE A 688 -1.86 24.91 8.14
N ALA A 689 -1.35 23.68 8.26
CA ALA A 689 0.05 23.41 8.63
C ALA A 689 0.91 23.51 7.37
N SER A 690 2.22 23.46 7.54
CA SER A 690 3.20 23.49 6.43
C SER A 690 3.20 22.13 5.71
N VAL A 691 2.65 21.09 6.35
CA VAL A 691 2.40 19.76 5.74
C VAL A 691 0.91 19.42 5.88
N THR A 692 0.40 18.45 5.10
CA THR A 692 -0.99 17.97 5.26
C THR A 692 -1.11 17.21 6.59
N ARG A 693 -2.25 17.35 7.24
CA ARG A 693 -2.49 16.75 8.57
C ARG A 693 -3.81 15.97 8.50
N PRO A 694 -3.96 14.91 9.32
CA PRO A 694 -5.25 14.22 9.45
C PRO A 694 -6.40 15.19 9.73
N VAL A 695 -7.54 15.02 9.05
CA VAL A 695 -8.78 15.80 9.30
C VAL A 695 -9.17 15.55 10.76
N LYS A 696 -8.96 14.35 11.26
CA LYS A 696 -9.18 14.05 12.69
C LYS A 696 -8.28 12.89 13.08
N GLU A 697 -7.77 12.93 14.31
CA GLU A 697 -6.92 11.85 14.86
C GLU A 697 -7.16 11.76 16.36
N LEU A 698 -7.28 10.54 16.89
CA LEU A 698 -7.45 10.29 18.34
C LEU A 698 -6.21 10.84 19.07
N LYS A 699 -6.43 11.72 20.05
CA LYS A 699 -5.36 12.30 20.92
C LYS A 699 -5.73 12.19 22.41
N GLY A 700 -6.85 11.54 22.73
CA GLY A 700 -7.26 11.36 24.13
C GLY A 700 -8.50 10.53 24.24
N PHE A 701 -8.70 9.87 25.39
CA PHE A 701 -9.91 9.06 25.62
C PHE A 701 -10.03 8.76 27.11
N LYS A 702 -11.25 8.47 27.55
CA LYS A 702 -11.52 8.11 28.96
C LYS A 702 -12.71 7.15 29.00
N ARG A 703 -12.52 5.95 29.54
CA ARG A 703 -13.61 5.03 29.95
C ARG A 703 -14.20 5.61 31.24
N VAL A 704 -15.47 6.03 31.19
CA VAL A 704 -16.19 6.59 32.37
C VAL A 704 -17.42 5.71 32.68
N SER A 705 -17.54 5.25 33.93
CA SER A 705 -18.71 4.50 34.46
C SER A 705 -19.80 5.48 34.88
N LEU A 706 -21.01 5.28 34.36
CA LEU A 706 -22.19 6.12 34.65
C LEU A 706 -23.36 5.20 35.01
N LYS A 707 -23.85 5.32 36.24
CA LYS A 707 -25.16 4.73 36.63
C LYS A 707 -26.26 5.42 35.84
N ALA A 708 -27.40 4.77 35.70
CA ALA A 708 -28.57 5.39 35.04
C ALA A 708 -28.79 6.75 35.71
N LYS A 709 -28.91 7.80 34.90
CA LYS A 709 -29.21 9.20 35.33
C LYS A 709 -27.99 9.86 35.98
N GLU A 710 -26.83 9.20 36.08
CA GLU A 710 -25.60 9.83 36.60
C GLU A 710 -24.96 10.68 35.49
N LYS A 711 -24.49 11.87 35.87
CA LYS A 711 -23.75 12.80 34.99
C LYS A 711 -22.39 13.06 35.61
N LYS A 712 -21.35 13.04 34.80
CA LYS A 712 -19.97 13.37 35.21
C LYS A 712 -19.33 14.30 34.17
N THR A 713 -18.27 14.98 34.58
CA THR A 713 -17.39 15.79 33.68
C THR A 713 -16.15 14.96 33.36
N VAL A 714 -15.83 14.84 32.07
CA VAL A 714 -14.54 14.24 31.62
C VAL A 714 -13.61 15.39 31.26
N VAL A 715 -12.37 15.33 31.74
CA VAL A 715 -11.40 16.44 31.55
C VAL A 715 -10.18 15.87 30.82
N PHE A 716 -9.81 16.53 29.71
CA PHE A 716 -8.59 16.21 28.92
C PHE A 716 -7.62 17.40 29.08
N ARG A 717 -6.46 17.13 29.68
CA ARG A 717 -5.36 18.11 29.80
C ARG A 717 -4.40 17.80 28.65
N LEU A 718 -4.46 18.63 27.61
CA LEU A 718 -3.77 18.42 26.31
C LEU A 718 -2.60 19.43 26.20
N HIS A 719 -1.39 18.93 26.45
CA HIS A 719 -0.12 19.67 26.23
C HIS A 719 0.15 19.74 24.72
N MET A 720 0.63 20.88 24.22
CA MET A 720 0.89 21.08 22.76
C MET A 720 1.97 20.09 22.30
N ASP A 721 2.87 19.65 23.18
CA ASP A 721 3.81 18.55 22.88
C ASP A 721 3.09 17.37 22.18
N VAL A 722 1.89 17.03 22.64
CA VAL A 722 1.13 15.82 22.19
C VAL A 722 0.73 15.96 20.72
N LEU A 723 0.56 17.19 20.21
CA LEU A 723 0.07 17.52 18.85
C LEU A 723 1.23 17.71 17.87
N ALA A 724 2.48 17.56 18.31
CA ALA A 724 3.66 17.78 17.45
C ALA A 724 3.63 16.82 16.25
N TYR A 725 4.08 17.29 15.09
CA TYR A 725 4.20 16.50 13.83
C TYR A 725 5.50 16.92 13.12
N TYR A 726 5.93 16.13 12.14
CA TYR A 726 7.15 16.36 11.32
C TYR A 726 6.82 17.26 10.15
N ASN A 727 7.64 18.29 9.96
CA ASN A 727 7.46 19.32 8.90
C ASN A 727 8.23 18.88 7.65
N ARG A 728 8.37 19.79 6.69
CA ARG A 728 8.96 19.51 5.35
C ARG A 728 10.43 19.15 5.47
N ASP A 729 11.10 19.62 6.52
CA ASP A 729 12.54 19.39 6.79
C ASP A 729 12.72 18.28 7.82
N MET A 730 11.65 17.57 8.17
CA MET A 730 11.70 16.43 9.11
C MET A 730 12.04 16.93 10.52
N LYS A 731 11.63 18.14 10.86
CA LYS A 731 11.71 18.62 12.27
C LYS A 731 10.37 18.35 12.96
N LEU A 732 10.41 17.92 14.20
CA LEU A 732 9.22 17.82 15.07
C LEU A 732 8.80 19.23 15.49
N VAL A 733 7.61 19.66 15.11
CA VAL A 733 7.17 21.07 15.36
C VAL A 733 5.75 21.13 15.92
N VAL A 734 5.47 22.26 16.57
CA VAL A 734 4.11 22.84 16.74
C VAL A 734 4.11 24.18 16.02
N GLU A 735 3.13 24.38 15.14
CA GLU A 735 3.00 25.60 14.31
C GLU A 735 1.82 26.41 14.79
N PRO A 736 1.89 27.76 14.78
CA PRO A 736 0.74 28.58 15.14
C PRO A 736 -0.39 28.24 14.17
N GLY A 737 -1.63 28.40 14.62
CA GLY A 737 -2.85 28.17 13.83
C GLY A 737 -3.93 27.57 14.71
N GLU A 738 -5.01 27.10 14.08
CA GLU A 738 -6.26 26.65 14.73
C GLU A 738 -6.28 25.11 14.74
N PHE A 739 -6.56 24.54 15.91
CA PHE A 739 -6.81 23.10 16.10
C PHE A 739 -8.31 22.88 16.35
N LYS A 740 -8.90 21.94 15.60
CA LYS A 740 -10.32 21.54 15.77
C LYS A 740 -10.41 20.48 16.87
N VAL A 741 -11.31 20.70 17.83
CA VAL A 741 -11.63 19.75 18.92
C VAL A 741 -12.94 19.04 18.56
N MET A 742 -12.91 17.71 18.56
CA MET A 742 -14.10 16.86 18.27
C MET A 742 -14.14 15.77 19.34
N VAL A 743 -15.17 15.82 20.17
CA VAL A 743 -15.38 14.86 21.30
C VAL A 743 -16.62 14.03 20.99
N GLY A 744 -16.55 12.72 21.16
CA GLY A 744 -17.72 11.88 20.83
C GLY A 744 -17.57 10.44 21.25
N SER A 745 -18.52 9.63 20.80
CA SER A 745 -18.73 8.23 21.21
C SER A 745 -18.07 7.30 20.18
N SER A 746 -17.69 7.86 19.02
CA SER A 746 -16.82 7.18 18.02
C SER A 746 -16.16 8.25 17.13
N SER A 747 -15.33 7.83 16.18
CA SER A 747 -14.63 8.77 15.26
C SER A 747 -15.64 9.42 14.32
N GLU A 748 -16.84 8.83 14.15
CA GLU A 748 -17.93 9.39 13.31
C GLU A 748 -19.04 9.99 14.19
N ASP A 749 -19.28 9.39 15.35
CA ASP A 749 -20.34 9.83 16.29
C ASP A 749 -19.76 10.92 17.21
N ILE A 750 -19.37 12.03 16.60
CA ILE A 750 -18.88 13.27 17.25
C ILE A 750 -20.11 14.01 17.81
N ARG A 751 -20.09 14.35 19.09
CA ARG A 751 -21.23 14.99 19.81
C ARG A 751 -20.98 16.50 20.00
N LEU A 752 -19.74 16.92 20.30
CA LEU A 752 -19.40 18.36 20.52
C LEU A 752 -18.14 18.74 19.74
N THR A 753 -18.13 19.95 19.20
CA THR A 753 -17.06 20.53 18.36
C THR A 753 -16.72 21.93 18.85
N GLY A 754 -15.46 22.29 18.74
CA GLY A 754 -14.92 23.63 18.97
C GLY A 754 -13.49 23.71 18.49
N SER A 755 -12.78 24.73 18.92
CA SER A 755 -11.39 24.95 18.50
C SER A 755 -10.65 25.78 19.55
N PHE A 756 -9.34 25.79 19.42
CA PHE A 756 -8.40 26.69 20.11
C PHE A 756 -7.31 27.03 19.10
N SER A 757 -6.54 28.09 19.39
CA SER A 757 -5.43 28.57 18.53
C SER A 757 -4.13 28.46 19.28
N VAL A 758 -3.10 28.02 18.57
CA VAL A 758 -1.70 28.20 19.01
C VAL A 758 -1.24 29.54 18.41
N VAL A 759 -0.76 30.43 19.27
CA VAL A 759 -0.28 31.80 18.89
C VAL A 759 1.20 31.89 19.29
N GLY A 760 2.03 32.43 18.41
CA GLY A 760 3.47 32.57 18.61
C GLY A 760 4.26 32.05 17.42
N GLU A 761 5.57 31.90 17.58
CA GLU A 761 6.48 31.50 16.49
C GLU A 761 6.46 29.98 16.44
N LYS A 762 6.58 29.41 15.24
CA LYS A 762 6.83 27.96 15.03
C LYS A 762 7.79 27.49 16.11
N ARG A 763 7.52 26.37 16.74
CA ARG A 763 8.39 25.78 17.78
C ARG A 763 8.98 24.46 17.25
N GLU A 764 10.29 24.28 17.32
CA GLU A 764 10.91 22.95 17.17
C GLU A 764 10.84 22.28 18.55
N VAL A 765 10.16 21.13 18.63
CA VAL A 765 10.03 20.32 19.86
C VAL A 765 11.31 19.49 19.99
N VAL A 766 12.21 19.86 20.91
CA VAL A 766 13.49 19.12 21.06
C VAL A 766 13.50 18.39 22.40
N GLY A 767 14.23 17.28 22.44
CA GLY A 767 14.42 16.45 23.63
C GLY A 767 13.11 15.86 24.13
N MET A 768 13.04 15.57 25.42
CA MET A 768 11.85 14.97 26.05
C MET A 768 10.67 15.91 25.87
N ARG A 769 9.51 15.32 25.54
CA ARG A 769 8.22 16.01 25.37
C ARG A 769 7.13 15.07 25.90
N LYS A 770 5.95 15.62 26.21
CA LYS A 770 4.78 14.80 26.60
C LYS A 770 4.27 14.05 25.36
N PHE A 771 3.92 12.78 25.53
CA PHE A 771 3.28 11.95 24.48
C PHE A 771 1.76 11.88 24.67
N PHE A 772 1.25 12.03 25.90
CA PHE A 772 -0.16 11.69 26.22
C PHE A 772 -0.92 12.89 26.76
N THR A 773 -2.19 12.96 26.37
CA THR A 773 -3.26 13.71 27.06
C THR A 773 -3.45 13.09 28.44
N GLU A 774 -3.69 13.90 29.45
CA GLU A 774 -4.07 13.42 30.81
C GLU A 774 -5.59 13.52 30.87
N ALA A 775 -6.22 12.40 31.18
CA ALA A 775 -7.68 12.18 31.10
C ALA A 775 -8.14 11.83 32.49
N CYS A 776 -9.10 12.55 33.05
CA CYS A 776 -9.71 12.11 34.31
C CYS A 776 -11.17 12.55 34.39
N GLU A 777 -11.82 12.20 35.50
CA GLU A 777 -13.23 12.58 35.79
C GLU A 777 -13.27 13.58 36.93
N GLU A 778 -14.29 14.42 36.93
CA GLU A 778 -14.64 15.44 37.96
C GLU A 778 -16.14 15.33 38.21
N ALA A 779 -16.63 15.84 39.33
CA ALA A 779 -18.08 16.09 39.57
C ALA A 779 -18.52 17.13 38.54
N ALA A 780 -19.68 16.95 37.91
CA ALA A 780 -20.34 17.97 37.06
C ALA A 780 -21.10 18.95 37.97
N ALA A 781 -21.38 20.15 37.48
CA ALA A 781 -21.98 21.29 38.22
C ALA A 781 -23.20 21.81 37.47
N MET B 1 16.53 45.70 -35.41
CA MET B 1 15.47 45.91 -34.40
C MET B 1 16.03 45.52 -33.02
N GLU B 2 15.18 45.46 -31.98
CA GLU B 2 15.53 44.91 -30.65
C GLU B 2 16.19 43.54 -30.82
N LEU B 3 17.22 43.24 -30.03
CA LEU B 3 17.96 41.95 -30.02
C LEU B 3 17.00 40.75 -29.94
N TYR B 4 15.91 40.82 -29.17
CA TYR B 4 15.00 39.66 -29.00
C TYR B 4 14.30 39.34 -30.33
N ARG B 5 14.13 40.31 -31.22
CA ARG B 5 13.43 40.13 -32.51
C ARG B 5 14.43 39.67 -33.58
N ASP B 6 15.73 39.63 -33.26
CA ASP B 6 16.81 39.37 -34.25
C ASP B 6 17.11 37.88 -34.25
N PRO B 7 16.77 37.15 -35.34
CA PRO B 7 16.97 35.71 -35.41
C PRO B 7 18.43 35.23 -35.53
N SER B 8 19.40 36.12 -35.72
CA SER B 8 20.86 35.81 -35.79
C SER B 8 21.48 35.74 -34.38
N GLN B 9 20.79 36.26 -33.37
CA GLN B 9 21.29 36.28 -31.98
C GLN B 9 21.05 34.90 -31.37
N PRO B 10 21.99 34.38 -30.55
CA PRO B 10 21.73 33.15 -29.79
C PRO B 10 20.50 33.31 -28.90
N ILE B 11 19.80 32.20 -28.66
CA ILE B 11 18.52 32.21 -27.92
C ILE B 11 18.75 32.84 -26.53
N GLU B 12 19.87 32.55 -25.85
CA GLU B 12 20.09 33.05 -24.47
C GLU B 12 20.13 34.59 -24.50
N VAL B 13 20.72 35.18 -25.54
CA VAL B 13 20.81 36.66 -25.73
C VAL B 13 19.39 37.23 -25.99
N ARG B 14 18.60 36.56 -26.82
CA ARG B 14 17.21 37.00 -27.14
C ARG B 14 16.39 36.95 -25.86
N VAL B 15 16.50 35.88 -25.09
CA VAL B 15 15.77 35.70 -23.80
C VAL B 15 16.12 36.85 -22.84
N ARG B 16 17.41 37.10 -22.62
CA ARG B 16 17.91 38.14 -21.68
C ARG B 16 17.38 39.51 -22.14
N ASP B 17 17.41 39.76 -23.45
CA ASP B 17 17.01 41.07 -24.01
C ASP B 17 15.52 41.25 -23.75
N LEU B 18 14.69 40.27 -24.12
CA LEU B 18 13.24 40.31 -23.91
C LEU B 18 12.92 40.47 -22.41
N LEU B 19 13.48 39.64 -21.53
CA LEU B 19 13.24 39.73 -20.06
C LEU B 19 13.52 41.14 -19.56
N SER B 20 14.65 41.76 -19.93
CA SER B 20 15.04 43.12 -19.48
C SER B 20 13.99 44.15 -19.90
N ARG B 21 13.19 43.87 -20.93
CA ARG B 21 12.22 44.86 -21.49
C ARG B 21 10.86 44.73 -20.80
N MET B 22 10.62 43.67 -20.02
CA MET B 22 9.25 43.29 -19.61
C MET B 22 8.92 43.96 -18.28
N THR B 23 7.69 44.44 -18.11
CA THR B 23 7.14 44.82 -16.79
C THR B 23 6.86 43.54 -15.97
N LEU B 24 6.63 43.72 -14.68
CA LEU B 24 6.25 42.66 -13.74
C LEU B 24 4.96 41.97 -14.23
N GLU B 25 3.99 42.76 -14.69
CA GLU B 25 2.69 42.27 -15.22
C GLU B 25 2.90 41.37 -16.46
N GLU B 26 3.77 41.76 -17.39
CA GLU B 26 4.02 40.99 -18.62
C GLU B 26 4.73 39.67 -18.24
N LYS B 27 5.58 39.70 -17.22
CA LYS B 27 6.35 38.51 -16.75
C LYS B 27 5.34 37.51 -16.19
N VAL B 28 4.47 37.96 -15.30
CA VAL B 28 3.51 37.06 -14.61
C VAL B 28 2.51 36.49 -15.62
N ALA B 29 2.15 37.22 -16.68
CA ALA B 29 1.24 36.73 -17.74
C ALA B 29 1.87 35.53 -18.48
N GLN B 30 3.19 35.50 -18.63
CA GLN B 30 3.90 34.39 -19.33
C GLN B 30 3.87 33.13 -18.48
N LEU B 31 3.51 33.23 -17.20
CA LEU B 31 3.42 32.06 -16.31
C LEU B 31 1.97 31.58 -16.21
N GLY B 32 1.05 32.20 -16.96
CA GLY B 32 -0.38 31.87 -16.93
C GLY B 32 -0.90 31.31 -18.25
N SER B 33 -2.22 31.12 -18.29
CA SER B 33 -2.92 30.46 -19.41
C SER B 33 -4.36 30.94 -19.51
N VAL B 34 -4.97 30.66 -20.67
CA VAL B 34 -6.39 30.93 -20.99
C VAL B 34 -6.91 29.73 -21.79
N TRP B 35 -8.14 29.30 -21.49
CA TRP B 35 -8.90 28.29 -22.27
C TRP B 35 -9.16 28.82 -23.69
N GLY B 36 -8.98 27.98 -24.71
CA GLY B 36 -9.46 28.27 -26.07
C GLY B 36 -10.89 28.80 -26.08
N TYR B 37 -11.80 28.17 -25.33
CA TYR B 37 -13.24 28.50 -25.36
C TYR B 37 -13.50 29.90 -24.81
N GLU B 38 -12.56 30.52 -24.08
CA GLU B 38 -12.72 31.90 -23.54
C GLU B 38 -12.42 32.96 -24.61
N LEU B 39 -11.94 32.55 -25.79
CA LEU B 39 -11.47 33.49 -26.85
C LEU B 39 -12.32 33.34 -28.11
N ILE B 40 -13.45 32.64 -28.07
CA ILE B 40 -14.33 32.46 -29.26
C ILE B 40 -15.72 33.06 -28.95
N ASP B 41 -16.44 33.47 -30.00
CA ASP B 41 -17.90 33.74 -29.97
C ASP B 41 -18.65 32.40 -30.11
N GLU B 42 -19.99 32.45 -30.16
CA GLU B 42 -20.88 31.25 -30.26
C GLU B 42 -20.68 30.50 -31.57
N ARG B 43 -20.10 31.15 -32.58
CA ARG B 43 -19.85 30.54 -33.91
C ARG B 43 -18.48 29.85 -33.92
N GLY B 44 -17.72 29.91 -32.82
CA GLY B 44 -16.34 29.39 -32.76
C GLY B 44 -15.35 30.22 -33.56
N LYS B 45 -15.61 31.52 -33.69
CA LYS B 45 -14.66 32.50 -34.29
C LYS B 45 -13.95 33.28 -33.18
N PHE B 46 -12.67 33.58 -33.38
CA PHE B 46 -11.85 34.42 -32.47
C PHE B 46 -12.62 35.70 -32.17
N SER B 47 -12.76 36.03 -30.89
CA SER B 47 -13.44 37.26 -30.38
C SER B 47 -12.40 38.25 -29.87
N ARG B 48 -12.06 39.27 -30.67
CA ARG B 48 -11.19 40.42 -30.29
C ARG B 48 -11.65 40.97 -28.94
N GLU B 49 -12.97 41.10 -28.74
CA GLU B 49 -13.57 41.69 -27.52
C GLU B 49 -12.99 40.95 -26.30
N LYS B 50 -13.08 39.62 -26.30
CA LYS B 50 -12.64 38.75 -25.17
C LYS B 50 -11.11 38.79 -25.04
N ALA B 51 -10.38 38.77 -26.15
CA ALA B 51 -8.89 38.83 -26.22
C ALA B 51 -8.36 40.12 -25.59
N LYS B 52 -9.06 41.25 -25.74
CA LYS B 52 -8.61 42.56 -25.19
C LYS B 52 -8.50 42.48 -23.67
N GLU B 53 -9.41 41.74 -23.01
CA GLU B 53 -9.40 41.55 -21.52
C GLU B 53 -8.31 40.53 -21.17
N LEU B 54 -8.32 39.35 -21.80
CA LEU B 54 -7.56 38.16 -21.32
C LEU B 54 -6.12 38.18 -21.85
N LEU B 55 -5.87 38.74 -23.05
CA LEU B 55 -4.54 38.70 -23.70
C LEU B 55 -3.82 40.06 -23.70
N LYS B 56 -4.36 41.09 -23.02
CA LYS B 56 -3.84 42.49 -23.11
C LYS B 56 -2.33 42.52 -22.80
N ASN B 57 -1.86 41.73 -21.83
CA ASN B 57 -0.45 41.75 -21.33
C ASN B 57 0.30 40.50 -21.81
N GLY B 58 -0.22 39.83 -22.84
CA GLY B 58 0.35 38.58 -23.36
C GLY B 58 -0.12 37.41 -22.54
N ILE B 59 0.38 36.21 -22.84
CA ILE B 59 -0.03 34.98 -22.11
C ILE B 59 1.04 33.92 -22.31
N GLY B 60 1.21 33.04 -21.32
CA GLY B 60 2.06 31.86 -21.45
C GLY B 60 1.49 30.90 -22.47
N GLN B 61 0.36 30.26 -22.14
CA GLN B 61 -0.25 29.20 -22.97
C GLN B 61 -1.73 29.48 -23.25
N ILE B 62 -2.18 28.99 -24.39
CA ILE B 62 -3.62 28.76 -24.70
C ILE B 62 -3.87 27.27 -24.42
N THR B 63 -4.83 26.97 -23.54
CA THR B 63 -5.22 25.60 -23.17
C THR B 63 -6.25 25.08 -24.18
N ARG B 64 -5.90 24.04 -24.94
CA ARG B 64 -6.83 23.21 -25.75
C ARG B 64 -7.68 24.08 -26.67
N PRO B 65 -7.08 24.88 -27.59
CA PRO B 65 -7.86 25.65 -28.57
C PRO B 65 -8.72 24.74 -29.47
N GLY B 66 -8.26 23.52 -29.76
CA GLY B 66 -9.07 22.47 -30.42
C GLY B 66 -9.93 21.70 -29.43
N GLY B 67 -9.33 21.17 -28.36
CA GLY B 67 -9.96 20.24 -27.40
C GLY B 67 -11.08 20.83 -26.58
N SER B 68 -11.14 22.14 -26.39
CA SER B 68 -12.15 22.79 -25.50
C SER B 68 -13.16 23.62 -26.33
N THR B 69 -13.04 23.65 -27.64
CA THR B 69 -13.90 24.48 -28.54
C THR B 69 -14.83 23.60 -29.41
N ASN B 70 -14.53 22.31 -29.56
CA ASN B 70 -15.27 21.40 -30.46
C ASN B 70 -15.12 21.90 -31.90
N LEU B 71 -14.00 22.53 -32.24
CA LEU B 71 -13.78 23.05 -33.62
C LEU B 71 -13.10 21.98 -34.45
N GLU B 72 -13.37 22.00 -35.75
CA GLU B 72 -12.70 21.10 -36.73
C GLU B 72 -11.29 21.63 -36.93
N PRO B 73 -10.36 20.77 -37.39
CA PRO B 73 -8.95 21.16 -37.48
C PRO B 73 -8.69 22.52 -38.13
N GLN B 74 -9.28 22.79 -39.29
CA GLN B 74 -9.02 24.07 -40.00
C GLN B 74 -9.61 25.25 -39.23
N GLU B 75 -10.75 25.06 -38.57
CA GLU B 75 -11.37 26.13 -37.73
C GLU B 75 -10.44 26.39 -36.53
N ALA B 76 -9.88 25.34 -35.92
CA ALA B 76 -8.97 25.44 -34.76
C ALA B 76 -7.72 26.20 -35.20
N ALA B 77 -7.16 25.85 -36.35
CA ALA B 77 -5.95 26.50 -36.92
C ALA B 77 -6.22 27.99 -37.14
N GLU B 78 -7.41 28.34 -37.59
CA GLU B 78 -7.81 29.75 -37.86
C GLU B 78 -7.91 30.47 -36.53
N LEU B 79 -8.51 29.85 -35.52
CA LEU B 79 -8.59 30.45 -34.16
C LEU B 79 -7.17 30.73 -33.63
N VAL B 80 -6.27 29.76 -33.73
CA VAL B 80 -4.88 29.89 -33.19
C VAL B 80 -4.14 30.98 -33.97
N ASN B 81 -4.24 31.02 -35.31
CA ASN B 81 -3.64 32.11 -36.13
C ASN B 81 -4.12 33.47 -35.62
N GLU B 82 -5.40 33.62 -35.31
CA GLU B 82 -6.03 34.89 -34.84
C GLU B 82 -5.53 35.26 -33.44
N ILE B 83 -5.44 34.27 -32.54
CA ILE B 83 -4.91 34.49 -31.17
C ILE B 83 -3.48 35.00 -31.32
N GLN B 84 -2.68 34.33 -32.17
CA GLN B 84 -1.25 34.68 -32.36
C GLN B 84 -1.16 36.08 -32.95
N ARG B 85 -1.95 36.39 -33.98
CA ARG B 85 -1.92 37.72 -34.62
C ARG B 85 -2.26 38.77 -33.55
N PHE B 86 -3.25 38.53 -32.70
CA PHE B 86 -3.58 39.50 -31.63
C PHE B 86 -2.32 39.72 -30.77
N LEU B 87 -1.66 38.62 -30.37
CA LEU B 87 -0.51 38.72 -29.44
C LEU B 87 0.65 39.44 -30.16
N VAL B 88 0.95 39.03 -31.38
CA VAL B 88 2.13 39.55 -32.13
C VAL B 88 1.90 41.03 -32.46
N GLU B 89 0.66 41.45 -32.75
CA GLU B 89 0.40 42.80 -33.33
C GLU B 89 -0.24 43.74 -32.31
N GLU B 90 -0.94 43.25 -31.28
CA GLU B 90 -1.74 44.15 -30.40
C GLU B 90 -1.30 44.06 -28.93
N THR B 91 -0.17 43.42 -28.63
CA THR B 91 0.47 43.55 -27.29
C THR B 91 1.74 44.38 -27.47
N ARG B 92 2.19 45.08 -26.43
CA ARG B 92 3.42 45.92 -26.44
C ARG B 92 4.60 45.13 -27.02
N LEU B 93 4.87 43.92 -26.51
CA LEU B 93 6.13 43.17 -26.81
C LEU B 93 5.90 42.13 -27.90
N GLY B 94 4.64 41.82 -28.25
CA GLY B 94 4.31 40.84 -29.30
C GLY B 94 4.85 39.43 -29.01
N ILE B 95 4.82 38.98 -27.75
CA ILE B 95 5.25 37.58 -27.41
C ILE B 95 4.13 36.64 -27.85
N PRO B 96 4.40 35.65 -28.72
CA PRO B 96 3.39 34.67 -29.08
C PRO B 96 3.04 33.72 -27.92
N ALA B 97 1.92 33.01 -28.05
CA ALA B 97 1.46 31.96 -27.12
C ALA B 97 2.11 30.62 -27.50
N MET B 98 2.37 29.79 -26.50
CA MET B 98 2.47 28.32 -26.67
C MET B 98 1.06 27.76 -26.56
N ILE B 99 0.71 26.81 -27.42
CA ILE B 99 -0.59 26.08 -27.43
C ILE B 99 -0.34 24.65 -26.96
N HIS B 100 -1.13 24.16 -26.02
CA HIS B 100 -1.11 22.73 -25.63
C HIS B 100 -2.48 22.11 -25.92
N GLU B 101 -2.45 20.82 -26.25
CA GLU B 101 -3.61 19.92 -26.39
C GLU B 101 -3.30 18.64 -25.59
N GLU B 102 -4.32 17.87 -25.22
CA GLU B 102 -4.15 16.44 -24.85
C GLU B 102 -3.84 15.68 -26.13
N CYS B 103 -3.02 14.64 -26.09
CA CYS B 103 -2.64 13.87 -27.29
C CYS B 103 -2.19 12.45 -26.95
N LEU B 104 -2.48 11.96 -25.74
CA LEU B 104 -2.03 10.62 -25.26
C LEU B 104 -2.31 9.57 -26.34
N THR B 105 -3.58 9.46 -26.78
CA THR B 105 -4.06 8.45 -27.76
C THR B 105 -4.31 9.19 -29.08
N GLY B 106 -3.53 10.23 -29.34
CA GLY B 106 -3.67 11.11 -30.52
C GLY B 106 -4.27 12.45 -30.13
N TYR B 107 -4.01 13.46 -30.93
CA TYR B 107 -4.60 14.81 -30.77
C TYR B 107 -6.04 14.62 -30.25
N MET B 108 -6.37 15.17 -29.08
CA MET B 108 -7.72 15.04 -28.48
C MET B 108 -8.56 16.24 -28.90
N GLY B 109 -9.11 16.15 -30.12
CA GLY B 109 -10.06 17.11 -30.73
C GLY B 109 -10.70 16.49 -31.95
N LEU B 110 -11.70 17.17 -32.55
CA LEU B 110 -12.37 16.69 -33.79
C LEU B 110 -11.32 16.51 -34.89
N GLY B 111 -11.44 15.43 -35.66
CA GLY B 111 -10.65 15.17 -36.88
C GLY B 111 -9.40 14.36 -36.59
N GLY B 112 -9.14 14.02 -35.32
CA GLY B 112 -7.93 13.28 -34.91
C GLY B 112 -8.17 11.79 -34.79
N THR B 113 -7.26 10.96 -35.30
CA THR B 113 -7.31 9.47 -35.17
C THR B 113 -7.35 9.09 -33.69
N ASN B 114 -8.25 8.17 -33.31
CA ASN B 114 -8.27 7.58 -31.94
C ASN B 114 -7.38 6.34 -31.95
N PHE B 115 -6.13 6.47 -31.49
CA PHE B 115 -5.20 5.33 -31.40
C PHE B 115 -5.58 4.49 -30.19
N PRO B 116 -5.16 3.22 -30.10
CA PRO B 116 -5.39 2.43 -28.88
C PRO B 116 -4.80 3.10 -27.62
N GLN B 117 -5.39 2.83 -26.45
CA GLN B 117 -4.91 3.37 -25.16
C GLN B 117 -3.44 2.98 -24.89
N ALA B 118 -2.80 3.75 -24.03
CA ALA B 118 -1.38 3.59 -23.64
C ALA B 118 -1.13 2.16 -23.15
N ILE B 119 -2.05 1.56 -22.41
CA ILE B 119 -1.83 0.18 -21.87
C ILE B 119 -1.82 -0.79 -23.07
N ALA B 120 -2.52 -0.46 -24.17
CA ALA B 120 -2.47 -1.22 -25.43
C ALA B 120 -1.11 -0.99 -26.08
N MET B 121 -0.70 0.27 -26.23
CA MET B 121 0.65 0.62 -26.74
C MET B 121 1.72 -0.23 -26.03
N ALA B 122 1.70 -0.28 -24.70
CA ALA B 122 2.69 -1.05 -23.90
C ALA B 122 2.61 -2.54 -24.27
N SER B 123 1.40 -3.05 -24.48
CA SER B 123 1.14 -4.48 -24.77
C SER B 123 1.78 -4.90 -26.12
N THR B 124 2.13 -3.94 -27.00
CA THR B 124 2.82 -4.25 -28.29
C THR B 124 4.28 -4.62 -28.02
N TRP B 125 4.85 -4.13 -26.93
CA TRP B 125 6.31 -4.26 -26.66
C TRP B 125 7.08 -3.85 -27.91
N ASP B 126 6.58 -2.84 -28.62
CA ASP B 126 7.14 -2.35 -29.90
C ASP B 126 7.38 -0.85 -29.82
N PRO B 127 8.50 -0.42 -29.18
CA PRO B 127 8.81 1.00 -29.01
C PRO B 127 8.90 1.81 -30.31
N ASP B 128 9.53 1.22 -31.34
CA ASP B 128 9.62 1.81 -32.69
C ASP B 128 8.23 2.15 -33.25
N LEU B 129 7.24 1.32 -32.99
CA LEU B 129 5.86 1.52 -33.52
C LEU B 129 5.20 2.69 -32.77
N ILE B 130 5.46 2.82 -31.46
CA ILE B 130 4.92 3.95 -30.66
C ILE B 130 5.61 5.25 -31.11
N GLU B 131 6.90 5.21 -31.43
CA GLU B 131 7.61 6.39 -32.02
C GLU B 131 6.98 6.80 -33.37
N LYS B 132 6.65 5.82 -34.21
CA LYS B 132 6.01 6.04 -35.54
C LYS B 132 4.68 6.76 -35.29
N MET B 133 3.89 6.24 -34.36
CA MET B 133 2.60 6.84 -33.93
C MET B 133 2.77 8.32 -33.53
N THR B 134 3.70 8.67 -32.62
CA THR B 134 3.81 10.05 -32.07
C THR B 134 4.47 10.98 -33.09
N THR B 135 5.23 10.45 -34.04
CA THR B 135 5.71 11.18 -35.24
C THR B 135 4.51 11.62 -36.07
N ALA B 136 3.49 10.77 -36.22
CA ALA B 136 2.25 11.13 -36.93
C ALA B 136 1.47 12.14 -36.09
N VAL B 137 1.37 11.94 -34.78
CA VAL B 137 0.65 12.90 -33.87
C VAL B 137 1.33 14.27 -33.97
N ARG B 138 2.67 14.30 -34.01
CA ARG B 138 3.44 15.56 -34.15
C ARG B 138 2.93 16.36 -35.37
N GLU B 139 2.88 15.74 -36.54
CA GLU B 139 2.42 16.42 -37.78
C GLU B 139 0.98 16.91 -37.59
N ASP B 140 0.09 16.08 -37.02
CA ASP B 140 -1.32 16.46 -36.74
C ASP B 140 -1.35 17.74 -35.90
N MET B 141 -0.54 17.81 -34.85
CA MET B 141 -0.56 18.94 -33.86
C MET B 141 0.00 20.20 -34.53
N ARG B 142 1.12 20.08 -35.24
CA ARG B 142 1.77 21.26 -35.87
C ARG B 142 0.85 21.87 -36.94
N LYS B 143 0.02 21.07 -37.62
CA LYS B 143 -0.95 21.57 -38.65
C LYS B 143 -1.93 22.57 -38.04
N ILE B 144 -2.35 22.38 -36.77
CA ILE B 144 -3.42 23.22 -36.14
C ILE B 144 -2.78 24.28 -35.23
N GLY B 145 -1.46 24.42 -35.26
CA GLY B 145 -0.68 25.41 -34.51
C GLY B 145 -0.43 25.03 -33.06
N ALA B 146 -0.49 23.73 -32.73
CA ALA B 146 -0.31 23.23 -31.35
C ALA B 146 1.16 22.84 -31.15
N HIS B 147 1.77 23.28 -30.04
CA HIS B 147 3.23 23.15 -29.80
C HIS B 147 3.54 22.12 -28.70
N GLN B 148 2.56 21.76 -27.88
CA GLN B 148 2.80 20.89 -26.68
C GLN B 148 1.66 19.91 -26.52
N GLY B 149 2.01 18.64 -26.33
CA GLY B 149 1.06 17.55 -26.05
C GLY B 149 1.25 17.08 -24.63
N LEU B 150 0.19 16.98 -23.84
CA LEU B 150 0.25 16.55 -22.40
C LEU B 150 0.28 15.03 -22.31
N ALA B 151 1.24 14.34 -22.91
CA ALA B 151 0.92 12.92 -23.19
C ALA B 151 1.68 12.02 -22.25
N PRO B 152 2.92 11.59 -22.57
CA PRO B 152 3.35 10.26 -22.14
C PRO B 152 3.06 10.27 -20.63
N VAL B 153 2.11 9.45 -20.18
CA VAL B 153 1.93 9.11 -18.75
C VAL B 153 3.03 8.10 -18.39
N LEU B 154 3.91 8.42 -17.45
CA LEU B 154 5.05 7.53 -17.06
C LEU B 154 4.83 6.99 -15.65
N ASP B 155 3.61 7.17 -15.12
CA ASP B 155 3.15 6.55 -13.85
C ASP B 155 3.26 5.03 -13.98
N VAL B 156 3.95 4.40 -13.05
CA VAL B 156 4.10 2.92 -13.01
C VAL B 156 2.94 2.39 -12.18
N ALA B 157 2.09 1.58 -12.82
CA ALA B 157 0.83 1.06 -12.26
C ALA B 157 1.03 -0.37 -11.76
N ARG B 158 0.86 -0.56 -10.46
CA ARG B 158 0.75 -1.90 -9.83
C ARG B 158 -0.54 -2.04 -9.04
N ASP B 159 -1.49 -1.09 -9.21
CA ASP B 159 -2.79 -1.11 -8.49
C ASP B 159 -3.92 -0.97 -9.51
N PRO B 160 -4.42 -2.09 -10.06
CA PRO B 160 -5.44 -2.03 -11.11
C PRO B 160 -6.80 -1.49 -10.63
N ARG B 161 -7.01 -1.26 -9.33
CA ARG B 161 -8.23 -0.55 -8.83
C ARG B 161 -8.27 0.85 -9.45
N TRP B 162 -7.11 1.45 -9.70
CA TRP B 162 -6.95 2.86 -10.12
C TRP B 162 -7.53 3.03 -11.50
N GLY B 163 -8.45 3.98 -11.66
CA GLY B 163 -9.15 4.25 -12.92
C GLY B 163 -8.24 4.69 -14.06
N ARG B 164 -7.02 5.12 -13.79
CA ARG B 164 -6.12 5.64 -14.85
C ARG B 164 -5.11 4.58 -15.25
N THR B 165 -5.26 3.32 -14.82
CA THR B 165 -4.38 2.20 -15.25
C THR B 165 -4.25 2.23 -16.78
N GLU B 166 -5.34 2.47 -17.49
CA GLU B 166 -5.43 2.38 -18.98
C GLU B 166 -4.47 3.40 -19.61
N GLU B 167 -4.14 4.49 -18.88
CA GLU B 167 -3.30 5.60 -19.41
C GLU B 167 -1.81 5.31 -19.21
N THR B 168 -1.47 4.26 -18.49
CA THR B 168 -0.07 3.91 -18.16
C THR B 168 0.44 2.86 -19.11
N PHE B 169 1.74 2.64 -19.07
CA PHE B 169 2.46 1.55 -19.77
C PHE B 169 2.63 0.33 -18.84
N GLY B 170 1.91 0.28 -17.71
CA GLY B 170 1.88 -0.91 -16.83
C GLY B 170 2.82 -0.83 -15.65
N GLU B 171 3.26 -1.99 -15.17
CA GLU B 171 3.89 -2.17 -13.84
C GLU B 171 5.42 -2.07 -13.88
N SER B 172 6.04 -2.16 -15.06
CA SER B 172 7.50 -2.37 -15.20
C SER B 172 8.17 -1.04 -15.44
N PRO B 173 9.04 -0.58 -14.51
CA PRO B 173 9.81 0.66 -14.70
C PRO B 173 10.60 0.63 -16.01
N TYR B 174 11.22 -0.52 -16.32
CA TYR B 174 11.95 -0.72 -17.59
C TYR B 174 11.04 -0.54 -18.82
N LEU B 175 9.93 -1.27 -18.91
CA LEU B 175 9.04 -1.23 -20.09
C LEU B 175 8.44 0.19 -20.15
N VAL B 176 8.01 0.74 -19.01
CA VAL B 176 7.44 2.12 -18.99
C VAL B 176 8.48 3.10 -19.53
N ALA B 177 9.72 3.02 -19.05
CA ALA B 177 10.80 3.95 -19.44
C ALA B 177 11.06 3.81 -20.96
N ARG B 178 11.10 2.57 -21.45
CA ARG B 178 11.47 2.25 -22.84
C ARG B 178 10.37 2.77 -23.79
N MET B 179 9.09 2.56 -23.44
CA MET B 179 7.96 3.09 -24.25
C MET B 179 7.94 4.63 -24.16
N GLY B 180 8.17 5.18 -22.96
CA GLY B 180 8.15 6.63 -22.68
C GLY B 180 9.15 7.38 -23.55
N VAL B 181 10.36 6.85 -23.68
CA VAL B 181 11.45 7.49 -24.46
C VAL B 181 11.10 7.47 -25.96
N SER B 182 10.55 6.35 -26.46
CA SER B 182 10.10 6.24 -27.88
C SER B 182 8.92 7.21 -28.12
N TYR B 183 7.99 7.29 -27.18
CA TYR B 183 6.81 8.20 -27.25
C TYR B 183 7.31 9.65 -27.39
N VAL B 184 8.18 10.06 -26.48
CA VAL B 184 8.75 11.44 -26.44
C VAL B 184 9.56 11.71 -27.71
N LYS B 185 10.42 10.79 -28.13
CA LYS B 185 11.25 10.96 -29.34
C LYS B 185 10.37 11.22 -30.56
N GLY B 186 9.28 10.45 -30.75
CA GLY B 186 8.39 10.67 -31.91
C GLY B 186 7.73 12.05 -31.88
N LEU B 187 7.30 12.48 -30.70
CA LEU B 187 6.56 13.76 -30.55
C LEU B 187 7.52 14.93 -30.79
N GLN B 188 8.73 14.87 -30.25
CA GLN B 188 9.68 16.02 -30.24
C GLN B 188 10.52 16.04 -31.53
N GLY B 189 11.00 14.89 -32.02
CA GLY B 189 12.00 14.88 -33.12
C GLY B 189 13.29 15.53 -32.65
N GLU B 190 14.26 15.80 -33.54
CA GLU B 190 15.62 16.24 -33.11
C GLU B 190 15.59 17.74 -32.83
N ASP B 191 14.91 18.52 -33.69
CA ASP B 191 14.78 20.00 -33.57
C ASP B 191 13.34 20.39 -33.24
N ILE B 192 13.11 20.91 -32.04
CA ILE B 192 11.74 21.14 -31.51
C ILE B 192 11.01 22.22 -32.32
N LYS B 193 11.71 23.03 -33.10
CA LYS B 193 11.04 24.04 -33.98
C LYS B 193 10.16 23.30 -35.00
N LYS B 194 10.47 22.05 -35.34
CA LYS B 194 9.66 21.24 -36.30
C LYS B 194 8.88 20.14 -35.55
N GLY B 195 8.72 20.27 -34.24
CA GLY B 195 8.25 19.16 -33.39
C GLY B 195 7.25 19.64 -32.37
N VAL B 196 6.91 18.76 -31.45
CA VAL B 196 5.90 19.05 -30.40
C VAL B 196 6.52 18.69 -29.06
N VAL B 197 6.44 19.61 -28.10
CA VAL B 197 6.93 19.39 -26.72
C VAL B 197 6.12 18.26 -26.11
N ALA B 198 6.77 17.19 -25.67
CA ALA B 198 6.17 16.12 -24.85
C ALA B 198 6.12 16.58 -23.39
N THR B 199 5.07 16.16 -22.67
CA THR B 199 4.88 16.44 -21.23
C THR B 199 4.74 15.11 -20.47
N VAL B 200 5.83 14.67 -19.83
CA VAL B 200 5.77 13.44 -18.99
C VAL B 200 4.99 13.79 -17.74
N LYS B 201 4.08 12.90 -17.37
CA LYS B 201 3.19 13.10 -16.20
C LYS B 201 2.97 11.74 -15.54
N HIS B 202 2.60 11.72 -14.26
CA HIS B 202 2.36 12.86 -13.40
C HIS B 202 3.41 12.82 -12.27
N PHE B 203 4.32 13.78 -12.28
CA PHE B 203 5.61 13.70 -11.54
C PHE B 203 5.43 13.93 -10.03
N ALA B 204 5.13 12.84 -9.36
CA ALA B 204 5.78 11.50 -9.37
C ALA B 204 5.05 10.69 -8.30
N GLY B 205 4.60 9.48 -8.64
CA GLY B 205 3.99 8.48 -7.71
C GLY B 205 2.47 8.43 -7.77
N TYR B 206 1.85 9.14 -8.72
CA TYR B 206 0.38 9.39 -8.79
C TYR B 206 -0.41 8.08 -8.98
N SER B 207 0.21 7.01 -9.49
CA SER B 207 -0.37 5.65 -9.72
C SER B 207 -0.33 4.77 -8.46
N ALA B 208 0.15 5.26 -7.32
CA ALA B 208 0.28 4.41 -6.11
C ALA B 208 -0.46 5.07 -4.96
N SER B 209 -1.62 5.61 -5.25
CA SER B 209 -2.48 6.26 -4.22
C SER B 209 -3.01 5.23 -3.23
N GLU B 210 -3.23 5.66 -1.99
CA GLU B 210 -3.86 4.88 -0.90
C GLU B 210 -5.15 4.24 -1.46
N GLY B 211 -5.25 2.91 -1.42
CA GLY B 211 -6.43 2.14 -1.84
C GLY B 211 -6.79 2.28 -3.32
N GLY B 212 -5.86 2.74 -4.17
CA GLY B 212 -6.08 2.96 -5.62
C GLY B 212 -6.99 4.15 -5.90
N LYS B 213 -7.21 5.03 -4.91
CA LYS B 213 -8.18 6.15 -5.01
C LYS B 213 -7.53 7.40 -5.63
N ASN B 214 -8.19 7.97 -6.63
CA ASN B 214 -7.69 9.17 -7.36
C ASN B 214 -7.36 10.32 -6.40
N TRP B 215 -6.13 10.86 -6.48
CA TRP B 215 -5.55 11.99 -5.70
C TRP B 215 -5.19 11.61 -4.26
N ALA B 216 -5.37 10.36 -3.83
CA ALA B 216 -5.09 9.98 -2.42
C ALA B 216 -3.59 9.87 -2.21
N PRO B 217 -3.09 9.94 -0.95
CA PRO B 217 -1.66 9.99 -0.70
C PRO B 217 -0.93 8.82 -1.35
N THR B 218 0.27 9.10 -1.86
CA THR B 218 1.19 8.16 -2.55
C THR B 218 2.44 8.06 -1.70
N ASN B 219 2.38 7.17 -0.69
CA ASN B 219 3.34 7.13 0.42
C ASN B 219 4.44 6.12 0.08
N ILE B 220 5.49 6.58 -0.59
CA ILE B 220 6.52 5.70 -1.22
C ILE B 220 7.85 6.04 -0.56
N PRO B 221 8.59 5.07 0.01
CA PRO B 221 9.90 5.37 0.58
C PRO B 221 10.91 5.54 -0.57
N GLU B 222 12.08 6.02 -0.22
CA GLU B 222 13.04 6.66 -1.17
C GLU B 222 13.62 5.68 -2.19
N ARG B 223 14.11 4.50 -1.80
CA ARG B 223 14.75 3.60 -2.80
C ARG B 223 13.69 3.21 -3.83
N GLU B 224 12.50 2.82 -3.37
CA GLU B 224 11.41 2.41 -4.30
C GLU B 224 11.04 3.59 -5.20
N PHE B 225 10.95 4.79 -4.60
CA PHE B 225 10.62 6.03 -5.34
C PHE B 225 11.62 6.24 -6.49
N LYS B 226 12.93 6.07 -6.21
CA LYS B 226 14.00 6.30 -7.21
C LYS B 226 14.00 5.18 -8.25
N GLU B 227 13.85 3.92 -7.83
CA GLU B 227 14.04 2.78 -8.77
C GLU B 227 12.77 2.49 -9.57
N VAL B 228 11.58 2.68 -8.98
CA VAL B 228 10.31 2.33 -9.65
C VAL B 228 9.66 3.58 -10.27
N PHE B 229 9.30 4.57 -9.45
CA PHE B 229 8.48 5.72 -9.89
C PHE B 229 9.29 6.75 -10.70
N LEU B 230 10.48 7.15 -10.21
CA LEU B 230 11.28 8.24 -10.84
C LEU B 230 11.97 7.72 -12.11
N PHE B 231 12.38 6.46 -12.12
CA PHE B 231 13.25 5.89 -13.18
C PHE B 231 12.76 6.29 -14.58
N PRO B 232 11.48 6.03 -14.98
CA PRO B 232 11.06 6.37 -16.34
C PRO B 232 11.18 7.87 -16.66
N PHE B 233 10.88 8.74 -15.70
CA PHE B 233 11.03 10.21 -15.85
C PHE B 233 12.50 10.53 -16.04
N GLU B 234 13.37 9.87 -15.27
CA GLU B 234 14.83 10.10 -15.36
C GLU B 234 15.27 9.78 -16.79
N ALA B 235 14.87 8.63 -17.33
CA ALA B 235 15.24 8.20 -18.70
C ALA B 235 14.67 9.20 -19.71
N ALA B 236 13.44 9.68 -19.49
CA ALA B 236 12.78 10.62 -20.42
C ALA B 236 13.58 11.96 -20.44
N VAL B 237 14.04 12.43 -19.28
CA VAL B 237 14.80 13.70 -19.18
C VAL B 237 16.18 13.52 -19.82
N LYS B 238 16.90 12.47 -19.49
CA LYS B 238 18.35 12.34 -19.82
C LYS B 238 18.55 11.68 -21.18
N GLU B 239 17.74 10.71 -21.58
CA GLU B 239 17.87 10.00 -22.86
C GLU B 239 17.01 10.66 -23.94
N ALA B 240 15.80 11.11 -23.64
CA ALA B 240 14.85 11.61 -24.66
C ALA B 240 14.77 13.14 -24.65
N ASN B 241 15.45 13.82 -23.71
CA ASN B 241 15.52 15.30 -23.65
C ASN B 241 14.10 15.87 -23.61
N VAL B 242 13.22 15.28 -22.82
CA VAL B 242 11.81 15.74 -22.77
C VAL B 242 11.80 17.22 -22.36
N LEU B 243 10.92 18.05 -22.93
CA LEU B 243 10.95 19.51 -22.72
C LEU B 243 9.85 19.96 -21.75
N SER B 244 8.90 19.09 -21.35
CA SER B 244 7.93 19.48 -20.28
C SER B 244 7.67 18.31 -19.32
N VAL B 245 7.40 18.66 -18.06
CA VAL B 245 6.97 17.73 -16.97
C VAL B 245 5.74 18.38 -16.30
N MET B 246 4.74 17.55 -16.00
CA MET B 246 3.55 17.96 -15.23
C MET B 246 3.59 17.27 -13.88
N ASN B 247 3.22 17.97 -12.81
CA ASN B 247 3.24 17.39 -11.45
C ASN B 247 2.05 16.45 -11.20
N SER B 248 2.15 15.72 -10.10
CA SER B 248 1.10 14.83 -9.53
C SER B 248 0.17 15.64 -8.62
N TYR B 249 -1.11 15.27 -8.63
CA TYR B 249 -2.12 15.88 -7.74
C TYR B 249 -1.90 15.41 -6.29
N SER B 250 -1.18 14.31 -6.10
CA SER B 250 -1.11 13.61 -4.78
C SER B 250 -0.02 14.21 -3.91
N GLU B 251 -0.19 14.07 -2.60
CA GLU B 251 0.89 14.27 -1.61
C GLU B 251 1.75 13.00 -1.57
N ILE B 252 3.05 13.16 -1.38
CA ILE B 252 3.97 12.09 -0.88
C ILE B 252 4.24 12.40 0.59
N ASP B 253 3.67 11.60 1.49
CA ASP B 253 4.05 11.53 2.92
C ASP B 253 3.92 12.93 3.54
N GLY B 254 2.84 13.67 3.27
CA GLY B 254 2.54 14.99 3.86
C GLY B 254 2.82 16.17 2.92
N VAL B 255 3.50 15.96 1.79
CA VAL B 255 3.86 17.09 0.88
C VAL B 255 3.21 16.91 -0.47
N PRO B 256 2.23 17.77 -0.83
CA PRO B 256 1.68 17.82 -2.19
C PRO B 256 2.78 18.04 -3.24
N CYS B 257 2.75 17.28 -4.32
CA CYS B 257 3.81 17.36 -5.36
C CYS B 257 3.89 18.80 -5.91
N ALA B 258 2.77 19.51 -6.01
CA ALA B 258 2.73 20.89 -6.56
C ALA B 258 3.45 21.91 -5.64
N ALA B 259 3.69 21.54 -4.39
CA ALA B 259 4.37 22.40 -3.40
C ALA B 259 5.72 21.81 -3.00
N ASN B 260 6.27 20.85 -3.74
CA ASN B 260 7.48 20.08 -3.34
C ASN B 260 8.71 20.52 -4.15
N ARG B 261 9.49 21.48 -3.63
CA ARG B 261 10.73 21.97 -4.27
C ARG B 261 11.76 20.83 -4.37
N LYS B 262 11.83 19.96 -3.36
CA LYS B 262 12.80 18.84 -3.37
C LYS B 262 12.52 17.93 -4.58
N LEU B 263 11.27 17.85 -5.03
CA LEU B 263 10.87 17.01 -6.18
C LEU B 263 10.99 17.78 -7.50
N LEU B 264 10.29 18.90 -7.64
CA LEU B 264 10.12 19.63 -8.92
C LEU B 264 11.40 20.38 -9.29
N THR B 265 12.25 20.73 -8.31
CA THR B 265 13.54 21.41 -8.56
C THR B 265 14.74 20.51 -8.21
N ASP B 266 14.89 20.05 -6.98
CA ASP B 266 16.16 19.42 -6.51
C ASP B 266 16.42 18.14 -7.30
N ILE B 267 15.39 17.32 -7.50
CA ILE B 267 15.57 16.10 -8.31
C ILE B 267 15.56 16.49 -9.79
N LEU B 268 14.50 17.16 -10.24
CA LEU B 268 14.21 17.28 -11.68
C LEU B 268 15.26 18.15 -12.37
N ARG B 269 15.50 19.35 -11.84
N ARG B 269 15.51 19.35 -11.83
CA ARG B 269 16.39 20.38 -12.47
CA ARG B 269 16.42 20.33 -12.48
C ARG B 269 17.84 20.22 -11.98
C ARG B 269 17.85 20.15 -11.98
N LYS B 270 18.06 20.14 -10.67
CA LYS B 270 19.42 20.10 -10.09
C LYS B 270 20.07 18.73 -10.32
N ASP B 271 19.46 17.64 -9.87
CA ASP B 271 20.11 16.30 -9.96
C ASP B 271 20.16 15.83 -11.42
N TRP B 272 19.12 16.05 -12.22
CA TRP B 272 18.94 15.42 -13.55
C TRP B 272 19.26 16.38 -14.69
N GLY B 273 19.31 17.68 -14.46
CA GLY B 273 19.61 18.66 -15.52
C GLY B 273 18.46 18.91 -16.50
N PHE B 274 17.20 18.84 -16.06
CA PHE B 274 16.01 19.18 -16.90
C PHE B 274 16.02 20.69 -17.18
N GLU B 275 15.84 21.08 -18.44
CA GLU B 275 15.92 22.49 -18.89
C GLU B 275 14.60 23.02 -19.46
N GLY B 276 13.54 22.22 -19.46
CA GLY B 276 12.25 22.62 -20.05
C GLY B 276 11.36 23.32 -19.05
N ILE B 277 10.04 23.25 -19.27
CA ILE B 277 9.03 23.90 -18.38
C ILE B 277 8.29 22.83 -17.57
N VAL B 278 8.06 23.13 -16.30
CA VAL B 278 7.08 22.38 -15.48
C VAL B 278 5.73 23.09 -15.59
N VAL B 279 4.70 22.40 -16.07
CA VAL B 279 3.30 22.91 -16.16
C VAL B 279 2.53 22.26 -15.02
N SER B 280 1.60 22.97 -14.38
CA SER B 280 0.77 22.36 -13.32
C SER B 280 -0.18 21.37 -13.99
N ASP B 281 -0.52 20.28 -13.31
CA ASP B 281 -1.77 19.56 -13.61
C ASP B 281 -2.90 20.59 -13.41
N TYR B 282 -4.05 20.35 -14.02
CA TYR B 282 -5.15 21.36 -14.10
C TYR B 282 -5.63 21.68 -12.70
N PHE B 283 -5.53 22.95 -12.29
CA PHE B 283 -6.00 23.44 -10.97
C PHE B 283 -5.12 22.92 -9.83
N ALA B 284 -3.98 22.27 -10.12
CA ALA B 284 -3.10 21.69 -9.07
C ALA B 284 -2.63 22.77 -8.07
N VAL B 285 -2.45 24.01 -8.53
CA VAL B 285 -1.97 25.13 -7.67
C VAL B 285 -3.11 25.55 -6.73
N LYS B 286 -4.27 25.89 -7.27
CA LYS B 286 -5.49 26.28 -6.53
C LYS B 286 -5.81 25.24 -5.45
N VAL B 287 -5.70 23.95 -5.75
CA VAL B 287 -6.19 22.90 -4.80
C VAL B 287 -5.17 22.69 -3.67
N LEU B 288 -3.97 23.29 -3.75
CA LEU B 288 -3.07 23.38 -2.56
C LEU B 288 -3.88 24.00 -1.41
N GLU B 289 -4.74 24.96 -1.73
CA GLU B 289 -5.71 25.52 -0.75
C GLU B 289 -6.93 24.58 -0.63
N ASP B 290 -7.71 24.40 -1.70
CA ASP B 290 -9.09 23.85 -1.62
C ASP B 290 -9.07 22.40 -1.14
N TYR B 291 -8.14 21.58 -1.61
CA TYR B 291 -8.11 20.12 -1.34
C TYR B 291 -7.11 19.80 -0.22
N HIS B 292 -5.82 20.10 -0.38
CA HIS B 292 -4.76 19.67 0.59
C HIS B 292 -4.78 20.49 1.88
N ARG B 293 -5.28 21.74 1.83
CA ARG B 293 -5.48 22.62 3.02
C ARG B 293 -4.11 23.01 3.59
N ILE B 294 -3.13 23.33 2.74
CA ILE B 294 -1.80 23.81 3.19
C ILE B 294 -1.54 25.23 2.68
N ALA B 295 -2.46 25.83 1.94
CA ALA B 295 -2.34 27.23 1.50
C ALA B 295 -3.61 27.97 1.98
N ARG B 296 -3.43 29.11 2.65
CA ARG B 296 -4.53 29.83 3.33
C ARG B 296 -5.28 30.68 2.32
N ASP B 297 -4.68 30.98 1.17
CA ASP B 297 -5.36 31.74 0.10
C ASP B 297 -4.63 31.48 -1.23
N LYS B 298 -5.13 32.06 -2.31
CA LYS B 298 -4.62 31.82 -3.67
C LYS B 298 -3.18 32.33 -3.78
N SER B 299 -2.82 33.41 -3.09
CA SER B 299 -1.46 34.01 -3.17
C SER B 299 -0.44 33.07 -2.51
N GLU B 300 -0.77 32.46 -1.37
CA GLU B 300 0.12 31.45 -0.74
C GLU B 300 0.23 30.19 -1.62
N ALA B 301 -0.85 29.77 -2.27
CA ALA B 301 -0.78 28.61 -3.21
C ALA B 301 0.19 28.94 -4.34
N ALA B 302 0.12 30.16 -4.88
CA ALA B 302 1.02 30.63 -5.96
C ALA B 302 2.48 30.58 -5.50
N ARG B 303 2.77 31.10 -4.30
CA ARG B 303 4.14 31.14 -3.74
C ARG B 303 4.66 29.70 -3.63
N LEU B 304 3.85 28.78 -3.09
CA LEU B 304 4.27 27.36 -2.87
C LEU B 304 4.57 26.71 -4.22
N ALA B 305 3.72 26.91 -5.21
CA ALA B 305 3.90 26.29 -6.54
C ALA B 305 5.13 26.89 -7.25
N LEU B 306 5.31 28.22 -7.21
CA LEU B 306 6.46 28.88 -7.88
C LEU B 306 7.78 28.43 -7.24
N GLU B 307 7.85 28.49 -5.91
CA GLU B 307 9.04 28.03 -5.14
C GLU B 307 9.35 26.57 -5.44
N ALA B 308 8.32 25.75 -5.64
CA ALA B 308 8.48 24.31 -5.89
C ALA B 308 9.11 24.11 -7.26
N GLY B 309 8.78 24.98 -8.23
CA GLY B 309 9.32 24.92 -9.59
C GLY B 309 8.27 24.78 -10.67
N ILE B 310 7.01 25.10 -10.39
CA ILE B 310 5.95 25.14 -11.45
C ILE B 310 6.10 26.46 -12.23
N ASP B 311 6.36 26.39 -13.52
CA ASP B 311 6.55 27.57 -14.41
C ASP B 311 5.21 28.10 -14.94
N VAL B 312 4.26 27.23 -15.27
CA VAL B 312 2.98 27.63 -15.91
C VAL B 312 1.81 27.04 -15.14
N GLU B 313 0.91 27.91 -14.67
CA GLU B 313 -0.36 27.50 -14.06
C GLU B 313 -1.35 27.17 -15.20
N LEU B 314 -1.86 25.94 -15.19
CA LEU B 314 -2.88 25.44 -16.15
C LEU B 314 -4.14 25.08 -15.37
N PRO B 315 -5.35 25.10 -16.00
CA PRO B 315 -5.54 25.42 -17.41
C PRO B 315 -5.87 26.89 -17.70
N LYS B 316 -5.97 27.68 -16.63
CA LYS B 316 -6.29 29.14 -16.64
C LYS B 316 -5.54 29.81 -15.50
N THR B 317 -5.05 31.03 -15.72
CA THR B 317 -4.44 31.86 -14.65
C THR B 317 -5.47 31.99 -13.54
N GLU B 318 -5.11 31.66 -12.30
CA GLU B 318 -6.04 31.79 -11.16
C GLU B 318 -5.23 32.28 -9.96
N CYS B 319 -4.27 31.48 -9.48
CA CYS B 319 -3.39 31.85 -8.37
C CYS B 319 -2.21 32.72 -8.85
N TYR B 320 -1.67 32.44 -10.04
CA TYR B 320 -0.38 33.01 -10.51
C TYR B 320 -0.52 34.52 -10.78
N GLN B 321 -1.74 35.03 -10.98
CA GLN B 321 -1.95 36.51 -11.12
C GLN B 321 -1.44 37.18 -9.83
N TYR B 322 -1.54 36.54 -8.67
CA TYR B 322 -1.17 37.15 -7.36
C TYR B 322 0.36 37.16 -7.15
N LEU B 323 1.15 36.56 -8.04
CA LEU B 323 2.64 36.68 -8.01
C LEU B 323 3.02 38.16 -8.15
N LYS B 324 2.25 38.91 -8.94
CA LYS B 324 2.48 40.36 -9.13
C LYS B 324 2.42 41.02 -7.73
N ASP B 325 1.33 40.80 -7.01
CA ASP B 325 1.10 41.39 -5.66
C ASP B 325 2.18 40.90 -4.69
N LEU B 326 2.59 39.62 -4.79
CA LEU B 326 3.61 39.05 -3.87
C LEU B 326 4.94 39.79 -4.07
N VAL B 327 5.29 40.16 -5.31
CA VAL B 327 6.55 40.91 -5.56
C VAL B 327 6.38 42.35 -5.06
N GLU B 328 5.26 42.99 -5.41
CA GLU B 328 5.03 44.43 -5.07
C GLU B 328 5.01 44.59 -3.57
N LYS B 329 4.55 43.58 -2.82
CA LYS B 329 4.52 43.60 -1.33
C LYS B 329 5.79 43.02 -0.72
N GLY B 330 6.78 42.60 -1.51
CA GLY B 330 8.08 42.14 -0.97
C GLY B 330 7.97 40.86 -0.17
N ILE B 331 7.06 39.96 -0.58
CA ILE B 331 6.93 38.60 -0.02
C ILE B 331 7.86 37.64 -0.78
N ILE B 332 7.98 37.76 -2.10
CA ILE B 332 8.92 36.94 -2.92
C ILE B 332 9.74 37.91 -3.79
N SER B 333 10.89 37.46 -4.27
CA SER B 333 11.83 38.23 -5.10
C SER B 333 11.42 38.14 -6.56
N GLU B 334 11.44 39.24 -7.28
CA GLU B 334 11.22 39.24 -8.74
C GLU B 334 12.23 38.28 -9.40
N ALA B 335 13.37 38.00 -8.78
CA ALA B 335 14.41 37.13 -9.39
C ALA B 335 13.83 35.72 -9.59
N LEU B 336 12.91 35.29 -8.72
CA LEU B 336 12.28 33.95 -8.80
C LEU B 336 11.27 33.91 -9.96
N ILE B 337 10.48 34.98 -10.13
CA ILE B 337 9.65 35.23 -11.35
C ILE B 337 10.56 35.09 -12.56
N ASP B 338 11.72 35.75 -12.57
CA ASP B 338 12.58 35.88 -13.76
C ASP B 338 13.03 34.50 -14.22
N GLU B 339 13.36 33.65 -13.25
CA GLU B 339 13.87 32.28 -13.48
C GLU B 339 12.79 31.49 -14.23
N ALA B 340 11.53 31.56 -13.78
CA ALA B 340 10.42 30.85 -14.45
C ALA B 340 10.17 31.46 -15.85
N VAL B 341 10.11 32.79 -15.98
CA VAL B 341 9.85 33.46 -17.29
C VAL B 341 10.96 33.03 -18.27
N THR B 342 12.21 32.97 -17.82
CA THR B 342 13.37 32.60 -18.65
C THR B 342 13.11 31.22 -19.27
N ARG B 343 12.63 30.25 -18.49
CA ARG B 343 12.36 28.86 -19.00
C ARG B 343 11.24 28.90 -20.07
N VAL B 344 10.17 29.67 -19.84
CA VAL B 344 9.04 29.77 -20.78
C VAL B 344 9.53 30.45 -22.08
N LEU B 345 10.24 31.57 -21.99
CA LEU B 345 10.70 32.34 -23.18
C LEU B 345 11.70 31.50 -23.98
N ARG B 346 12.61 30.81 -23.31
N ARG B 346 12.63 30.84 -23.30
CA ARG B 346 13.62 29.95 -23.97
CA ARG B 346 13.64 29.92 -23.92
C ARG B 346 12.89 28.97 -24.89
C ARG B 346 12.90 28.96 -24.86
N LEU B 347 11.84 28.32 -24.36
CA LEU B 347 11.10 27.27 -25.11
C LEU B 347 10.35 27.91 -26.28
N LYS B 348 9.74 29.08 -26.07
CA LYS B 348 9.03 29.81 -27.16
C LYS B 348 9.99 30.10 -28.30
N PHE B 349 11.20 30.58 -27.99
CA PHE B 349 12.22 30.88 -29.03
C PHE B 349 12.61 29.59 -29.72
N MET B 350 12.86 28.51 -28.97
CA MET B 350 13.33 27.23 -29.53
C MET B 350 12.25 26.66 -30.49
N LEU B 351 10.98 26.87 -30.19
CA LEU B 351 9.83 26.40 -31.00
C LEU B 351 9.69 27.20 -32.31
N GLY B 352 10.41 28.32 -32.46
CA GLY B 352 10.44 29.15 -33.69
C GLY B 352 9.31 30.18 -33.71
N LEU B 353 8.68 30.43 -32.56
CA LEU B 353 7.42 31.20 -32.49
C LEU B 353 7.66 32.68 -32.79
N PHE B 354 8.85 33.22 -32.52
CA PHE B 354 9.18 34.64 -32.78
C PHE B 354 9.51 34.85 -34.27
N GLU B 355 9.90 33.79 -34.99
CA GLU B 355 10.15 33.89 -36.46
C GLU B 355 8.82 33.68 -37.20
N ASN B 356 8.05 32.68 -36.80
CA ASN B 356 6.75 32.39 -37.48
C ASN B 356 5.82 31.68 -36.53
N PRO B 357 4.84 32.39 -35.94
CA PRO B 357 3.86 31.76 -35.07
C PRO B 357 2.61 31.22 -35.78
N TYR B 358 2.54 31.34 -37.11
CA TYR B 358 1.32 31.05 -37.92
C TYR B 358 1.45 29.73 -38.67
N VAL B 359 0.31 29.13 -39.01
CA VAL B 359 0.20 27.90 -39.85
C VAL B 359 -0.65 28.26 -41.09
N GLU B 360 -0.51 27.48 -42.17
CA GLU B 360 -1.38 27.59 -43.37
C GLU B 360 -2.68 26.84 -43.09
N VAL B 361 -3.77 27.59 -42.88
CA VAL B 361 -5.12 27.02 -42.62
C VAL B 361 -5.49 26.06 -43.76
N GLU B 362 -5.00 26.33 -44.97
CA GLU B 362 -5.29 25.54 -46.20
C GLU B 362 -4.68 24.15 -46.08
N LYS B 363 -3.58 23.98 -45.32
CA LYS B 363 -2.89 22.68 -45.15
C LYS B 363 -3.24 22.05 -43.80
N ALA B 364 -4.23 22.59 -43.07
CA ALA B 364 -4.47 22.23 -41.65
C ALA B 364 -5.46 21.05 -41.54
N LYS B 365 -5.82 20.38 -42.64
CA LYS B 365 -6.69 19.17 -42.62
C LYS B 365 -5.83 18.00 -42.13
N ILE B 366 -6.20 17.42 -40.99
CA ILE B 366 -5.47 16.31 -40.33
C ILE B 366 -5.79 15.01 -41.06
N GLU B 367 -4.76 14.25 -41.45
CA GLU B 367 -4.91 12.95 -42.12
C GLU B 367 -5.27 11.88 -41.09
N SER B 368 -6.01 10.87 -41.54
CA SER B 368 -6.30 9.64 -40.77
C SER B 368 -5.03 8.80 -40.68
N HIS B 369 -4.76 8.26 -39.50
CA HIS B 369 -3.66 7.30 -39.23
C HIS B 369 -4.28 5.97 -38.78
N ARG B 370 -5.45 5.62 -39.33
CA ARG B 370 -6.10 4.32 -39.09
C ARG B 370 -5.11 3.19 -39.36
N ASP B 371 -4.20 3.34 -40.34
CA ASP B 371 -3.17 2.31 -40.66
C ASP B 371 -2.29 2.04 -39.42
N ILE B 372 -1.81 3.08 -38.76
CA ILE B 372 -0.93 2.95 -37.55
C ILE B 372 -1.77 2.42 -36.40
N ALA B 373 -2.99 2.96 -36.20
CA ALA B 373 -3.92 2.53 -35.13
C ALA B 373 -4.17 1.03 -35.28
N LEU B 374 -4.37 0.55 -36.51
CA LEU B 374 -4.66 -0.88 -36.80
C LEU B 374 -3.43 -1.73 -36.45
N GLU B 375 -2.22 -1.29 -36.79
CA GLU B 375 -0.99 -2.05 -36.46
C GLU B 375 -0.87 -2.15 -34.93
N ILE B 376 -1.14 -1.08 -34.20
CA ILE B 376 -1.08 -1.12 -32.71
C ILE B 376 -2.15 -2.08 -32.19
N ALA B 377 -3.41 -1.92 -32.65
CA ALA B 377 -4.54 -2.78 -32.20
C ALA B 377 -4.18 -4.26 -32.45
N ARG B 378 -3.69 -4.58 -33.65
CA ARG B 378 -3.32 -5.97 -34.02
C ARG B 378 -2.17 -6.53 -33.17
N LYS B 379 -1.23 -5.67 -32.76
CA LYS B 379 -0.05 -6.07 -31.97
C LYS B 379 -0.33 -6.04 -30.46
N SER B 380 -1.39 -5.36 -30.02
CA SER B 380 -1.66 -5.08 -28.59
C SER B 380 -2.58 -6.13 -27.99
N ILE B 381 -3.45 -6.75 -28.79
CA ILE B 381 -4.45 -7.70 -28.24
C ILE B 381 -3.69 -8.91 -27.69
N ILE B 382 -4.06 -9.34 -26.48
CA ILE B 382 -3.38 -10.43 -25.76
C ILE B 382 -4.26 -11.68 -25.73
N LEU B 383 -3.70 -12.80 -26.16
CA LEU B 383 -4.35 -14.12 -25.99
C LEU B 383 -3.97 -14.62 -24.59
N LEU B 384 -4.86 -14.43 -23.60
CA LEU B 384 -4.62 -14.88 -22.20
C LEU B 384 -4.75 -16.40 -22.08
N LYS B 385 -5.72 -17.00 -22.79
CA LYS B 385 -6.04 -18.45 -22.72
C LYS B 385 -6.59 -18.93 -24.05
N ASN B 386 -6.24 -20.16 -24.41
CA ASN B 386 -6.76 -20.81 -25.64
C ASN B 386 -6.60 -22.32 -25.48
N ASP B 387 -7.69 -23.07 -25.32
CA ASP B 387 -7.67 -24.55 -25.26
C ASP B 387 -7.60 -25.15 -26.69
N GLY B 388 -7.59 -24.32 -27.74
CA GLY B 388 -7.57 -24.78 -29.15
C GLY B 388 -8.76 -24.26 -29.94
N ILE B 389 -9.76 -23.67 -29.29
CA ILE B 389 -10.93 -23.14 -30.02
C ILE B 389 -10.51 -22.03 -30.99
N LEU B 390 -9.49 -21.22 -30.65
CA LEU B 390 -9.05 -20.15 -31.57
C LEU B 390 -7.85 -20.64 -32.36
N PRO B 391 -7.68 -20.24 -33.64
CA PRO B 391 -8.64 -19.36 -34.33
C PRO B 391 -9.91 -20.10 -34.76
N LEU B 392 -11.03 -19.37 -34.93
CA LEU B 392 -12.36 -19.93 -35.34
C LEU B 392 -12.38 -20.17 -36.85
N GLN B 393 -13.17 -21.13 -37.30
CA GLN B 393 -13.50 -21.33 -38.73
C GLN B 393 -14.65 -20.38 -39.09
N LYS B 394 -14.58 -19.75 -40.26
CA LYS B 394 -15.54 -18.72 -40.73
C LYS B 394 -16.94 -19.34 -40.93
N ASN B 395 -17.06 -20.67 -40.99
CA ASN B 395 -18.33 -21.38 -41.28
C ASN B 395 -19.06 -21.72 -39.98
N LYS B 396 -18.54 -21.35 -38.81
CA LYS B 396 -19.25 -21.61 -37.52
C LYS B 396 -20.32 -20.53 -37.37
N LYS B 397 -21.53 -20.92 -36.93
CA LYS B 397 -22.61 -19.97 -36.55
C LYS B 397 -22.24 -19.37 -35.18
N VAL B 398 -22.18 -18.04 -35.12
CA VAL B 398 -21.69 -17.26 -33.94
C VAL B 398 -22.89 -16.60 -33.23
N ALA B 399 -23.03 -16.87 -31.94
CA ALA B 399 -23.82 -16.06 -30.98
C ALA B 399 -22.90 -14.96 -30.44
N LEU B 400 -23.04 -13.74 -30.95
CA LEU B 400 -22.26 -12.54 -30.54
C LEU B 400 -23.04 -11.84 -29.41
N ILE B 401 -22.54 -11.94 -28.19
CA ILE B 401 -23.27 -11.55 -26.95
C ILE B 401 -22.43 -10.49 -26.22
N GLY B 402 -23.10 -9.49 -25.64
CA GLY B 402 -22.49 -8.64 -24.60
C GLY B 402 -22.55 -7.17 -24.95
N PRO B 403 -22.49 -6.28 -23.93
CA PRO B 403 -22.66 -4.84 -24.14
C PRO B 403 -21.55 -4.24 -25.01
N ASN B 404 -20.35 -4.83 -24.99
CA ASN B 404 -19.19 -4.24 -25.70
C ASN B 404 -19.06 -4.83 -27.12
N ALA B 405 -19.95 -5.75 -27.53
CA ALA B 405 -20.05 -6.22 -28.94
C ALA B 405 -20.76 -5.15 -29.80
N GLY B 406 -21.73 -4.45 -29.20
CA GLY B 406 -22.67 -3.55 -29.91
C GLY B 406 -22.35 -2.08 -29.72
N GLU B 407 -21.73 -1.70 -28.60
CA GLU B 407 -21.48 -0.29 -28.17
C GLU B 407 -20.09 0.12 -28.64
N VAL B 408 -20.05 1.02 -29.63
CA VAL B 408 -18.83 1.58 -30.26
C VAL B 408 -18.21 2.63 -29.30
N ARG B 409 -19.02 3.33 -28.50
CA ARG B 409 -18.54 4.28 -27.48
C ARG B 409 -17.62 3.56 -26.45
N ASN B 410 -17.84 2.27 -26.17
CA ASN B 410 -17.10 1.51 -25.11
C ASN B 410 -15.74 1.02 -25.65
N LEU B 411 -15.43 1.27 -26.93
CA LEU B 411 -14.09 1.03 -27.55
C LEU B 411 -13.13 2.18 -27.17
N LEU B 412 -13.68 3.30 -26.71
CA LEU B 412 -12.92 4.58 -26.54
C LEU B 412 -12.36 4.70 -25.10
N GLY B 413 -11.15 5.24 -24.98
CA GLY B 413 -10.46 5.49 -23.70
C GLY B 413 -10.80 6.88 -23.16
N ASP B 414 -10.30 7.22 -21.97
CA ASP B 414 -10.74 8.43 -21.20
C ASP B 414 -10.17 9.73 -21.79
N TYR B 415 -9.17 9.67 -22.68
CA TYR B 415 -8.56 10.85 -23.35
C TYR B 415 -8.70 10.75 -24.88
N MET B 416 -9.62 9.91 -25.35
CA MET B 416 -10.13 9.99 -26.74
C MET B 416 -11.27 11.00 -26.75
N TYR B 417 -11.22 11.96 -27.67
CA TYR B 417 -12.04 13.20 -27.68
C TYR B 417 -13.52 12.88 -27.39
N LEU B 418 -14.09 11.92 -28.12
CA LEU B 418 -15.55 11.63 -28.12
C LEU B 418 -15.99 11.04 -26.79
N ALA B 419 -15.11 10.28 -26.11
CA ALA B 419 -15.34 9.80 -24.74
C ALA B 419 -15.12 10.95 -23.73
N HIS B 420 -14.02 11.71 -23.86
CA HIS B 420 -13.56 12.67 -22.83
C HIS B 420 -14.54 13.86 -22.66
N ILE B 421 -15.03 14.43 -23.77
CA ILE B 421 -15.73 15.76 -23.80
C ILE B 421 -17.11 15.68 -23.12
N ARG B 422 -17.71 14.49 -22.95
CA ARG B 422 -19.07 14.31 -22.34
C ARG B 422 -19.00 14.16 -20.82
N TYR B 442 -24.30 23.61 -25.72
CA TYR B 442 -25.72 23.55 -25.28
C TYR B 442 -26.24 22.13 -25.51
N GLU B 443 -27.43 21.97 -26.11
CA GLU B 443 -27.89 20.70 -26.74
C GLU B 443 -27.03 20.46 -28.00
N ARG B 444 -26.39 21.51 -28.53
CA ARG B 444 -25.56 21.50 -29.78
C ARG B 444 -24.32 20.61 -29.58
N LEU B 445 -23.72 20.59 -28.38
CA LEU B 445 -22.54 19.72 -28.11
C LEU B 445 -22.97 18.24 -28.16
N LYS B 446 -24.09 17.86 -27.52
CA LYS B 446 -24.58 16.45 -27.41
C LYS B 446 -24.81 15.89 -28.83
N LYS B 447 -25.61 16.60 -29.63
CA LYS B 447 -25.84 16.32 -31.08
C LYS B 447 -24.50 16.13 -31.82
N SER B 448 -23.50 16.97 -31.58
CA SER B 448 -22.23 16.97 -32.37
C SER B 448 -21.40 15.74 -31.99
N ILE B 449 -21.42 15.34 -30.72
CA ILE B 449 -20.75 14.09 -30.24
C ILE B 449 -21.43 12.88 -30.88
N GLU B 450 -22.77 12.76 -30.75
CA GLU B 450 -23.63 11.68 -31.32
C GLU B 450 -23.41 11.59 -32.84
N GLU B 451 -23.25 12.73 -33.53
CA GLU B 451 -23.04 12.81 -35.00
C GLU B 451 -21.69 12.19 -35.38
N HIS B 452 -20.61 12.60 -34.70
CA HIS B 452 -19.19 12.23 -34.99
C HIS B 452 -18.94 10.77 -34.59
N MET B 453 -19.65 10.31 -33.56
CA MET B 453 -19.63 8.93 -33.00
C MET B 453 -19.98 7.90 -34.09
N LYS B 454 -20.92 8.25 -34.99
CA LYS B 454 -21.46 7.37 -36.06
C LYS B 454 -20.37 6.99 -37.08
N SER B 455 -19.22 7.67 -37.09
CA SER B 455 -18.11 7.46 -38.07
C SER B 455 -17.29 6.24 -37.71
N ILE B 456 -17.24 5.84 -36.43
CA ILE B 456 -16.29 4.81 -35.90
C ILE B 456 -16.88 3.42 -36.12
N PRO B 457 -16.18 2.49 -36.83
CA PRO B 457 -16.67 1.12 -36.98
C PRO B 457 -16.89 0.42 -35.63
N SER B 458 -17.97 -0.35 -35.50
CA SER B 458 -18.26 -1.19 -34.31
C SER B 458 -17.65 -2.58 -34.51
N VAL B 459 -17.66 -3.41 -33.48
CA VAL B 459 -17.26 -4.84 -33.58
C VAL B 459 -18.31 -5.55 -34.44
N LEU B 460 -19.59 -5.27 -34.21
CA LEU B 460 -20.69 -5.82 -35.04
C LEU B 460 -20.38 -5.56 -36.52
N ASP B 461 -20.03 -4.32 -36.88
CA ASP B 461 -19.68 -3.94 -38.28
C ASP B 461 -18.56 -4.84 -38.80
N ALA B 462 -17.55 -5.14 -37.96
CA ALA B 462 -16.35 -5.90 -38.38
C ALA B 462 -16.77 -7.34 -38.72
N PHE B 463 -17.69 -7.90 -37.93
CA PHE B 463 -18.24 -9.27 -38.14
C PHE B 463 -19.03 -9.33 -39.45
N LYS B 464 -19.88 -8.34 -39.73
CA LYS B 464 -20.69 -8.29 -40.99
C LYS B 464 -19.72 -8.24 -42.17
N GLU B 465 -18.80 -7.28 -42.13
CA GLU B 465 -17.78 -7.03 -43.18
C GLU B 465 -16.97 -8.30 -43.45
N GLU B 466 -16.74 -9.15 -42.44
CA GLU B 466 -15.92 -10.40 -42.59
C GLU B 466 -16.80 -11.52 -43.17
N GLY B 467 -18.12 -11.30 -43.25
CA GLY B 467 -19.10 -12.23 -43.84
C GLY B 467 -19.49 -13.36 -42.89
N ILE B 468 -19.40 -13.14 -41.57
CA ILE B 468 -19.72 -14.19 -40.56
C ILE B 468 -21.24 -14.32 -40.43
N GLU B 469 -21.72 -15.54 -40.20
CA GLU B 469 -23.13 -15.81 -39.87
C GLU B 469 -23.27 -15.74 -38.35
N PHE B 470 -23.97 -14.73 -37.85
CA PHE B 470 -24.11 -14.48 -36.41
C PHE B 470 -25.47 -13.85 -36.13
N GLU B 471 -25.95 -14.07 -34.91
CA GLU B 471 -26.98 -13.24 -34.25
C GLU B 471 -26.32 -12.51 -33.06
N TYR B 472 -26.78 -11.28 -32.84
CA TYR B 472 -26.34 -10.39 -31.75
C TYR B 472 -27.44 -10.36 -30.68
N ALA B 473 -27.09 -10.60 -29.43
CA ALA B 473 -27.90 -10.29 -28.23
C ALA B 473 -27.05 -9.49 -27.26
N LYS B 474 -27.52 -8.30 -26.87
CA LYS B 474 -26.88 -7.44 -25.84
C LYS B 474 -27.33 -7.92 -24.46
N GLY B 475 -26.83 -9.06 -24.02
CA GLY B 475 -27.29 -9.75 -22.81
C GLY B 475 -27.49 -8.86 -21.58
N CYS B 476 -26.69 -7.81 -21.41
CA CYS B 476 -26.84 -6.83 -20.31
C CYS B 476 -26.18 -5.50 -20.67
N GLU B 477 -26.40 -4.49 -19.83
CA GLU B 477 -25.66 -3.21 -19.88
C GLU B 477 -24.32 -3.42 -19.17
N VAL B 478 -23.43 -2.45 -19.32
CA VAL B 478 -22.12 -2.43 -18.61
C VAL B 478 -22.35 -2.32 -17.09
N THR B 479 -23.28 -1.44 -16.67
CA THR B 479 -23.62 -1.16 -15.26
C THR B 479 -25.08 -1.53 -15.01
N GLY B 480 -25.48 -1.64 -13.75
CA GLY B 480 -26.85 -2.03 -13.35
C GLY B 480 -26.91 -3.51 -13.01
N GLU B 481 -28.08 -4.01 -12.62
CA GLU B 481 -28.28 -5.43 -12.22
C GLU B 481 -29.41 -6.05 -13.05
N ASP B 482 -29.85 -5.38 -14.11
CA ASP B 482 -30.97 -5.88 -14.97
C ASP B 482 -30.49 -7.12 -15.73
N ARG B 483 -31.12 -8.28 -15.48
CA ARG B 483 -30.85 -9.58 -16.14
C ARG B 483 -31.92 -9.90 -17.22
N SER B 484 -32.76 -8.93 -17.61
CA SER B 484 -33.83 -9.04 -18.64
C SER B 484 -33.31 -9.71 -19.91
N GLY B 485 -32.09 -9.35 -20.34
CA GLY B 485 -31.53 -9.71 -21.65
C GLY B 485 -30.88 -11.09 -21.65
N PHE B 486 -30.72 -11.70 -20.47
CA PHE B 486 -30.01 -13.00 -20.33
C PHE B 486 -30.68 -14.06 -21.20
N GLU B 487 -32.01 -14.15 -21.15
CA GLU B 487 -32.80 -15.24 -21.79
C GLU B 487 -32.54 -15.24 -23.30
N GLU B 488 -32.72 -14.09 -23.95
CA GLU B 488 -32.44 -13.90 -25.39
C GLU B 488 -31.01 -14.37 -25.72
N ALA B 489 -30.02 -13.98 -24.90
CA ALA B 489 -28.59 -14.29 -25.11
C ALA B 489 -28.38 -15.80 -25.00
N ILE B 490 -28.96 -16.42 -23.97
CA ILE B 490 -28.85 -17.89 -23.75
C ILE B 490 -29.48 -18.62 -24.94
N GLU B 491 -30.60 -18.14 -25.49
CA GLU B 491 -31.37 -18.87 -26.52
C GLU B 491 -30.58 -18.85 -27.85
N ILE B 492 -29.95 -17.72 -28.16
CA ILE B 492 -29.13 -17.55 -29.39
C ILE B 492 -27.87 -18.41 -29.27
N ALA B 493 -27.35 -18.61 -28.05
CA ALA B 493 -26.15 -19.44 -27.77
C ALA B 493 -26.46 -20.91 -28.07
N LYS B 494 -27.62 -21.39 -27.62
CA LYS B 494 -28.06 -22.80 -27.78
C LYS B 494 -28.22 -23.12 -29.28
N LYS B 495 -28.59 -22.14 -30.11
CA LYS B 495 -28.80 -22.32 -31.57
C LYS B 495 -27.51 -22.10 -32.35
N SER B 496 -26.37 -21.89 -31.69
CA SER B 496 -25.11 -21.49 -32.37
C SER B 496 -24.07 -22.58 -32.18
N ASP B 497 -22.94 -22.49 -32.89
CA ASP B 497 -21.75 -23.35 -32.73
C ASP B 497 -20.83 -22.78 -31.64
N VAL B 498 -20.73 -21.45 -31.58
CA VAL B 498 -19.79 -20.80 -30.63
C VAL B 498 -20.38 -19.48 -30.15
N ALA B 499 -20.30 -19.24 -28.85
CA ALA B 499 -20.65 -17.95 -28.21
C ALA B 499 -19.37 -17.10 -28.07
N ILE B 500 -19.41 -15.90 -28.61
CA ILE B 500 -18.36 -14.85 -28.42
C ILE B 500 -18.96 -13.80 -27.49
N VAL B 501 -18.53 -13.79 -26.22
CA VAL B 501 -19.10 -12.86 -25.19
C VAL B 501 -18.13 -11.68 -25.03
N VAL B 502 -18.56 -10.48 -25.41
CA VAL B 502 -17.74 -9.24 -25.44
C VAL B 502 -18.23 -8.32 -24.32
N VAL B 503 -17.44 -8.23 -23.26
CA VAL B 503 -17.79 -7.58 -21.97
C VAL B 503 -16.67 -6.61 -21.60
N GLY B 504 -16.91 -5.76 -20.60
CA GLY B 504 -15.88 -4.92 -19.99
C GLY B 504 -16.39 -3.53 -19.67
N ASP B 505 -15.64 -2.51 -20.06
CA ASP B 505 -15.74 -1.18 -19.44
C ASP B 505 -16.48 -0.21 -20.36
N LYS B 506 -17.03 0.84 -19.75
CA LYS B 506 -17.21 2.15 -20.40
C LYS B 506 -16.22 3.13 -19.74
N SER B 507 -15.26 3.65 -20.50
CA SER B 507 -14.18 4.53 -19.99
C SER B 507 -14.56 6.01 -20.12
N GLY B 508 -14.29 6.77 -19.06
CA GLY B 508 -14.47 8.23 -19.06
C GLY B 508 -14.43 8.79 -17.65
N LEU B 509 -14.95 10.00 -17.48
CA LEU B 509 -14.76 10.86 -16.30
C LEU B 509 -16.05 11.01 -15.50
N THR B 510 -17.18 10.45 -15.96
CA THR B 510 -18.52 10.64 -15.34
C THR B 510 -18.97 9.38 -14.56
N LEU B 511 -20.06 9.49 -13.79
CA LEU B 511 -20.49 8.46 -12.81
C LEU B 511 -20.86 7.16 -13.53
N ASP B 512 -21.41 7.26 -14.75
CA ASP B 512 -21.84 6.09 -15.56
C ASP B 512 -20.64 5.31 -16.13
N CYS B 513 -19.40 5.82 -16.02
CA CYS B 513 -18.17 5.12 -16.50
C CYS B 513 -17.63 4.22 -15.39
N THR B 514 -17.02 3.10 -15.78
CA THR B 514 -16.53 2.03 -14.87
C THR B 514 -15.00 2.11 -14.72
N THR B 515 -14.33 2.76 -15.66
CA THR B 515 -12.87 3.01 -15.63
C THR B 515 -12.61 4.42 -16.21
N GLY B 516 -11.35 4.85 -16.15
CA GLY B 516 -10.93 6.21 -16.50
C GLY B 516 -10.69 7.05 -15.25
N GLU B 517 -10.12 8.23 -15.48
CA GLU B 517 -9.84 9.24 -14.43
C GLU B 517 -11.09 9.45 -13.59
N SER B 518 -10.97 9.19 -12.27
CA SER B 518 -11.98 9.44 -11.23
C SER B 518 -12.89 8.21 -11.04
N ARG B 519 -12.66 7.13 -11.81
CA ARG B 519 -13.50 5.88 -11.79
C ARG B 519 -12.65 4.72 -11.31
N ASP B 520 -12.51 4.63 -9.99
CA ASP B 520 -11.68 3.63 -9.30
C ASP B 520 -12.62 2.52 -8.84
N MET B 521 -12.16 1.27 -8.97
CA MET B 521 -12.96 0.04 -8.80
C MET B 521 -12.31 -0.77 -7.68
N ALA B 522 -12.90 -0.79 -6.48
CA ALA B 522 -12.31 -1.46 -5.30
C ALA B 522 -12.18 -2.97 -5.52
N ASN B 523 -13.20 -3.65 -6.04
CA ASN B 523 -13.27 -5.14 -5.92
C ASN B 523 -12.95 -5.84 -7.25
N LEU B 524 -12.69 -5.11 -8.34
CA LEU B 524 -12.14 -5.70 -9.61
C LEU B 524 -13.07 -6.77 -10.19
N LYS B 525 -14.37 -6.68 -9.93
CA LYS B 525 -15.37 -7.55 -10.60
C LYS B 525 -15.74 -6.88 -11.92
N LEU B 526 -15.93 -7.63 -12.99
CA LEU B 526 -16.46 -7.09 -14.26
C LEU B 526 -17.69 -6.24 -13.92
N PRO B 527 -17.87 -5.06 -14.53
CA PRO B 527 -18.99 -4.20 -14.17
C PRO B 527 -20.39 -4.84 -14.32
N GLY B 528 -21.34 -4.37 -13.52
CA GLY B 528 -22.75 -4.82 -13.54
C GLY B 528 -22.87 -6.32 -13.37
N VAL B 529 -23.67 -6.97 -14.21
CA VAL B 529 -23.89 -8.46 -14.13
C VAL B 529 -23.18 -9.15 -15.30
N GLN B 530 -22.09 -8.55 -15.78
CA GLN B 530 -21.37 -9.06 -16.97
C GLN B 530 -20.79 -10.43 -16.62
N GLU B 531 -20.31 -10.59 -15.39
CA GLU B 531 -19.72 -11.87 -14.96
C GLU B 531 -20.81 -12.95 -15.00
N GLU B 532 -22.00 -12.64 -14.48
CA GLU B 532 -23.14 -13.58 -14.44
C GLU B 532 -23.57 -13.91 -15.88
N LEU B 533 -23.54 -12.93 -16.79
CA LEU B 533 -23.89 -13.15 -18.21
C LEU B 533 -22.96 -14.24 -18.78
N VAL B 534 -21.65 -14.11 -18.53
CA VAL B 534 -20.61 -15.06 -19.04
C VAL B 534 -20.93 -16.44 -18.49
N LEU B 535 -21.16 -16.56 -17.19
CA LEU B 535 -21.35 -17.89 -16.54
C LEU B 535 -22.65 -18.52 -17.05
N GLU B 536 -23.68 -17.73 -17.30
CA GLU B 536 -24.98 -18.22 -17.82
C GLU B 536 -24.75 -18.78 -19.23
N VAL B 537 -24.05 -18.05 -20.08
CA VAL B 537 -23.76 -18.50 -21.48
C VAL B 537 -22.93 -19.79 -21.41
N ALA B 538 -21.99 -19.89 -20.46
CA ALA B 538 -21.11 -21.08 -20.33
C ALA B 538 -21.94 -22.31 -19.95
N LYS B 539 -23.00 -22.12 -19.16
CA LYS B 539 -23.88 -23.21 -18.66
C LYS B 539 -24.59 -23.92 -19.83
N THR B 540 -24.75 -23.27 -20.99
CA THR B 540 -25.33 -23.89 -22.20
C THR B 540 -24.42 -25.02 -22.71
N GLY B 541 -23.17 -25.10 -22.24
CA GLY B 541 -22.22 -26.15 -22.65
C GLY B 541 -21.66 -25.89 -24.03
N LYS B 542 -22.02 -24.77 -24.68
CA LYS B 542 -21.43 -24.32 -25.98
C LYS B 542 -20.01 -23.81 -25.75
N PRO B 543 -19.12 -23.88 -26.76
CA PRO B 543 -17.80 -23.26 -26.64
C PRO B 543 -17.91 -21.73 -26.53
N VAL B 544 -17.13 -21.15 -25.61
CA VAL B 544 -17.18 -19.69 -25.33
C VAL B 544 -15.80 -19.07 -25.54
N VAL B 545 -15.76 -18.05 -26.37
CA VAL B 545 -14.64 -17.08 -26.51
C VAL B 545 -15.02 -15.81 -25.74
N LEU B 546 -14.25 -15.50 -24.69
CA LEU B 546 -14.45 -14.31 -23.84
C LEU B 546 -13.53 -13.20 -24.36
N VAL B 547 -14.11 -12.06 -24.75
CA VAL B 547 -13.37 -10.87 -25.26
C VAL B 547 -13.57 -9.77 -24.21
N LEU B 548 -12.51 -9.42 -23.49
CA LEU B 548 -12.48 -8.30 -22.51
C LEU B 548 -12.07 -7.02 -23.24
N ILE B 549 -12.99 -6.08 -23.38
CA ILE B 549 -12.70 -4.69 -23.86
C ILE B 549 -12.73 -3.79 -22.61
N THR B 550 -11.57 -3.58 -22.03
CA THR B 550 -11.40 -3.04 -20.66
C THR B 550 -10.21 -2.08 -20.62
N GLY B 551 -10.21 -1.23 -19.59
CA GLY B 551 -9.14 -0.26 -19.27
C GLY B 551 -8.26 -0.76 -18.13
N ARG B 552 -8.64 -1.85 -17.46
CA ARG B 552 -7.88 -2.41 -16.31
C ARG B 552 -7.98 -3.92 -16.30
N PRO B 553 -7.03 -4.59 -15.64
CA PRO B 553 -7.21 -5.99 -15.25
C PRO B 553 -8.50 -6.10 -14.41
N TYR B 554 -9.30 -7.13 -14.70
CA TYR B 554 -10.41 -7.59 -13.84
C TYR B 554 -10.03 -8.95 -13.26
N SER B 555 -10.62 -9.29 -12.11
CA SER B 555 -10.59 -10.64 -11.49
C SER B 555 -11.35 -11.60 -12.41
N LEU B 556 -10.66 -12.56 -13.03
CA LEU B 556 -11.26 -13.55 -13.95
C LEU B 556 -11.38 -14.89 -13.23
N LYS B 557 -11.09 -14.91 -11.93
CA LYS B 557 -11.04 -16.11 -11.07
C LYS B 557 -12.26 -17.02 -11.32
N ASN B 558 -13.46 -16.43 -11.42
CA ASN B 558 -14.73 -17.18 -11.47
C ASN B 558 -15.13 -17.53 -12.91
N VAL B 559 -14.44 -17.04 -13.94
CA VAL B 559 -14.84 -17.31 -15.35
C VAL B 559 -13.71 -18.06 -16.08
N VAL B 560 -12.45 -17.96 -15.62
CA VAL B 560 -11.29 -18.41 -16.44
C VAL B 560 -11.46 -19.90 -16.80
N ASP B 561 -11.90 -20.72 -15.85
CA ASP B 561 -11.96 -22.20 -15.98
C ASP B 561 -13.26 -22.63 -16.66
N LYS B 562 -14.17 -21.70 -16.95
CA LYS B 562 -15.50 -21.98 -17.55
C LYS B 562 -15.56 -21.57 -19.04
N VAL B 563 -14.49 -21.00 -19.59
CA VAL B 563 -14.49 -20.50 -21.01
C VAL B 563 -13.32 -21.16 -21.73
N ASN B 564 -13.35 -21.19 -23.06
CA ASN B 564 -12.38 -21.98 -23.88
C ASN B 564 -11.18 -21.10 -24.25
N ALA B 565 -11.45 -19.84 -24.56
CA ALA B 565 -10.41 -18.84 -24.92
C ALA B 565 -10.75 -17.49 -24.27
N ILE B 566 -9.71 -16.69 -24.01
CA ILE B 566 -9.87 -15.29 -23.49
C ILE B 566 -8.92 -14.40 -24.28
N LEU B 567 -9.47 -13.35 -24.89
CA LEU B 567 -8.72 -12.23 -25.50
C LEU B 567 -8.84 -11.01 -24.59
N GLN B 568 -7.69 -10.42 -24.22
CA GLN B 568 -7.66 -9.11 -23.55
C GLN B 568 -7.51 -8.05 -24.65
N VAL B 569 -8.51 -7.19 -24.77
CA VAL B 569 -8.53 -6.08 -25.76
C VAL B 569 -8.58 -4.76 -24.98
N TRP B 570 -7.41 -4.24 -24.64
CA TRP B 570 -7.26 -2.91 -24.00
C TRP B 570 -7.93 -1.89 -24.92
N LEU B 571 -8.78 -1.04 -24.35
CA LEU B 571 -9.56 0.01 -25.06
C LEU B 571 -8.85 0.37 -26.36
N PRO B 572 -9.33 -0.15 -27.52
CA PRO B 572 -8.55 -0.09 -28.75
C PRO B 572 -8.79 1.08 -29.69
N GLY B 573 -9.74 1.96 -29.38
CA GLY B 573 -10.08 3.08 -30.29
C GLY B 573 -10.66 2.59 -31.62
N GLU B 574 -10.51 3.37 -32.68
CA GLU B 574 -11.34 3.23 -33.91
C GLU B 574 -10.96 1.96 -34.69
N ALA B 575 -9.78 1.39 -34.49
CA ALA B 575 -9.32 0.17 -35.20
C ALA B 575 -9.78 -1.12 -34.49
N GLY B 576 -10.50 -1.00 -33.38
CA GLY B 576 -10.73 -2.12 -32.44
C GLY B 576 -11.47 -3.29 -33.08
N GLY B 577 -12.59 -3.01 -33.77
CA GLY B 577 -13.45 -4.04 -34.38
C GLY B 577 -12.67 -4.96 -35.31
N ARG B 578 -12.03 -4.36 -36.31
CA ARG B 578 -11.30 -5.08 -37.37
C ARG B 578 -10.22 -5.96 -36.72
N ALA B 579 -9.46 -5.42 -35.75
CA ALA B 579 -8.33 -6.13 -35.10
C ALA B 579 -8.87 -7.36 -34.35
N ILE B 580 -9.98 -7.19 -33.62
CA ILE B 580 -10.58 -8.31 -32.84
C ILE B 580 -10.98 -9.44 -33.83
N VAL B 581 -11.64 -9.08 -34.94
CA VAL B 581 -12.18 -10.07 -35.91
C VAL B 581 -10.99 -10.73 -36.61
N ASP B 582 -10.00 -9.94 -37.04
CA ASP B 582 -8.74 -10.45 -37.67
C ASP B 582 -8.12 -11.54 -36.79
N ILE B 583 -8.08 -11.32 -35.48
CA ILE B 583 -7.40 -12.22 -34.51
C ILE B 583 -8.27 -13.45 -34.26
N ILE B 584 -9.57 -13.26 -34.08
CA ILE B 584 -10.51 -14.39 -33.79
C ILE B 584 -10.42 -15.40 -34.95
N TYR B 585 -10.27 -14.95 -36.20
CA TYR B 585 -10.30 -15.85 -37.39
C TYR B 585 -8.88 -16.14 -37.88
N GLY B 586 -7.85 -15.67 -37.18
CA GLY B 586 -6.45 -16.08 -37.47
C GLY B 586 -5.88 -15.41 -38.70
N LYS B 587 -6.54 -14.37 -39.23
CA LYS B 587 -5.97 -13.49 -40.27
C LYS B 587 -4.77 -12.77 -39.66
N VAL B 588 -4.82 -12.53 -38.34
CA VAL B 588 -3.65 -12.02 -37.57
C VAL B 588 -3.38 -13.00 -36.44
N ASN B 589 -2.11 -13.36 -36.25
CA ASN B 589 -1.64 -14.19 -35.13
C ASN B 589 -1.44 -13.28 -33.92
N PRO B 590 -2.17 -13.47 -32.79
CA PRO B 590 -1.99 -12.63 -31.61
C PRO B 590 -0.55 -12.69 -31.08
N SER B 591 -0.01 -11.55 -30.65
CA SER B 591 1.40 -11.38 -30.23
C SER B 591 1.57 -10.39 -29.07
N GLY B 592 0.48 -9.79 -28.56
CA GLY B 592 0.53 -8.93 -27.38
C GLY B 592 0.96 -9.70 -26.14
N LYS B 593 1.66 -9.03 -25.22
CA LYS B 593 2.04 -9.59 -23.89
C LYS B 593 1.59 -8.61 -22.79
N LEU B 594 1.13 -9.15 -21.67
CA LEU B 594 0.71 -8.32 -20.52
C LEU B 594 1.85 -7.40 -20.09
N PRO B 595 1.59 -6.07 -20.03
CA PRO B 595 2.49 -5.11 -19.40
C PRO B 595 2.16 -4.88 -17.91
N ILE B 596 1.18 -5.61 -17.39
CA ILE B 596 0.76 -5.53 -15.95
C ILE B 596 0.17 -6.88 -15.55
N SER B 597 0.47 -7.34 -14.33
CA SER B 597 -0.05 -8.58 -13.69
C SER B 597 -1.59 -8.53 -13.59
N PHE B 598 -2.27 -9.66 -13.81
CA PHE B 598 -3.74 -9.79 -13.61
C PHE B 598 -3.96 -10.46 -12.28
N PRO B 599 -4.39 -9.71 -11.24
CA PRO B 599 -4.67 -10.30 -9.95
C PRO B 599 -5.81 -11.34 -10.03
N ARG B 600 -5.73 -12.37 -9.20
CA ARG B 600 -6.84 -13.32 -8.95
C ARG B 600 -8.01 -12.60 -8.29
N SER B 601 -7.72 -11.58 -7.47
CA SER B 601 -8.71 -10.83 -6.67
C SER B 601 -8.07 -9.52 -6.21
N ALA B 602 -8.91 -8.55 -5.83
CA ALA B 602 -8.53 -7.24 -5.26
C ALA B 602 -7.66 -7.45 -4.01
N GLY B 603 -7.99 -8.45 -3.18
CA GLY B 603 -7.34 -8.69 -1.89
C GLY B 603 -5.89 -9.10 -2.05
N GLN B 604 -5.50 -9.46 -3.27
CA GLN B 604 -4.12 -9.90 -3.64
C GLN B 604 -3.24 -8.68 -3.91
N ILE B 605 -3.83 -7.49 -4.08
CA ILE B 605 -3.08 -6.29 -4.56
C ILE B 605 -2.08 -5.85 -3.50
N PRO B 606 -0.81 -5.53 -3.86
CA PRO B 606 -0.31 -5.61 -5.22
C PRO B 606 0.37 -6.94 -5.59
N VAL B 607 0.30 -7.32 -6.86
CA VAL B 607 1.08 -8.43 -7.48
C VAL B 607 1.87 -7.82 -8.65
N PHE B 608 3.17 -8.05 -8.66
CA PHE B 608 4.08 -7.57 -9.72
C PHE B 608 5.24 -8.57 -9.81
N HIS B 609 5.93 -8.60 -10.94
CA HIS B 609 6.88 -9.70 -11.23
C HIS B 609 8.19 -9.51 -10.47
N TYR B 610 8.53 -8.28 -10.10
CA TYR B 610 9.88 -7.89 -9.61
C TYR B 610 9.86 -7.75 -8.08
N VAL B 611 9.07 -8.58 -7.40
CA VAL B 611 9.08 -8.71 -5.92
C VAL B 611 10.48 -9.12 -5.47
N LYS B 612 10.80 -8.70 -4.25
CA LYS B 612 11.99 -9.09 -3.46
C LYS B 612 11.81 -10.54 -3.06
N PRO B 613 12.85 -11.23 -2.56
CA PRO B 613 12.71 -12.62 -2.12
C PRO B 613 11.54 -12.78 -1.14
N SER B 614 11.25 -11.75 -0.34
CA SER B 614 10.18 -11.78 0.69
C SER B 614 8.84 -11.29 0.13
N GLY B 615 8.83 -10.71 -1.07
CA GLY B 615 7.58 -10.28 -1.74
C GLY B 615 6.91 -11.42 -2.49
N GLY B 616 5.63 -11.22 -2.85
CA GLY B 616 4.86 -12.15 -3.71
C GLY B 616 4.60 -13.49 -3.03
N ARG B 617 4.71 -13.56 -1.70
CA ARG B 617 4.43 -14.76 -0.89
C ARG B 617 4.18 -14.34 0.56
N SER B 618 3.42 -15.15 1.29
CA SER B 618 3.21 -15.06 2.76
C SER B 618 4.08 -16.13 3.42
N HIS B 619 4.91 -15.76 4.39
CA HIS B 619 5.85 -16.73 5.01
C HIS B 619 5.29 -17.37 6.28
N TRP B 620 5.00 -18.66 6.14
CA TRP B 620 5.91 -19.77 5.77
C TRP B 620 5.06 -20.80 5.00
N HIS B 621 3.76 -20.53 4.75
CA HIS B 621 2.83 -21.43 3.99
C HIS B 621 2.77 -21.02 2.52
N GLY B 622 3.34 -19.86 2.15
CA GLY B 622 3.47 -19.37 0.77
C GLY B 622 2.23 -18.60 0.33
N ASP B 623 1.06 -19.23 0.48
CA ASP B 623 -0.22 -18.68 -0.01
C ASP B 623 -0.97 -17.99 1.12
N TYR B 624 -1.95 -17.16 0.77
CA TYR B 624 -3.00 -16.69 1.71
C TYR B 624 -3.84 -17.91 2.10
N VAL B 625 -4.60 -17.81 3.17
CA VAL B 625 -5.56 -18.88 3.60
C VAL B 625 -6.54 -19.17 2.44
N ASP B 626 -6.99 -18.14 1.73
CA ASP B 626 -8.15 -18.19 0.82
C ASP B 626 -7.74 -18.02 -0.65
N GLU B 627 -6.45 -17.96 -0.97
CA GLU B 627 -6.02 -17.41 -2.28
C GLU B 627 -4.53 -17.69 -2.52
N SER B 628 -4.16 -17.93 -3.77
CA SER B 628 -2.74 -17.98 -4.19
C SER B 628 -2.16 -16.57 -4.02
N THR B 629 -0.87 -16.44 -3.73
CA THR B 629 -0.16 -15.13 -3.81
C THR B 629 0.30 -14.83 -5.25
N LYS B 630 0.10 -15.74 -6.20
CA LYS B 630 0.55 -15.58 -7.60
C LYS B 630 -0.56 -14.91 -8.40
N PRO B 631 -0.25 -13.99 -9.35
CA PRO B 631 -1.30 -13.38 -10.16
C PRO B 631 -1.97 -14.48 -10.99
N LEU B 632 -3.19 -14.24 -11.47
CA LEU B 632 -3.87 -15.20 -12.38
C LEU B 632 -3.08 -15.29 -13.68
N PHE B 633 -2.74 -14.16 -14.28
CA PHE B 633 -1.84 -14.08 -15.45
C PHE B 633 -0.65 -13.20 -15.08
N PRO B 634 0.60 -13.70 -15.28
CA PRO B 634 1.78 -12.92 -14.94
C PRO B 634 2.19 -11.86 -15.98
N PHE B 635 3.04 -10.92 -15.53
CA PHE B 635 3.70 -9.92 -16.40
C PHE B 635 4.36 -10.64 -17.58
N GLY B 636 4.15 -10.14 -18.78
CA GLY B 636 4.78 -10.68 -20.00
C GLY B 636 4.00 -11.82 -20.61
N HIS B 637 2.84 -12.16 -20.06
CA HIS B 637 2.01 -13.30 -20.53
C HIS B 637 1.32 -12.92 -21.82
N GLY B 638 1.39 -13.80 -22.82
CA GLY B 638 0.61 -13.71 -24.06
C GLY B 638 0.90 -14.92 -24.92
N LEU B 639 -0.16 -15.64 -25.32
CA LEU B 639 -0.05 -16.85 -26.16
C LEU B 639 -0.11 -16.45 -27.64
N SER B 640 0.19 -17.42 -28.48
CA SER B 640 0.25 -17.30 -29.96
C SER B 640 -0.59 -18.45 -30.54
N TYR B 641 -0.93 -18.37 -31.82
CA TYR B 641 -1.51 -19.52 -32.58
C TYR B 641 -0.36 -20.40 -33.10
N THR B 642 0.90 -20.05 -32.82
CA THR B 642 2.08 -20.91 -33.09
C THR B 642 2.82 -21.13 -31.77
N LYS B 643 3.92 -21.88 -31.81
CA LYS B 643 4.78 -22.25 -30.67
C LYS B 643 6.20 -21.77 -31.01
N PHE B 644 6.93 -21.25 -30.03
CA PHE B 644 8.32 -20.75 -30.18
C PHE B 644 9.22 -21.61 -29.31
N GLU B 645 10.35 -22.06 -29.87
CA GLU B 645 11.35 -22.88 -29.13
C GLU B 645 12.62 -22.05 -28.98
N TYR B 646 13.07 -21.86 -27.74
CA TYR B 646 14.29 -21.10 -27.38
C TYR B 646 15.45 -22.07 -27.19
N SER B 647 16.62 -21.81 -27.76
CA SER B 647 17.80 -22.68 -27.51
C SER B 647 19.08 -21.84 -27.45
N ASN B 648 20.18 -22.47 -27.04
CA ASN B 648 21.54 -21.97 -27.32
C ASN B 648 21.76 -20.61 -26.64
N LEU B 649 21.53 -20.54 -25.34
CA LEU B 649 21.80 -19.35 -24.49
C LEU B 649 23.30 -19.15 -24.45
N ARG B 650 23.79 -17.98 -24.89
CA ARG B 650 25.21 -17.56 -24.73
C ARG B 650 25.25 -16.26 -23.92
N ILE B 651 26.17 -16.22 -22.95
CA ILE B 651 26.47 -15.04 -22.09
C ILE B 651 27.98 -14.83 -22.12
N GLU B 652 28.45 -13.78 -22.79
CA GLU B 652 29.90 -13.52 -22.98
C GLU B 652 30.18 -12.05 -22.70
N PRO B 653 31.21 -11.71 -21.90
CA PRO B 653 31.99 -12.69 -21.15
C PRO B 653 31.28 -13.13 -19.86
N LYS B 654 31.85 -14.11 -19.17
CA LYS B 654 31.23 -14.72 -17.96
C LYS B 654 31.64 -13.89 -16.74
N GLU B 655 32.73 -13.13 -16.86
CA GLU B 655 33.22 -12.20 -15.81
C GLU B 655 33.39 -10.82 -16.44
N VAL B 656 32.84 -9.80 -15.80
CA VAL B 656 32.83 -8.41 -16.34
C VAL B 656 33.14 -7.49 -15.17
N PRO B 657 33.87 -6.39 -15.37
CA PRO B 657 34.09 -5.43 -14.29
C PRO B 657 32.85 -4.55 -14.21
N PRO B 658 32.74 -3.72 -13.16
CA PRO B 658 31.49 -3.07 -12.81
C PRO B 658 30.98 -1.99 -13.76
N ALA B 659 31.74 -1.64 -14.79
CA ALA B 659 31.28 -0.74 -15.87
C ALA B 659 31.46 -1.45 -17.21
N GLY B 660 31.50 -2.78 -17.19
CA GLY B 660 31.70 -3.59 -18.40
C GLY B 660 30.39 -3.85 -19.13
N GLU B 661 30.42 -4.77 -20.08
CA GLU B 661 29.24 -5.10 -20.93
C GLU B 661 29.16 -6.62 -21.07
N VAL B 662 27.96 -7.19 -21.00
CA VAL B 662 27.76 -8.62 -21.34
C VAL B 662 26.83 -8.69 -22.57
N VAL B 663 27.11 -9.64 -23.45
CA VAL B 663 26.30 -9.92 -24.67
C VAL B 663 25.59 -11.25 -24.44
N ILE B 664 24.27 -11.20 -24.41
CA ILE B 664 23.38 -12.36 -24.18
C ILE B 664 22.67 -12.66 -25.50
N LYS B 665 22.85 -13.89 -25.98
CA LYS B 665 22.25 -14.37 -27.25
C LYS B 665 21.40 -15.60 -26.97
N VAL B 666 20.22 -15.66 -27.60
CA VAL B 666 19.31 -16.85 -27.63
C VAL B 666 18.86 -17.06 -29.08
N ASP B 667 18.75 -18.31 -29.49
CA ASP B 667 18.07 -18.68 -30.76
C ASP B 667 16.62 -18.98 -30.45
N VAL B 668 15.73 -18.49 -31.30
CA VAL B 668 14.26 -18.66 -31.18
C VAL B 668 13.78 -19.16 -32.55
N GLU B 669 13.10 -20.31 -32.53
CA GLU B 669 12.54 -21.00 -33.72
C GLU B 669 11.01 -21.05 -33.59
N ASN B 670 10.31 -20.61 -34.65
CA ASN B 670 8.86 -20.86 -34.83
C ASN B 670 8.71 -22.32 -35.29
N ILE B 671 8.38 -23.23 -34.36
CA ILE B 671 8.27 -24.69 -34.61
C ILE B 671 6.82 -25.04 -35.01
N GLY B 672 5.88 -24.10 -34.96
CA GLY B 672 4.46 -24.36 -35.31
C GLY B 672 4.18 -24.17 -36.80
N ASP B 673 2.92 -23.94 -37.15
CA ASP B 673 2.35 -23.97 -38.53
C ASP B 673 2.05 -22.56 -39.05
N ARG B 674 2.05 -21.53 -38.20
CA ARG B 674 1.69 -20.14 -38.59
C ARG B 674 2.86 -19.20 -38.35
N ASP B 675 3.08 -18.25 -39.27
CA ASP B 675 3.87 -17.03 -39.03
C ASP B 675 3.38 -16.34 -37.75
N GLY B 676 4.28 -15.75 -36.98
CA GLY B 676 3.92 -15.04 -35.73
C GLY B 676 5.08 -14.27 -35.15
N ASP B 677 4.76 -13.23 -34.36
CA ASP B 677 5.73 -12.41 -33.61
C ASP B 677 5.83 -13.01 -32.20
N GLU B 678 7.05 -13.22 -31.73
CA GLU B 678 7.34 -13.56 -30.32
C GLU B 678 7.92 -12.30 -29.68
N VAL B 679 7.53 -11.99 -28.45
CA VAL B 679 8.25 -10.96 -27.64
C VAL B 679 9.18 -11.69 -26.68
N VAL B 680 10.47 -11.73 -27.00
CA VAL B 680 11.54 -12.35 -26.18
C VAL B 680 11.86 -11.36 -25.04
N GLN B 681 11.86 -11.86 -23.82
CA GLN B 681 11.97 -11.06 -22.59
C GLN B 681 13.20 -11.48 -21.81
N LEU B 682 14.02 -10.48 -21.44
CA LEU B 682 15.22 -10.66 -20.59
C LEU B 682 14.88 -10.21 -19.16
N TYR B 683 14.98 -11.12 -18.21
CA TYR B 683 14.87 -10.85 -16.76
C TYR B 683 16.27 -11.02 -16.15
N ILE B 684 16.58 -10.13 -15.21
CA ILE B 684 17.85 -10.15 -14.44
C ILE B 684 17.50 -10.30 -12.97
N GLY B 685 18.20 -11.21 -12.30
CA GLY B 685 18.10 -11.44 -10.85
C GLY B 685 19.41 -11.16 -10.16
N ARG B 686 19.35 -10.73 -8.93
CA ARG B 686 20.52 -10.43 -8.09
C ARG B 686 20.20 -10.88 -6.67
N GLU B 687 21.10 -11.66 -6.09
CA GLU B 687 21.14 -12.01 -4.66
C GLU B 687 22.49 -11.55 -4.09
N PHE B 688 22.60 -11.43 -2.77
CA PHE B 688 23.86 -11.08 -2.05
C PHE B 688 24.40 -9.75 -2.54
N ALA B 689 23.50 -8.79 -2.77
CA ALA B 689 23.80 -7.35 -2.76
C ALA B 689 23.74 -6.90 -1.30
N SER B 690 24.16 -5.67 -1.05
CA SER B 690 24.16 -5.06 0.29
C SER B 690 22.70 -4.68 0.66
N VAL B 691 21.80 -4.65 -0.33
CA VAL B 691 20.33 -4.47 -0.13
C VAL B 691 19.62 -5.64 -0.81
N THR B 692 18.35 -5.90 -0.45
CA THR B 692 17.51 -6.91 -1.14
C THR B 692 17.23 -6.45 -2.57
N ARG B 693 17.21 -7.38 -3.51
CA ARG B 693 17.02 -7.12 -4.95
C ARG B 693 15.89 -8.01 -5.45
N PRO B 694 15.17 -7.58 -6.51
CA PRO B 694 14.16 -8.43 -7.15
C PRO B 694 14.76 -9.79 -7.55
N VAL B 695 14.03 -10.88 -7.30
CA VAL B 695 14.39 -12.25 -7.78
C VAL B 695 14.53 -12.17 -9.30
N LYS B 696 13.66 -11.39 -9.95
CA LYS B 696 13.73 -11.20 -11.40
C LYS B 696 13.08 -9.87 -11.72
N GLU B 697 13.63 -9.15 -12.69
CA GLU B 697 13.12 -7.85 -13.17
C GLU B 697 13.45 -7.74 -14.65
N LEU B 698 12.48 -7.28 -15.44
CA LEU B 698 12.65 -7.05 -16.89
C LEU B 698 13.75 -5.99 -17.08
N LYS B 699 14.77 -6.35 -17.87
CA LYS B 699 15.89 -5.42 -18.24
C LYS B 699 16.12 -5.41 -19.75
N GLY B 700 15.27 -6.07 -20.52
CA GLY B 700 15.42 -6.12 -21.99
C GLY B 700 14.31 -6.87 -22.64
N PHE B 701 14.00 -6.56 -23.90
CA PHE B 701 12.98 -7.30 -24.67
C PHE B 701 13.15 -7.01 -26.15
N LYS B 702 12.62 -7.89 -26.99
CA LYS B 702 12.68 -7.76 -28.45
C LYS B 702 11.49 -8.49 -29.08
N ARG B 703 10.64 -7.75 -29.80
CA ARG B 703 9.60 -8.29 -30.68
C ARG B 703 10.32 -8.81 -31.92
N VAL B 704 10.26 -10.11 -32.19
CA VAL B 704 10.91 -10.77 -33.35
C VAL B 704 9.84 -11.49 -34.20
N SER B 705 9.79 -11.21 -35.51
CA SER B 705 8.91 -11.87 -36.49
C SER B 705 9.58 -13.15 -36.97
N LEU B 706 8.86 -14.27 -36.89
CA LEU B 706 9.33 -15.61 -37.32
C LEU B 706 8.27 -16.25 -38.21
N LYS B 707 8.64 -16.53 -39.47
CA LYS B 707 7.83 -17.41 -40.35
C LYS B 707 7.82 -18.82 -39.75
N ALA B 708 6.82 -19.63 -40.10
CA ALA B 708 6.80 -21.05 -39.65
C ALA B 708 8.16 -21.66 -40.02
N LYS B 709 8.81 -22.31 -39.05
CA LYS B 709 10.10 -23.05 -39.18
C LYS B 709 11.29 -22.08 -39.32
N GLU B 710 11.08 -20.77 -39.22
CA GLU B 710 12.20 -19.80 -39.26
C GLU B 710 12.82 -19.72 -37.86
N LYS B 711 14.14 -19.65 -37.81
CA LYS B 711 14.92 -19.51 -36.57
C LYS B 711 15.77 -18.26 -36.70
N LYS B 712 15.85 -17.47 -35.64
CA LYS B 712 16.69 -16.25 -35.55
C LYS B 712 17.37 -16.21 -34.19
N THR B 713 18.44 -15.42 -34.09
CA THR B 713 19.19 -15.13 -32.85
C THR B 713 18.76 -13.74 -32.36
N VAL B 714 18.36 -13.65 -31.11
CA VAL B 714 18.08 -12.37 -30.44
C VAL B 714 19.29 -12.03 -29.57
N VAL B 715 19.77 -10.79 -29.65
CA VAL B 715 21.02 -10.32 -28.99
C VAL B 715 20.63 -9.18 -28.05
N PHE B 716 21.04 -9.31 -26.78
CA PHE B 716 20.90 -8.27 -25.74
C PHE B 716 22.31 -7.81 -25.36
N ARG B 717 22.62 -6.55 -25.65
CA ARG B 717 23.90 -5.92 -25.22
C ARG B 717 23.59 -5.16 -23.92
N LEU B 718 24.02 -5.74 -22.80
CA LEU B 718 23.68 -5.31 -21.43
C LEU B 718 24.90 -4.67 -20.76
N HIS B 719 24.92 -3.33 -20.74
CA HIS B 719 25.92 -2.53 -19.98
C HIS B 719 25.57 -2.60 -18.49
N MET B 720 26.57 -2.72 -17.62
CA MET B 720 26.36 -2.84 -16.15
C MET B 720 25.67 -1.58 -15.61
N ASP B 721 25.84 -0.42 -16.27
CA ASP B 721 25.08 0.80 -15.92
C ASP B 721 23.57 0.47 -15.75
N VAL B 722 23.03 -0.38 -16.62
CA VAL B 722 21.58 -0.69 -16.71
C VAL B 722 21.10 -1.37 -15.41
N LEU B 723 21.99 -2.08 -14.70
CA LEU B 723 21.67 -2.93 -13.52
C LEU B 723 21.90 -2.16 -12.23
N ALA B 724 22.28 -0.88 -12.29
CA ALA B 724 22.60 -0.11 -11.06
C ALA B 724 21.36 -0.04 -10.14
N TYR B 725 21.59 -0.08 -8.83
CA TYR B 725 20.53 0.07 -7.79
C TYR B 725 21.08 0.92 -6.64
N TYR B 726 20.19 1.41 -5.79
CA TYR B 726 20.53 2.24 -4.60
C TYR B 726 20.89 1.34 -3.41
N ASN B 727 22.01 1.65 -2.75
CA ASN B 727 22.56 0.86 -1.62
C ASN B 727 22.03 1.43 -0.31
N ARG B 728 22.59 1.00 0.82
CA ARG B 728 22.12 1.40 2.16
C ARG B 728 22.28 2.90 2.40
N ASP B 729 23.25 3.53 1.74
CA ASP B 729 23.56 4.99 1.88
C ASP B 729 22.94 5.78 0.74
N MET B 730 22.09 5.15 -0.07
CA MET B 730 21.36 5.84 -1.16
C MET B 730 22.33 6.24 -2.27
N LYS B 731 23.41 5.50 -2.45
CA LYS B 731 24.28 5.65 -3.63
C LYS B 731 23.84 4.65 -4.72
N LEU B 732 23.85 5.11 -5.95
CA LEU B 732 23.67 4.29 -7.15
C LEU B 732 24.94 3.45 -7.34
N VAL B 733 24.83 2.13 -7.27
CA VAL B 733 26.03 1.23 -7.32
C VAL B 733 25.81 0.04 -8.25
N VAL B 734 26.94 -0.51 -8.70
CA VAL B 734 27.12 -1.92 -9.14
C VAL B 734 28.11 -2.56 -8.17
N GLU B 735 27.72 -3.66 -7.54
CA GLU B 735 28.53 -4.41 -6.55
C GLU B 735 29.01 -5.70 -7.19
N PRO B 736 30.23 -6.16 -6.86
CA PRO B 736 30.72 -7.43 -7.39
C PRO B 736 29.74 -8.51 -6.94
N GLY B 737 29.66 -9.59 -7.72
CA GLY B 737 28.80 -10.75 -7.42
C GLY B 737 28.19 -11.28 -8.69
N GLU B 738 27.17 -12.10 -8.54
CA GLU B 738 26.51 -12.89 -9.60
C GLU B 738 25.21 -12.20 -10.01
N PHE B 739 25.01 -12.03 -11.31
CA PHE B 739 23.70 -11.66 -11.89
C PHE B 739 23.11 -12.85 -12.64
N LYS B 740 21.87 -13.18 -12.34
CA LYS B 740 21.13 -14.29 -13.00
C LYS B 740 20.47 -13.75 -14.28
N VAL B 741 20.66 -14.46 -15.38
CA VAL B 741 20.04 -14.17 -16.70
C VAL B 741 18.89 -15.17 -16.91
N MET B 742 17.69 -14.66 -17.16
CA MET B 742 16.47 -15.47 -17.44
C MET B 742 15.83 -14.89 -18.70
N VAL B 743 15.80 -15.68 -19.75
CA VAL B 743 15.19 -15.31 -21.06
C VAL B 743 13.96 -16.20 -21.28
N GLY B 744 12.83 -15.59 -21.64
CA GLY B 744 11.60 -16.37 -21.82
C GLY B 744 10.50 -15.62 -22.52
N SER B 745 9.34 -16.26 -22.59
CA SER B 745 8.14 -15.81 -23.34
C SER B 745 7.19 -15.08 -22.38
N SER B 746 7.44 -15.17 -21.08
CA SER B 746 6.78 -14.34 -20.03
C SER B 746 7.66 -14.34 -18.78
N SER B 747 7.26 -13.63 -17.74
CA SER B 747 8.04 -13.53 -16.48
C SER B 747 8.00 -14.89 -15.74
N GLU B 748 7.06 -15.77 -16.08
CA GLU B 748 6.96 -17.15 -15.51
C GLU B 748 7.43 -18.18 -16.52
N ASP B 749 7.15 -17.93 -17.80
CA ASP B 749 7.52 -18.85 -18.90
C ASP B 749 8.96 -18.56 -19.32
N ILE B 750 9.89 -18.73 -18.37
CA ILE B 750 11.36 -18.65 -18.54
C ILE B 750 11.80 -19.93 -19.27
N ARG B 751 12.53 -19.79 -20.38
CA ARG B 751 12.97 -20.92 -21.25
C ARG B 751 14.43 -21.28 -20.94
N LEU B 752 15.32 -20.30 -20.76
CA LEU B 752 16.76 -20.52 -20.58
C LEU B 752 17.25 -19.63 -19.45
N THR B 753 18.08 -20.16 -18.55
CA THR B 753 18.75 -19.40 -17.48
C THR B 753 20.26 -19.66 -17.51
N GLY B 754 21.00 -18.70 -17.00
CA GLY B 754 22.43 -18.75 -16.68
C GLY B 754 22.81 -17.56 -15.84
N SER B 755 24.09 -17.31 -15.70
CA SER B 755 24.58 -16.17 -14.89
C SER B 755 25.94 -15.72 -15.39
N PHE B 756 26.33 -14.54 -14.94
CA PHE B 756 27.67 -13.95 -15.16
C PHE B 756 28.02 -13.25 -13.84
N SER B 757 29.30 -12.96 -13.65
CA SER B 757 29.82 -12.33 -12.41
C SER B 757 30.37 -10.95 -12.75
N VAL B 758 30.06 -9.99 -11.91
CA VAL B 758 30.79 -8.70 -11.84
C VAL B 758 31.95 -8.91 -10.87
N VAL B 759 33.17 -8.66 -11.32
CA VAL B 759 34.41 -8.80 -10.52
C VAL B 759 35.08 -7.42 -10.43
N GLY B 760 35.52 -7.06 -9.22
CA GLY B 760 36.26 -5.81 -8.94
C GLY B 760 35.69 -5.12 -7.74
N GLU B 761 36.09 -3.86 -7.52
CA GLU B 761 35.62 -3.08 -6.34
C GLU B 761 34.23 -2.53 -6.67
N LYS B 762 33.36 -2.47 -5.65
CA LYS B 762 32.05 -1.78 -5.73
C LYS B 762 32.29 -0.50 -6.54
N ARG B 763 31.39 -0.19 -7.45
CA ARG B 763 31.43 1.04 -8.25
C ARG B 763 30.27 1.95 -7.85
N GLU B 764 30.55 3.22 -7.54
CA GLU B 764 29.48 4.24 -7.53
C GLU B 764 29.26 4.70 -8.97
N VAL B 765 28.04 4.54 -9.49
CA VAL B 765 27.64 4.99 -10.85
C VAL B 765 27.37 6.49 -10.76
N VAL B 766 28.27 7.33 -11.27
CA VAL B 766 28.12 8.80 -11.17
C VAL B 766 27.85 9.36 -12.56
N GLY B 767 27.11 10.47 -12.61
CA GLY B 767 26.83 11.23 -13.85
C GLY B 767 26.04 10.41 -14.84
N MET B 768 26.17 10.71 -16.13
CA MET B 768 25.37 10.03 -17.17
C MET B 768 25.76 8.55 -17.18
N ARG B 769 24.77 7.68 -17.39
CA ARG B 769 24.93 6.21 -17.45
C ARG B 769 23.94 5.68 -18.48
N LYS B 770 24.17 4.47 -19.00
CA LYS B 770 23.19 3.79 -19.89
C LYS B 770 21.96 3.40 -19.07
N PHE B 771 20.75 3.60 -19.59
CA PHE B 771 19.48 3.14 -18.97
C PHE B 771 18.97 1.84 -19.59
N PHE B 772 19.32 1.56 -20.86
CA PHE B 772 18.64 0.50 -21.64
C PHE B 772 19.65 -0.55 -22.14
N THR B 773 19.20 -1.80 -22.14
CA THR B 773 19.76 -2.91 -22.93
C THR B 773 19.57 -2.56 -24.41
N GLU B 774 20.54 -2.91 -25.25
CA GLU B 774 20.40 -2.77 -26.71
C GLU B 774 20.00 -4.15 -27.23
N ALA B 775 18.89 -4.19 -27.94
CA ALA B 775 18.20 -5.43 -28.36
C ALA B 775 18.19 -5.46 -29.88
N CYS B 776 18.67 -6.53 -30.50
CA CYS B 776 18.55 -6.66 -31.97
C CYS B 776 18.48 -8.14 -32.36
N GLU B 777 18.36 -8.40 -33.66
CA GLU B 777 18.27 -9.74 -34.27
C GLU B 777 19.49 -9.94 -35.15
N GLU B 778 19.91 -11.19 -35.35
CA GLU B 778 20.91 -11.58 -36.37
C GLU B 778 20.61 -13.03 -36.80
N ALA B 779 21.28 -13.47 -37.86
CA ALA B 779 21.12 -14.81 -38.45
C ALA B 779 21.61 -15.84 -37.43
N ALA B 780 20.89 -16.95 -37.26
CA ALA B 780 21.27 -18.05 -36.32
C ALA B 780 22.30 -18.97 -36.99
O1 XYP C . 7.89 -16.49 15.22
C1 XYP C . 8.34 -15.50 16.12
C2 XYP C . 7.35 -14.29 16.35
C3 XYP C . 7.61 -13.52 17.63
C4 XYP C . 7.81 -14.47 18.79
C5 XYP C . 8.89 -15.47 18.45
O2 XYP C . 7.35 -13.33 15.29
O3 XYP C . 6.50 -12.66 17.89
O4 XYP C . 8.18 -13.73 19.97
O5 XYP C . 8.50 -16.27 17.33
H1 XYP C . 9.21 -15.16 15.82
H2 XYP C . 6.44 -14.68 16.40
H3 XYP C . 8.43 -12.98 17.52
H4 XYP C . 6.96 -14.96 18.97
H51 XYP C . 9.72 -14.99 18.25
H52 XYP C . 9.05 -16.05 19.22
HO3 XYP C . 6.53 -12.03 17.34
C1 MPD D . 16.21 3.59 9.04
C2 MPD D . 15.46 3.22 7.76
O2 MPD D . 14.33 2.46 8.21
CM MPD D . 16.34 2.37 6.85
C3 MPD D . 14.94 4.45 7.01
C4 MPD D . 13.73 5.12 7.62
O4 MPD D . 14.02 5.40 8.98
C5 MPD D . 13.30 6.39 6.96
H11 MPD D . 16.62 4.46 8.94
H12 MPD D . 16.88 2.92 9.22
H13 MPD D . 15.57 3.61 9.78
HM1 MPD D . 16.49 2.85 6.01
HM2 MPD D . 15.90 1.53 6.67
HM3 MPD D . 17.19 2.21 7.28
H31 MPD D . 14.70 4.18 6.10
H32 MPD D . 15.66 5.11 6.94
H4 MPD D . 12.97 4.48 7.60
HO4 MPD D . 14.65 5.94 9.05
H51 MPD D . 13.25 7.11 7.62
H52 MPD D . 12.42 6.28 6.55
H53 MPD D . 13.95 6.64 6.27
O1 XYP E . -7.37 16.28 -14.78
C1 XYP E . -6.10 16.58 -15.26
C2 XYP E . -5.29 15.28 -15.56
C3 XYP E . -4.17 15.45 -16.58
C4 XYP E . -4.55 16.35 -17.75
C5 XYP E . -5.14 17.63 -17.23
O2 XYP E . -4.71 14.73 -14.37
O3 XYP E . -3.90 14.14 -17.07
O4 XYP E . -3.42 16.62 -18.58
O5 XYP E . -6.34 17.34 -16.47
H1 XYP E . -5.63 17.14 -14.60
H2 XYP E . -5.94 14.64 -15.92
H3 XYP E . -3.36 15.81 -16.14
H4 XYP E . -5.24 15.88 -18.30
H51 XYP E . -4.50 18.09 -16.67
H52 XYP E . -5.38 18.21 -17.98
HO3 XYP E . -3.09 14.00 -17.03
C1 MPD F . 9.32 13.09 -2.53
C2 MPD F . 10.36 13.76 -1.64
O2 MPD F . 9.64 14.71 -0.83
CM MPD F . 11.39 14.48 -2.49
C3 MPD F . 11.00 12.75 -0.68
C4 MPD F . 11.44 11.47 -1.36
O4 MPD F . 12.44 11.81 -2.33
C5 MPD F . 11.97 10.43 -0.44
H11 MPD F . 8.80 12.45 -2.00
H12 MPD F . 9.76 12.62 -3.25
H13 MPD F . 8.73 13.76 -2.89
HM1 MPD F . 12.25 14.47 -2.04
HM2 MPD F . 11.10 15.41 -2.62
HM3 MPD F . 11.47 14.04 -3.35
H31 MPD F . 10.36 12.54 0.02
H32 MPD F . 11.79 13.17 -0.26
H4 MPD F . 10.67 11.09 -1.84
HO4 MPD F . 13.11 12.16 -1.94
H51 MPD F . 12.86 10.16 -0.71
H52 MPD F . 11.38 9.64 -0.47
H53 MPD F . 12.00 10.76 0.47
#